data_8K75
# 
_entry.id   8K75 
# 
_audit_conform.dict_name       mmcif_pdbx.dic 
_audit_conform.dict_version    5.397 
_audit_conform.dict_location   http://mmcif.pdb.org/dictionaries/ascii/mmcif_pdbx.dic 
# 
loop_
_database_2.database_id 
_database_2.database_code 
_database_2.pdbx_database_accession 
_database_2.pdbx_DOI 
PDB   8K75         pdb_00008k75 10.2210/pdb8k75/pdb 
WWPDB D_1300039590 ?            ?                   
# 
loop_
_pdbx_audit_revision_history.ordinal 
_pdbx_audit_revision_history.data_content_type 
_pdbx_audit_revision_history.major_revision 
_pdbx_audit_revision_history.minor_revision 
_pdbx_audit_revision_history.revision_date 
1 'Structure model' 1 0 2024-07-31 
2 'Structure model' 1 1 2024-10-30 
# 
_pdbx_audit_revision_details.ordinal             1 
_pdbx_audit_revision_details.revision_ordinal    1 
_pdbx_audit_revision_details.data_content_type   'Structure model' 
_pdbx_audit_revision_details.provider            repository 
_pdbx_audit_revision_details.type                'Initial release' 
_pdbx_audit_revision_details.description         ? 
_pdbx_audit_revision_details.details             ? 
# 
loop_
_pdbx_audit_revision_group.ordinal 
_pdbx_audit_revision_group.revision_ordinal 
_pdbx_audit_revision_group.data_content_type 
_pdbx_audit_revision_group.group 
1 2 'Structure model' 'Database references' 
2 2 'Structure model' 'Structure summary'   
# 
loop_
_pdbx_audit_revision_category.ordinal 
_pdbx_audit_revision_category.revision_ordinal 
_pdbx_audit_revision_category.data_content_type 
_pdbx_audit_revision_category.category 
1 2 'Structure model' citation           
2 2 'Structure model' citation_author    
3 2 'Structure model' pdbx_entry_details 
# 
loop_
_pdbx_audit_revision_item.ordinal 
_pdbx_audit_revision_item.revision_ordinal 
_pdbx_audit_revision_item.data_content_type 
_pdbx_audit_revision_item.item 
1  2 'Structure model' '_citation.country'                 
2  2 'Structure model' '_citation.journal_abbrev'          
3  2 'Structure model' '_citation.journal_id_ASTM'         
4  2 'Structure model' '_citation.journal_id_CSD'          
5  2 'Structure model' '_citation.journal_id_ISSN'         
6  2 'Structure model' '_citation.journal_volume'          
7  2 'Structure model' '_citation.page_first'              
8  2 'Structure model' '_citation.page_last'               
9  2 'Structure model' '_citation.pdbx_database_id_DOI'    
10 2 'Structure model' '_citation.pdbx_database_id_PubMed' 
11 2 'Structure model' '_citation.title'                   
12 2 'Structure model' '_citation.year'                    
# 
_pdbx_database_status.status_code                     REL 
_pdbx_database_status.status_code_sf                  REL 
_pdbx_database_status.status_code_mr                  ? 
_pdbx_database_status.entry_id                        8K75 
_pdbx_database_status.recvd_initial_deposition_date   2023-07-26 
_pdbx_database_status.SG_entry                        N 
_pdbx_database_status.deposit_site                    PDBJ 
_pdbx_database_status.process_site                    PDBC 
_pdbx_database_status.status_code_cs                  ? 
_pdbx_database_status.status_code_nmr_data            ? 
_pdbx_database_status.methods_development_category    ? 
_pdbx_database_status.pdb_format_compatible           Y 
# 
_pdbx_contact_author.id                 2 
_pdbx_contact_author.email              zjt17686439917@163.com 
_pdbx_contact_author.name_first         Jintao 
_pdbx_contact_author.name_last          Zhang 
_pdbx_contact_author.name_mi            ? 
_pdbx_contact_author.role               'principal investigator/group leader' 
_pdbx_contact_author.identifier_ORCID   0009-0006-7649-1709 
# 
loop_
_audit_author.name 
_audit_author.pdbx_ordinal 
_audit_author.identifier_ORCID 
'Zhang, J.T.' 1 0009-0006-7649-1709 
'Liang, R.'   2 0000-0003-2259-0112 
'Shi, Y.J.'   3 0000-0002-9500-6995 
'Peng, G.Q.'  4 0000-0002-7093-4728 
# 
_citation.abstract                  ? 
_citation.abstract_id_CAS           ? 
_citation.book_id_ISBN              ? 
_citation.book_publisher            ? 
_citation.book_publisher_city       ? 
_citation.book_title                ? 
_citation.coordinate_linkage        ? 
_citation.country                   UK 
_citation.database_id_Medline       ? 
_citation.details                   ? 
_citation.id                        primary 
_citation.journal_abbrev            Int.J.Biol.Macromol. 
_citation.journal_id_ASTM           IJBMDR 
_citation.journal_id_CSD            0708 
_citation.journal_id_ISSN           0141-8130 
_citation.journal_full              ? 
_citation.journal_issue             ? 
_citation.journal_volume            279 
_citation.language                  ? 
_citation.page_first                135352 
_citation.page_last                 135352 
_citation.title                     
'Identification of novel broad-spectrum antiviral drugs targeting the N-terminal domain of the FIPV nucleocapsid protein.' 
_citation.year                      2024 
_citation.database_id_CSD           ? 
_citation.pdbx_database_id_DOI      10.1016/j.ijbiomac.2024.135352 
_citation.pdbx_database_id_PubMed   39242012 
_citation.pdbx_database_id_patent   ? 
_citation.unpublished_flag          ? 
# 
loop_
_citation_author.citation_id 
_citation_author.name 
_citation_author.ordinal 
_citation_author.identifier_ORCID 
primary 'Zhang, J.' 1  ? 
primary 'Fan, X.'   2  ? 
primary 'Wang, P.'  3  ? 
primary 'Liang, R.' 4  ? 
primary 'Wang, D.'  5  ? 
primary 'Xu, J.'    6  ? 
primary 'Zhang, D.' 7  ? 
primary 'Xie, Y.'   8  ? 
primary 'Liao, Q.'  9  ? 
primary 'Jiao, Z.'  10 ? 
primary 'Shi, Y.'   11 ? 
primary 'Peng, G.'  12 ? 
# 
loop_
_entity.id 
_entity.type 
_entity.src_method 
_entity.pdbx_description 
_entity.formula_weight 
_entity.pdbx_number_of_molecules 
_entity.pdbx_ec 
_entity.pdbx_mutation 
_entity.pdbx_fragment 
_entity.details 
1 polymer man Nucleoprotein 16618.926 1   ? ? ? ? 
2 water   nat water         18.015    190 ? ? ? ? 
# 
_entity_name_com.entity_id   1 
_entity_name_com.name        'Nucleocapsid protein,NC,Protein N' 
# 
_entity_poly.entity_id                      1 
_entity_poly.type                           'polypeptide(L)' 
_entity_poly.nstd_linkage                   no 
_entity_poly.nstd_monomer                   no 
_entity_poly.pdbx_seq_one_letter_code       
;MSRGRKNNDIPLSFYNPITLEQGSKFWNLCPRDLVPKGIGNKDQQIGYWNRQIRYRIVKGQRKELAERWFFYFLGTGPHA
DAKFKDKIDGVFWVARDGAMNKPITLGTRGTNNESKPLRFDGKIPPQFQLELEHHHHHHHH
;
_entity_poly.pdbx_seq_one_letter_code_can   
;MSRGRKNNDIPLSFYNPITLEQGSKFWNLCPRDLVPKGIGNKDQQIGYWNRQIRYRIVKGQRKELAERWFFYFLGTGPHA
DAKFKDKIDGVFWVARDGAMNKPITLGTRGTNNESKPLRFDGKIPPQFQLELEHHHHHHHH
;
_entity_poly.pdbx_strand_id                 A 
_entity_poly.pdbx_target_identifier         ? 
# 
_pdbx_entity_nonpoly.entity_id   2 
_pdbx_entity_nonpoly.name        water 
_pdbx_entity_nonpoly.comp_id     HOH 
# 
loop_
_entity_poly_seq.entity_id 
_entity_poly_seq.num 
_entity_poly_seq.mon_id 
_entity_poly_seq.hetero 
1 1   MET n 
1 2   SER n 
1 3   ARG n 
1 4   GLY n 
1 5   ARG n 
1 6   LYS n 
1 7   ASN n 
1 8   ASN n 
1 9   ASP n 
1 10  ILE n 
1 11  PRO n 
1 12  LEU n 
1 13  SER n 
1 14  PHE n 
1 15  TYR n 
1 16  ASN n 
1 17  PRO n 
1 18  ILE n 
1 19  THR n 
1 20  LEU n 
1 21  GLU n 
1 22  GLN n 
1 23  GLY n 
1 24  SER n 
1 25  LYS n 
1 26  PHE n 
1 27  TRP n 
1 28  ASN n 
1 29  LEU n 
1 30  CYS n 
1 31  PRO n 
1 32  ARG n 
1 33  ASP n 
1 34  LEU n 
1 35  VAL n 
1 36  PRO n 
1 37  LYS n 
1 38  GLY n 
1 39  ILE n 
1 40  GLY n 
1 41  ASN n 
1 42  LYS n 
1 43  ASP n 
1 44  GLN n 
1 45  GLN n 
1 46  ILE n 
1 47  GLY n 
1 48  TYR n 
1 49  TRP n 
1 50  ASN n 
1 51  ARG n 
1 52  GLN n 
1 53  ILE n 
1 54  ARG n 
1 55  TYR n 
1 56  ARG n 
1 57  ILE n 
1 58  VAL n 
1 59  LYS n 
1 60  GLY n 
1 61  GLN n 
1 62  ARG n 
1 63  LYS n 
1 64  GLU n 
1 65  LEU n 
1 66  ALA n 
1 67  GLU n 
1 68  ARG n 
1 69  TRP n 
1 70  PHE n 
1 71  PHE n 
1 72  TYR n 
1 73  PHE n 
1 74  LEU n 
1 75  GLY n 
1 76  THR n 
1 77  GLY n 
1 78  PRO n 
1 79  HIS n 
1 80  ALA n 
1 81  ASP n 
1 82  ALA n 
1 83  LYS n 
1 84  PHE n 
1 85  LYS n 
1 86  ASP n 
1 87  LYS n 
1 88  ILE n 
1 89  ASP n 
1 90  GLY n 
1 91  VAL n 
1 92  PHE n 
1 93  TRP n 
1 94  VAL n 
1 95  ALA n 
1 96  ARG n 
1 97  ASP n 
1 98  GLY n 
1 99  ALA n 
1 100 MET n 
1 101 ASN n 
1 102 LYS n 
1 103 PRO n 
1 104 ILE n 
1 105 THR n 
1 106 LEU n 
1 107 GLY n 
1 108 THR n 
1 109 ARG n 
1 110 GLY n 
1 111 THR n 
1 112 ASN n 
1 113 ASN n 
1 114 GLU n 
1 115 SER n 
1 116 LYS n 
1 117 PRO n 
1 118 LEU n 
1 119 ARG n 
1 120 PHE n 
1 121 ASP n 
1 122 GLY n 
1 123 LYS n 
1 124 ILE n 
1 125 PRO n 
1 126 PRO n 
1 127 GLN n 
1 128 PHE n 
1 129 GLN n 
1 130 LEU n 
1 131 GLU n 
1 132 LEU n 
1 133 GLU n 
1 134 HIS n 
1 135 HIS n 
1 136 HIS n 
1 137 HIS n 
1 138 HIS n 
1 139 HIS n 
1 140 HIS n 
1 141 HIS n 
# 
_entity_src_gen.entity_id                          1 
_entity_src_gen.pdbx_src_id                        1 
_entity_src_gen.pdbx_alt_source_flag               sample 
_entity_src_gen.pdbx_seq_type                      'Biological sequence' 
_entity_src_gen.pdbx_beg_seq_num                   1 
_entity_src_gen.pdbx_end_seq_num                   141 
_entity_src_gen.gene_src_common_name               FCoV 
_entity_src_gen.gene_src_genus                     ? 
_entity_src_gen.pdbx_gene_src_gene                 'N, 6' 
_entity_src_gen.gene_src_species                   ? 
_entity_src_gen.gene_src_strain                    ? 
_entity_src_gen.gene_src_tissue                    ? 
_entity_src_gen.gene_src_tissue_fraction           ? 
_entity_src_gen.gene_src_details                   ? 
_entity_src_gen.pdbx_gene_src_fragment             ? 
_entity_src_gen.pdbx_gene_src_scientific_name      'Feline coronavirus (strain FIPV WSU-79/1146)' 
_entity_src_gen.pdbx_gene_src_ncbi_taxonomy_id     33734 
_entity_src_gen.pdbx_gene_src_variant              ? 
_entity_src_gen.pdbx_gene_src_cell_line            ? 
_entity_src_gen.pdbx_gene_src_atcc                 ? 
_entity_src_gen.pdbx_gene_src_organ                ? 
_entity_src_gen.pdbx_gene_src_organelle            ? 
_entity_src_gen.pdbx_gene_src_cell                 ? 
_entity_src_gen.pdbx_gene_src_cellular_location    ? 
_entity_src_gen.host_org_common_name               ? 
_entity_src_gen.pdbx_host_org_scientific_name      'Escherichia coli' 
_entity_src_gen.pdbx_host_org_ncbi_taxonomy_id     562 
_entity_src_gen.host_org_genus                     ? 
_entity_src_gen.pdbx_host_org_gene                 ? 
_entity_src_gen.pdbx_host_org_organ                ? 
_entity_src_gen.host_org_species                   ? 
_entity_src_gen.pdbx_host_org_tissue               ? 
_entity_src_gen.pdbx_host_org_tissue_fraction      ? 
_entity_src_gen.pdbx_host_org_strain               ? 
_entity_src_gen.pdbx_host_org_variant              ? 
_entity_src_gen.pdbx_host_org_cell_line            ? 
_entity_src_gen.pdbx_host_org_atcc                 ? 
_entity_src_gen.pdbx_host_org_culture_collection   ? 
_entity_src_gen.pdbx_host_org_cell                 ? 
_entity_src_gen.pdbx_host_org_organelle            ? 
_entity_src_gen.pdbx_host_org_cellular_location    ? 
_entity_src_gen.pdbx_host_org_vector_type          ? 
_entity_src_gen.pdbx_host_org_vector               ? 
_entity_src_gen.host_org_details                   ? 
_entity_src_gen.expression_system_id               ? 
_entity_src_gen.plasmid_name                       ? 
_entity_src_gen.plasmid_details                    ? 
_entity_src_gen.pdbx_description                   ? 
# 
loop_
_chem_comp.id 
_chem_comp.type 
_chem_comp.mon_nstd_flag 
_chem_comp.name 
_chem_comp.pdbx_synonyms 
_chem_comp.formula 
_chem_comp.formula_weight 
ALA 'L-peptide linking' y ALANINE         ? 'C3 H7 N O2'     89.093  
ARG 'L-peptide linking' y ARGININE        ? 'C6 H15 N4 O2 1' 175.209 
ASN 'L-peptide linking' y ASPARAGINE      ? 'C4 H8 N2 O3'    132.118 
ASP 'L-peptide linking' y 'ASPARTIC ACID' ? 'C4 H7 N O4'     133.103 
CYS 'L-peptide linking' y CYSTEINE        ? 'C3 H7 N O2 S'   121.158 
GLN 'L-peptide linking' y GLUTAMINE       ? 'C5 H10 N2 O3'   146.144 
GLU 'L-peptide linking' y 'GLUTAMIC ACID' ? 'C5 H9 N O4'     147.129 
GLY 'peptide linking'   y GLYCINE         ? 'C2 H5 N O2'     75.067  
HIS 'L-peptide linking' y HISTIDINE       ? 'C6 H10 N3 O2 1' 156.162 
HOH non-polymer         . WATER           ? 'H2 O'           18.015  
ILE 'L-peptide linking' y ISOLEUCINE      ? 'C6 H13 N O2'    131.173 
LEU 'L-peptide linking' y LEUCINE         ? 'C6 H13 N O2'    131.173 
LYS 'L-peptide linking' y LYSINE          ? 'C6 H15 N2 O2 1' 147.195 
MET 'L-peptide linking' y METHIONINE      ? 'C5 H11 N O2 S'  149.211 
PHE 'L-peptide linking' y PHENYLALANINE   ? 'C9 H11 N O2'    165.189 
PRO 'L-peptide linking' y PROLINE         ? 'C5 H9 N O2'     115.130 
SER 'L-peptide linking' y SERINE          ? 'C3 H7 N O3'     105.093 
THR 'L-peptide linking' y THREONINE       ? 'C4 H9 N O3'     119.119 
TRP 'L-peptide linking' y TRYPTOPHAN      ? 'C11 H12 N2 O2'  204.225 
TYR 'L-peptide linking' y TYROSINE        ? 'C9 H11 N O3'    181.189 
VAL 'L-peptide linking' y VALINE          ? 'C5 H11 N O2'    117.146 
# 
loop_
_pdbx_poly_seq_scheme.asym_id 
_pdbx_poly_seq_scheme.entity_id 
_pdbx_poly_seq_scheme.seq_id 
_pdbx_poly_seq_scheme.mon_id 
_pdbx_poly_seq_scheme.ndb_seq_num 
_pdbx_poly_seq_scheme.pdb_seq_num 
_pdbx_poly_seq_scheme.auth_seq_num 
_pdbx_poly_seq_scheme.pdb_mon_id 
_pdbx_poly_seq_scheme.auth_mon_id 
_pdbx_poly_seq_scheme.pdb_strand_id 
_pdbx_poly_seq_scheme.pdb_ins_code 
_pdbx_poly_seq_scheme.hetero 
A 1 1   MET 1   0   ?   ?   ?   A . n 
A 1 2   SER 2   1   ?   ?   ?   A . n 
A 1 3   ARG 3   2   ?   ?   ?   A . n 
A 1 4   GLY 4   3   ?   ?   ?   A . n 
A 1 5   ARG 5   4   ?   ?   ?   A . n 
A 1 6   LYS 6   5   ?   ?   ?   A . n 
A 1 7   ASN 7   6   ?   ?   ?   A . n 
A 1 8   ASN 8   7   ?   ?   ?   A . n 
A 1 9   ASP 9   8   ?   ?   ?   A . n 
A 1 10  ILE 10  9   9   ILE ILE A . n 
A 1 11  PRO 11  10  10  PRO PRO A . n 
A 1 12  LEU 12  11  11  LEU LEU A . n 
A 1 13  SER 13  12  12  SER SER A . n 
A 1 14  PHE 14  13  13  PHE PHE A . n 
A 1 15  TYR 15  14  14  TYR TYR A . n 
A 1 16  ASN 16  15  15  ASN ASN A . n 
A 1 17  PRO 17  16  16  PRO PRO A . n 
A 1 18  ILE 18  17  17  ILE ILE A . n 
A 1 19  THR 19  18  18  THR THR A . n 
A 1 20  LEU 20  19  19  LEU LEU A . n 
A 1 21  GLU 21  20  20  GLU GLU A . n 
A 1 22  GLN 22  21  21  GLN GLN A . n 
A 1 23  GLY 23  22  22  GLY GLY A . n 
A 1 24  SER 24  23  23  SER SER A . n 
A 1 25  LYS 25  24  24  LYS LYS A . n 
A 1 26  PHE 26  25  25  PHE PHE A . n 
A 1 27  TRP 27  26  26  TRP TRP A . n 
A 1 28  ASN 28  27  27  ASN ASN A . n 
A 1 29  LEU 29  28  28  LEU LEU A . n 
A 1 30  CYS 30  29  29  CYS CYS A . n 
A 1 31  PRO 31  30  30  PRO PRO A . n 
A 1 32  ARG 32  31  31  ARG ARG A . n 
A 1 33  ASP 33  32  32  ASP ASP A . n 
A 1 34  LEU 34  33  33  LEU LEU A . n 
A 1 35  VAL 35  34  34  VAL VAL A . n 
A 1 36  PRO 36  35  35  PRO PRO A . n 
A 1 37  LYS 37  36  36  LYS LYS A . n 
A 1 38  GLY 38  37  37  GLY GLY A . n 
A 1 39  ILE 39  38  38  ILE ILE A . n 
A 1 40  GLY 40  39  39  GLY GLY A . n 
A 1 41  ASN 41  40  40  ASN ASN A . n 
A 1 42  LYS 42  41  41  LYS LYS A . n 
A 1 43  ASP 43  42  42  ASP ASP A . n 
A 1 44  GLN 44  43  43  GLN GLN A . n 
A 1 45  GLN 45  44  44  GLN GLN A . n 
A 1 46  ILE 46  45  45  ILE ILE A . n 
A 1 47  GLY 47  46  46  GLY GLY A . n 
A 1 48  TYR 48  47  47  TYR TYR A . n 
A 1 49  TRP 49  48  48  TRP TRP A . n 
A 1 50  ASN 50  49  49  ASN ASN A . n 
A 1 51  ARG 51  50  50  ARG ARG A . n 
A 1 52  GLN 52  51  51  GLN GLN A . n 
A 1 53  ILE 53  52  52  ILE ILE A . n 
A 1 54  ARG 54  53  53  ARG ARG A . n 
A 1 55  TYR 55  54  54  TYR TYR A . n 
A 1 56  ARG 56  55  55  ARG ARG A . n 
A 1 57  ILE 57  56  56  ILE ILE A . n 
A 1 58  VAL 58  57  57  VAL VAL A . n 
A 1 59  LYS 59  58  58  LYS LYS A . n 
A 1 60  GLY 60  59  59  GLY GLY A . n 
A 1 61  GLN 61  60  60  GLN GLN A . n 
A 1 62  ARG 62  61  61  ARG ARG A . n 
A 1 63  LYS 63  62  62  LYS LYS A . n 
A 1 64  GLU 64  63  63  GLU GLU A . n 
A 1 65  LEU 65  64  64  LEU LEU A . n 
A 1 66  ALA 66  65  65  ALA ALA A . n 
A 1 67  GLU 67  66  66  GLU GLU A . n 
A 1 68  ARG 68  67  67  ARG ARG A . n 
A 1 69  TRP 69  68  68  TRP TRP A . n 
A 1 70  PHE 70  69  69  PHE PHE A . n 
A 1 71  PHE 71  70  70  PHE PHE A . n 
A 1 72  TYR 72  71  71  TYR TYR A . n 
A 1 73  PHE 73  72  72  PHE PHE A . n 
A 1 74  LEU 74  73  73  LEU LEU A . n 
A 1 75  GLY 75  74  74  GLY GLY A . n 
A 1 76  THR 76  75  75  THR THR A . n 
A 1 77  GLY 77  76  76  GLY GLY A . n 
A 1 78  PRO 78  77  77  PRO PRO A . n 
A 1 79  HIS 79  78  78  HIS HIS A . n 
A 1 80  ALA 80  79  79  ALA ALA A . n 
A 1 81  ASP 81  80  80  ASP ASP A . n 
A 1 82  ALA 82  81  81  ALA ALA A . n 
A 1 83  LYS 83  82  82  LYS LYS A . n 
A 1 84  PHE 84  83  83  PHE PHE A . n 
A 1 85  LYS 85  84  84  LYS LYS A . n 
A 1 86  ASP 86  85  85  ASP ASP A . n 
A 1 87  LYS 87  86  86  LYS LYS A . n 
A 1 88  ILE 88  87  87  ILE ILE A . n 
A 1 89  ASP 89  88  88  ASP ASP A . n 
A 1 90  GLY 90  89  89  GLY GLY A . n 
A 1 91  VAL 91  90  90  VAL VAL A . n 
A 1 92  PHE 92  91  91  PHE PHE A . n 
A 1 93  TRP 93  92  92  TRP TRP A . n 
A 1 94  VAL 94  93  93  VAL VAL A . n 
A 1 95  ALA 95  94  94  ALA ALA A . n 
A 1 96  ARG 96  95  95  ARG ARG A . n 
A 1 97  ASP 97  96  96  ASP ASP A . n 
A 1 98  GLY 98  97  97  GLY GLY A . n 
A 1 99  ALA 99  98  98  ALA ALA A . n 
A 1 100 MET 100 99  99  MET MET A . n 
A 1 101 ASN 101 100 100 ASN ASN A . n 
A 1 102 LYS 102 101 101 LYS LYS A . n 
A 1 103 PRO 103 102 102 PRO PRO A . n 
A 1 104 ILE 104 103 103 ILE ILE A . n 
A 1 105 THR 105 104 104 THR THR A . n 
A 1 106 LEU 106 105 105 LEU LEU A . n 
A 1 107 GLY 107 106 106 GLY GLY A . n 
A 1 108 THR 108 107 107 THR THR A . n 
A 1 109 ARG 109 108 108 ARG ARG A . n 
A 1 110 GLY 110 109 109 GLY GLY A . n 
A 1 111 THR 111 110 110 THR THR A . n 
A 1 112 ASN 112 111 111 ASN ASN A . n 
A 1 113 ASN 113 112 112 ASN ASN A . n 
A 1 114 GLU 114 113 113 GLU GLU A . n 
A 1 115 SER 115 114 114 SER SER A . n 
A 1 116 LYS 116 115 115 LYS LYS A . n 
A 1 117 PRO 117 116 116 PRO PRO A . n 
A 1 118 LEU 118 117 117 LEU LEU A . n 
A 1 119 ARG 119 118 118 ARG ARG A . n 
A 1 120 PHE 120 119 119 PHE PHE A . n 
A 1 121 ASP 121 120 120 ASP ASP A . n 
A 1 122 GLY 122 121 121 GLY GLY A . n 
A 1 123 LYS 123 122 122 LYS LYS A . n 
A 1 124 ILE 124 123 123 ILE ILE A . n 
A 1 125 PRO 125 124 124 PRO PRO A . n 
A 1 126 PRO 126 125 125 PRO PRO A . n 
A 1 127 GLN 127 126 126 GLN GLN A . n 
A 1 128 PHE 128 127 127 PHE PHE A . n 
A 1 129 GLN 129 128 128 GLN GLN A . n 
A 1 130 LEU 130 129 129 LEU LEU A . n 
A 1 131 GLU 131 130 130 GLU GLU A . n 
A 1 132 LEU 132 131 131 LEU LEU A . n 
A 1 133 GLU 133 132 132 GLU GLU A . n 
A 1 134 HIS 134 133 ?   ?   ?   A . n 
A 1 135 HIS 135 134 ?   ?   ?   A . n 
A 1 136 HIS 136 135 ?   ?   ?   A . n 
A 1 137 HIS 137 136 ?   ?   ?   A . n 
A 1 138 HIS 138 137 ?   ?   ?   A . n 
A 1 139 HIS 139 138 ?   ?   ?   A . n 
A 1 140 HIS 140 139 ?   ?   ?   A . n 
A 1 141 HIS 141 140 ?   ?   ?   A . n 
# 
loop_
_pdbx_nonpoly_scheme.asym_id 
_pdbx_nonpoly_scheme.entity_id 
_pdbx_nonpoly_scheme.mon_id 
_pdbx_nonpoly_scheme.ndb_seq_num 
_pdbx_nonpoly_scheme.pdb_seq_num 
_pdbx_nonpoly_scheme.auth_seq_num 
_pdbx_nonpoly_scheme.pdb_mon_id 
_pdbx_nonpoly_scheme.auth_mon_id 
_pdbx_nonpoly_scheme.pdb_strand_id 
_pdbx_nonpoly_scheme.pdb_ins_code 
B 2 HOH 1   201 140 HOH HOH A . 
B 2 HOH 2   202 166 HOH HOH A . 
B 2 HOH 3   203 87  HOH HOH A . 
B 2 HOH 4   204 153 HOH HOH A . 
B 2 HOH 5   205 90  HOH HOH A . 
B 2 HOH 6   206 148 HOH HOH A . 
B 2 HOH 7   207 65  HOH HOH A . 
B 2 HOH 8   208 161 HOH HOH A . 
B 2 HOH 9   209 63  HOH HOH A . 
B 2 HOH 10  210 183 HOH HOH A . 
B 2 HOH 11  211 186 HOH HOH A . 
B 2 HOH 12  212 164 HOH HOH A . 
B 2 HOH 13  213 67  HOH HOH A . 
B 2 HOH 14  214 33  HOH HOH A . 
B 2 HOH 15  215 28  HOH HOH A . 
B 2 HOH 16  216 169 HOH HOH A . 
B 2 HOH 17  217 66  HOH HOH A . 
B 2 HOH 18  218 35  HOH HOH A . 
B 2 HOH 19  219 38  HOH HOH A . 
B 2 HOH 20  220 57  HOH HOH A . 
B 2 HOH 21  221 30  HOH HOH A . 
B 2 HOH 22  222 85  HOH HOH A . 
B 2 HOH 23  223 180 HOH HOH A . 
B 2 HOH 24  224 12  HOH HOH A . 
B 2 HOH 25  225 47  HOH HOH A . 
B 2 HOH 26  226 95  HOH HOH A . 
B 2 HOH 27  227 11  HOH HOH A . 
B 2 HOH 28  228 142 HOH HOH A . 
B 2 HOH 29  229 191 HOH HOH A . 
B 2 HOH 30  230 27  HOH HOH A . 
B 2 HOH 31  231 59  HOH HOH A . 
B 2 HOH 32  232 190 HOH HOH A . 
B 2 HOH 33  233 159 HOH HOH A . 
B 2 HOH 34  234 88  HOH HOH A . 
B 2 HOH 35  235 102 HOH HOH A . 
B 2 HOH 36  236 6   HOH HOH A . 
B 2 HOH 37  237 79  HOH HOH A . 
B 2 HOH 38  238 135 HOH HOH A . 
B 2 HOH 39  239 152 HOH HOH A . 
B 2 HOH 40  240 137 HOH HOH A . 
B 2 HOH 41  241 18  HOH HOH A . 
B 2 HOH 42  242 2   HOH HOH A . 
B 2 HOH 43  243 138 HOH HOH A . 
B 2 HOH 44  244 143 HOH HOH A . 
B 2 HOH 45  245 49  HOH HOH A . 
B 2 HOH 46  246 82  HOH HOH A . 
B 2 HOH 47  247 10  HOH HOH A . 
B 2 HOH 48  248 22  HOH HOH A . 
B 2 HOH 49  249 26  HOH HOH A . 
B 2 HOH 50  250 24  HOH HOH A . 
B 2 HOH 51  251 128 HOH HOH A . 
B 2 HOH 52  252 17  HOH HOH A . 
B 2 HOH 53  253 71  HOH HOH A . 
B 2 HOH 54  254 52  HOH HOH A . 
B 2 HOH 55  255 29  HOH HOH A . 
B 2 HOH 56  256 181 HOH HOH A . 
B 2 HOH 57  257 196 HOH HOH A . 
B 2 HOH 58  258 96  HOH HOH A . 
B 2 HOH 59  259 25  HOH HOH A . 
B 2 HOH 60  260 74  HOH HOH A . 
B 2 HOH 61  261 9   HOH HOH A . 
B 2 HOH 62  262 98  HOH HOH A . 
B 2 HOH 63  263 14  HOH HOH A . 
B 2 HOH 64  264 112 HOH HOH A . 
B 2 HOH 65  265 157 HOH HOH A . 
B 2 HOH 66  266 184 HOH HOH A . 
B 2 HOH 67  267 99  HOH HOH A . 
B 2 HOH 68  268 172 HOH HOH A . 
B 2 HOH 69  269 149 HOH HOH A . 
B 2 HOH 70  270 23  HOH HOH A . 
B 2 HOH 71  271 16  HOH HOH A . 
B 2 HOH 72  272 20  HOH HOH A . 
B 2 HOH 73  273 15  HOH HOH A . 
B 2 HOH 74  274 42  HOH HOH A . 
B 2 HOH 75  275 7   HOH HOH A . 
B 2 HOH 76  276 3   HOH HOH A . 
B 2 HOH 77  277 51  HOH HOH A . 
B 2 HOH 78  278 53  HOH HOH A . 
B 2 HOH 79  279 94  HOH HOH A . 
B 2 HOH 80  280 122 HOH HOH A . 
B 2 HOH 81  281 1   HOH HOH A . 
B 2 HOH 82  282 126 HOH HOH A . 
B 2 HOH 83  283 187 HOH HOH A . 
B 2 HOH 84  284 39  HOH HOH A . 
B 2 HOH 85  285 146 HOH HOH A . 
B 2 HOH 86  286 4   HOH HOH A . 
B 2 HOH 87  287 76  HOH HOH A . 
B 2 HOH 88  288 46  HOH HOH A . 
B 2 HOH 89  289 61  HOH HOH A . 
B 2 HOH 90  290 75  HOH HOH A . 
B 2 HOH 91  291 139 HOH HOH A . 
B 2 HOH 92  292 84  HOH HOH A . 
B 2 HOH 93  293 107 HOH HOH A . 
B 2 HOH 94  294 92  HOH HOH A . 
B 2 HOH 95  295 189 HOH HOH A . 
B 2 HOH 96  296 50  HOH HOH A . 
B 2 HOH 97  297 156 HOH HOH A . 
B 2 HOH 98  298 171 HOH HOH A . 
B 2 HOH 99  299 77  HOH HOH A . 
B 2 HOH 100 300 8   HOH HOH A . 
B 2 HOH 101 301 109 HOH HOH A . 
B 2 HOH 102 302 58  HOH HOH A . 
B 2 HOH 103 303 13  HOH HOH A . 
B 2 HOH 104 304 188 HOH HOH A . 
B 2 HOH 105 305 158 HOH HOH A . 
B 2 HOH 106 306 78  HOH HOH A . 
B 2 HOH 107 307 41  HOH HOH A . 
B 2 HOH 108 308 80  HOH HOH A . 
B 2 HOH 109 309 175 HOH HOH A . 
B 2 HOH 110 310 174 HOH HOH A . 
B 2 HOH 111 311 5   HOH HOH A . 
B 2 HOH 112 312 21  HOH HOH A . 
B 2 HOH 113 313 132 HOH HOH A . 
B 2 HOH 114 314 36  HOH HOH A . 
B 2 HOH 115 315 68  HOH HOH A . 
B 2 HOH 116 316 194 HOH HOH A . 
B 2 HOH 117 317 32  HOH HOH A . 
B 2 HOH 118 318 54  HOH HOH A . 
B 2 HOH 119 319 43  HOH HOH A . 
B 2 HOH 120 320 48  HOH HOH A . 
B 2 HOH 121 321 86  HOH HOH A . 
B 2 HOH 122 322 125 HOH HOH A . 
B 2 HOH 123 323 31  HOH HOH A . 
B 2 HOH 124 324 40  HOH HOH A . 
B 2 HOH 125 325 37  HOH HOH A . 
B 2 HOH 126 326 60  HOH HOH A . 
B 2 HOH 127 327 106 HOH HOH A . 
B 2 HOH 128 328 70  HOH HOH A . 
B 2 HOH 129 329 104 HOH HOH A . 
B 2 HOH 130 330 123 HOH HOH A . 
B 2 HOH 131 331 69  HOH HOH A . 
B 2 HOH 132 332 124 HOH HOH A . 
B 2 HOH 133 333 19  HOH HOH A . 
B 2 HOH 134 334 83  HOH HOH A . 
B 2 HOH 135 335 44  HOH HOH A . 
B 2 HOH 136 336 151 HOH HOH A . 
B 2 HOH 137 337 144 HOH HOH A . 
B 2 HOH 138 338 81  HOH HOH A . 
B 2 HOH 139 339 155 HOH HOH A . 
B 2 HOH 140 340 73  HOH HOH A . 
B 2 HOH 141 341 119 HOH HOH A . 
B 2 HOH 142 342 56  HOH HOH A . 
B 2 HOH 143 343 170 HOH HOH A . 
B 2 HOH 144 344 72  HOH HOH A . 
B 2 HOH 145 345 163 HOH HOH A . 
B 2 HOH 146 346 178 HOH HOH A . 
B 2 HOH 147 347 89  HOH HOH A . 
B 2 HOH 148 348 182 HOH HOH A . 
B 2 HOH 149 349 34  HOH HOH A . 
B 2 HOH 150 350 173 HOH HOH A . 
B 2 HOH 151 351 130 HOH HOH A . 
B 2 HOH 152 352 179 HOH HOH A . 
B 2 HOH 153 353 103 HOH HOH A . 
B 2 HOH 154 354 162 HOH HOH A . 
B 2 HOH 155 355 105 HOH HOH A . 
B 2 HOH 156 356 165 HOH HOH A . 
B 2 HOH 157 357 197 HOH HOH A . 
B 2 HOH 158 358 45  HOH HOH A . 
B 2 HOH 159 359 150 HOH HOH A . 
B 2 HOH 160 360 167 HOH HOH A . 
B 2 HOH 161 361 131 HOH HOH A . 
B 2 HOH 162 362 108 HOH HOH A . 
B 2 HOH 163 363 185 HOH HOH A . 
B 2 HOH 164 364 110 HOH HOH A . 
B 2 HOH 165 365 129 HOH HOH A . 
B 2 HOH 166 366 114 HOH HOH A . 
B 2 HOH 167 367 145 HOH HOH A . 
B 2 HOH 168 368 176 HOH HOH A . 
B 2 HOH 169 369 62  HOH HOH A . 
B 2 HOH 170 370 168 HOH HOH A . 
B 2 HOH 171 371 91  HOH HOH A . 
B 2 HOH 172 372 127 HOH HOH A . 
B 2 HOH 173 373 154 HOH HOH A . 
B 2 HOH 174 374 111 HOH HOH A . 
B 2 HOH 175 375 115 HOH HOH A . 
B 2 HOH 176 376 193 HOH HOH A . 
B 2 HOH 177 377 121 HOH HOH A . 
B 2 HOH 178 378 133 HOH HOH A . 
B 2 HOH 179 379 64  HOH HOH A . 
B 2 HOH 180 380 55  HOH HOH A . 
B 2 HOH 181 381 192 HOH HOH A . 
B 2 HOH 182 382 147 HOH HOH A . 
B 2 HOH 183 383 116 HOH HOH A . 
B 2 HOH 184 384 136 HOH HOH A . 
B 2 HOH 185 385 177 HOH HOH A . 
B 2 HOH 186 386 134 HOH HOH A . 
B 2 HOH 187 387 97  HOH HOH A . 
B 2 HOH 188 388 100 HOH HOH A . 
B 2 HOH 189 389 117 HOH HOH A . 
B 2 HOH 190 390 195 HOH HOH A . 
# 
loop_
_software.citation_id 
_software.classification 
_software.compiler_name 
_software.compiler_version 
_software.contact_author 
_software.contact_author_email 
_software.date 
_software.description 
_software.dependencies 
_software.hardware 
_software.language 
_software.location 
_software.mods 
_software.name 
_software.os 
_software.os_version 
_software.type 
_software.version 
_software.pdbx_ordinal 
? refinement     ? ? ? ? ? ? ? ? ? ? ? REFMAC   ? ? ? 5.8.0267 1 
? 'data scaling' ? ? ? ? ? ? ? ? ? ? ? HKL-2000 ? ? ? .        2 
? phasing        ? ? ? ? ? ? ? ? ? ? ? PHENIX   ? ? ? .        3 
# 
_cell.angle_alpha                  90.00 
_cell.angle_alpha_esd              ? 
_cell.angle_beta                   97.92 
_cell.angle_beta_esd               ? 
_cell.angle_gamma                  90.00 
_cell.angle_gamma_esd              ? 
_cell.entry_id                     8K75 
_cell.details                      ? 
_cell.formula_units_Z              ? 
_cell.length_a                     28.768 
_cell.length_a_esd                 ? 
_cell.length_b                     60.900 
_cell.length_b_esd                 ? 
_cell.length_c                     35.621 
_cell.length_c_esd                 ? 
_cell.volume                       ? 
_cell.volume_esd                   ? 
_cell.Z_PDB                        2 
_cell.reciprocal_angle_alpha       ? 
_cell.reciprocal_angle_beta        ? 
_cell.reciprocal_angle_gamma       ? 
_cell.reciprocal_angle_alpha_esd   ? 
_cell.reciprocal_angle_beta_esd    ? 
_cell.reciprocal_angle_gamma_esd   ? 
_cell.reciprocal_length_a          ? 
_cell.reciprocal_length_b          ? 
_cell.reciprocal_length_c          ? 
_cell.reciprocal_length_a_esd      ? 
_cell.reciprocal_length_b_esd      ? 
_cell.reciprocal_length_c_esd      ? 
_cell.pdbx_unique_axis             ? 
_cell.pdbx_esd_method              ? 
# 
_symmetry.entry_id                         8K75 
_symmetry.cell_setting                     ? 
_symmetry.Int_Tables_number                4 
_symmetry.space_group_name_Hall            ? 
_symmetry.space_group_name_H-M             'P 1 21 1' 
_symmetry.pdbx_full_space_group_name_H-M   ? 
# 
_exptl.absorpt_coefficient_mu     ? 
_exptl.absorpt_correction_T_max   ? 
_exptl.absorpt_correction_T_min   ? 
_exptl.absorpt_correction_type    ? 
_exptl.absorpt_process_details    ? 
_exptl.entry_id                   8K75 
_exptl.crystals_number            1 
_exptl.details                    ? 
_exptl.method                     'X-RAY DIFFRACTION' 
_exptl.method_details             ? 
# 
_exptl_crystal.colour                       ? 
_exptl_crystal.density_diffrn               ? 
_exptl_crystal.density_Matthews             1.86 
_exptl_crystal.density_method               ? 
_exptl_crystal.density_percent_sol          33.86 
_exptl_crystal.description                  ? 
_exptl_crystal.F_000                        ? 
_exptl_crystal.id                           1 
_exptl_crystal.preparation                  ? 
_exptl_crystal.size_max                     ? 
_exptl_crystal.size_mid                     ? 
_exptl_crystal.size_min                     ? 
_exptl_crystal.size_rad                     ? 
_exptl_crystal.colour_lustre                ? 
_exptl_crystal.colour_modifier              ? 
_exptl_crystal.colour_primary               ? 
_exptl_crystal.density_meas                 ? 
_exptl_crystal.density_meas_esd             ? 
_exptl_crystal.density_meas_gt              ? 
_exptl_crystal.density_meas_lt              ? 
_exptl_crystal.density_meas_temp            ? 
_exptl_crystal.density_meas_temp_esd        ? 
_exptl_crystal.density_meas_temp_gt         ? 
_exptl_crystal.density_meas_temp_lt         ? 
_exptl_crystal.pdbx_crystal_image_url       ? 
_exptl_crystal.pdbx_crystal_image_format    ? 
_exptl_crystal.pdbx_mosaicity               ? 
_exptl_crystal.pdbx_mosaicity_esd           ? 
_exptl_crystal.pdbx_mosaic_method           ? 
_exptl_crystal.pdbx_mosaic_block_size       ? 
_exptl_crystal.pdbx_mosaic_block_size_esd   ? 
# 
_exptl_crystal_grow.apparatus       ? 
_exptl_crystal_grow.atmosphere      ? 
_exptl_crystal_grow.crystal_id      1 
_exptl_crystal_grow.details         ? 
_exptl_crystal_grow.method          'VAPOR DIFFUSION, SITTING DROP' 
_exptl_crystal_grow.method_ref      ? 
_exptl_crystal_grow.pH              ? 
_exptl_crystal_grow.pressure        ? 
_exptl_crystal_grow.pressure_esd    ? 
_exptl_crystal_grow.seeding         ? 
_exptl_crystal_grow.seeding_ref     ? 
_exptl_crystal_grow.temp_details    ? 
_exptl_crystal_grow.temp_esd        ? 
_exptl_crystal_grow.time            ? 
_exptl_crystal_grow.pdbx_details    '0.1 M Potassium thiocyanate, 30% w/v Polyethylene glycol monomethyl ether 2,000' 
_exptl_crystal_grow.pdbx_pH_range   ? 
_exptl_crystal_grow.temp            293 
# 
_diffrn.ambient_environment              ? 
_diffrn.ambient_temp                     100 
_diffrn.ambient_temp_details             ? 
_diffrn.ambient_temp_esd                 ? 
_diffrn.crystal_id                       1 
_diffrn.crystal_support                  ? 
_diffrn.crystal_treatment                ? 
_diffrn.details                          ? 
_diffrn.id                               1 
_diffrn.ambient_pressure                 ? 
_diffrn.ambient_pressure_esd             ? 
_diffrn.ambient_pressure_gt              ? 
_diffrn.ambient_pressure_lt              ? 
_diffrn.ambient_temp_gt                  ? 
_diffrn.ambient_temp_lt                  ? 
_diffrn.pdbx_serial_crystal_experiment   N 
# 
_diffrn_detector.details                      ? 
_diffrn_detector.detector                     PIXEL 
_diffrn_detector.diffrn_id                    1 
_diffrn_detector.type                         'DECTRIS PILATUS3 6M' 
_diffrn_detector.area_resol_mean              ? 
_diffrn_detector.dtime                        ? 
_diffrn_detector.pdbx_frames_total            ? 
_diffrn_detector.pdbx_collection_time_total   ? 
_diffrn_detector.pdbx_collection_date         2023-07-20 
_diffrn_detector.pdbx_frequency               ? 
_diffrn_detector.id                           ? 
_diffrn_detector.number_of_axes               ? 
# 
_diffrn_radiation.collimation                      ? 
_diffrn_radiation.diffrn_id                        1 
_diffrn_radiation.filter_edge                      ? 
_diffrn_radiation.inhomogeneity                    ? 
_diffrn_radiation.monochromator                    ? 
_diffrn_radiation.polarisn_norm                    ? 
_diffrn_radiation.polarisn_ratio                   ? 
_diffrn_radiation.probe                            ? 
_diffrn_radiation.type                             ? 
_diffrn_radiation.xray_symbol                      ? 
_diffrn_radiation.wavelength_id                    1 
_diffrn_radiation.pdbx_monochromatic_or_laue_m_l   M 
_diffrn_radiation.pdbx_wavelength_list             ? 
_diffrn_radiation.pdbx_wavelength                  ? 
_diffrn_radiation.pdbx_diffrn_protocol             'SINGLE WAVELENGTH' 
_diffrn_radiation.pdbx_analyzer                    ? 
_diffrn_radiation.pdbx_scattering_type             x-ray 
# 
_diffrn_radiation_wavelength.id           1 
_diffrn_radiation_wavelength.wavelength   0.97861 
_diffrn_radiation_wavelength.wt           1.0 
# 
_diffrn_source.current                     ? 
_diffrn_source.details                     ? 
_diffrn_source.diffrn_id                   1 
_diffrn_source.power                       ? 
_diffrn_source.size                        ? 
_diffrn_source.source                      SYNCHROTRON 
_diffrn_source.target                      ? 
_diffrn_source.type                        'SSRF BEAMLINE BL19U1' 
_diffrn_source.voltage                     ? 
_diffrn_source.take-off_angle              ? 
_diffrn_source.pdbx_wavelength_list        0.97861 
_diffrn_source.pdbx_wavelength             ? 
_diffrn_source.pdbx_synchrotron_beamline   BL19U1 
_diffrn_source.pdbx_synchrotron_site       SSRF 
# 
_reflns.B_iso_Wilson_estimate                          ? 
_reflns.entry_id                                       8K75 
_reflns.data_reduction_details                         ? 
_reflns.data_reduction_method                          ? 
_reflns.d_resolution_high                              1.16 
_reflns.d_resolution_low                               50.00 
_reflns.details                                        ? 
_reflns.limit_h_max                                    ? 
_reflns.limit_h_min                                    ? 
_reflns.limit_k_max                                    ? 
_reflns.limit_k_min                                    ? 
_reflns.limit_l_max                                    ? 
_reflns.limit_l_min                                    ? 
_reflns.number_all                                     ? 
_reflns.number_obs                                     41565 
_reflns.observed_criterion                             ? 
_reflns.observed_criterion_F_max                       ? 
_reflns.observed_criterion_F_min                       ? 
_reflns.observed_criterion_I_max                       ? 
_reflns.observed_criterion_I_min                       ? 
_reflns.observed_criterion_sigma_F                     ? 
_reflns.observed_criterion_sigma_I                     ? 
_reflns.percent_possible_obs                           99.0 
_reflns.R_free_details                                 ? 
_reflns.Rmerge_F_all                                   ? 
_reflns.Rmerge_F_obs                                   ? 
_reflns.Friedel_coverage                               ? 
_reflns.number_gt                                      ? 
_reflns.threshold_expression                           ? 
_reflns.pdbx_redundancy                                6.5 
_reflns.pdbx_netI_over_av_sigmaI                       ? 
_reflns.pdbx_netI_over_sigmaI                          7.1 
_reflns.pdbx_res_netI_over_av_sigmaI_2                 ? 
_reflns.pdbx_res_netI_over_sigmaI_2                    ? 
_reflns.pdbx_chi_squared                               1.190 
_reflns.pdbx_scaling_rejects                           ? 
_reflns.pdbx_d_res_high_opt                            ? 
_reflns.pdbx_d_res_low_opt                             ? 
_reflns.pdbx_d_res_opt_method                          ? 
_reflns.phase_calculation_details                      ? 
_reflns.pdbx_Rrim_I_all                                0.069 
_reflns.pdbx_Rpim_I_all                                0.026 
_reflns.pdbx_d_opt                                     ? 
_reflns.pdbx_number_measured_all                       270478 
_reflns.pdbx_diffrn_id                                 1 
_reflns.pdbx_ordinal                                   1 
_reflns.pdbx_CC_half                                   0.991 
_reflns.pdbx_CC_star                                   0.998 
_reflns.pdbx_R_split                                   ? 
_reflns.pdbx_Rmerge_I_obs                              0.063 
_reflns.pdbx_Rmerge_I_all                              ? 
_reflns.pdbx_Rsym_value                                ? 
_reflns.pdbx_CC_split_method                           ? 
_reflns.pdbx_aniso_diffraction_limit_axis_1_ortho[1]   ? 
_reflns.pdbx_aniso_diffraction_limit_axis_1_ortho[2]   ? 
_reflns.pdbx_aniso_diffraction_limit_axis_1_ortho[3]   ? 
_reflns.pdbx_aniso_diffraction_limit_axis_2_ortho[1]   ? 
_reflns.pdbx_aniso_diffraction_limit_axis_2_ortho[2]   ? 
_reflns.pdbx_aniso_diffraction_limit_axis_2_ortho[3]   ? 
_reflns.pdbx_aniso_diffraction_limit_axis_3_ortho[1]   ? 
_reflns.pdbx_aniso_diffraction_limit_axis_3_ortho[2]   ? 
_reflns.pdbx_aniso_diffraction_limit_axis_3_ortho[3]   ? 
_reflns.pdbx_aniso_diffraction_limit_1                 ? 
_reflns.pdbx_aniso_diffraction_limit_2                 ? 
_reflns.pdbx_aniso_diffraction_limit_3                 ? 
_reflns.pdbx_aniso_B_tensor_eigenvector_1_ortho[1]     ? 
_reflns.pdbx_aniso_B_tensor_eigenvector_1_ortho[2]     ? 
_reflns.pdbx_aniso_B_tensor_eigenvector_1_ortho[3]     ? 
_reflns.pdbx_aniso_B_tensor_eigenvector_2_ortho[1]     ? 
_reflns.pdbx_aniso_B_tensor_eigenvector_2_ortho[2]     ? 
_reflns.pdbx_aniso_B_tensor_eigenvector_2_ortho[3]     ? 
_reflns.pdbx_aniso_B_tensor_eigenvector_3_ortho[1]     ? 
_reflns.pdbx_aniso_B_tensor_eigenvector_3_ortho[2]     ? 
_reflns.pdbx_aniso_B_tensor_eigenvector_3_ortho[3]     ? 
_reflns.pdbx_aniso_B_tensor_eigenvalue_1               ? 
_reflns.pdbx_aniso_B_tensor_eigenvalue_2               ? 
_reflns.pdbx_aniso_B_tensor_eigenvalue_3               ? 
_reflns.pdbx_orthogonalization_convention              ? 
_reflns.pdbx_percent_possible_ellipsoidal              ? 
_reflns.pdbx_percent_possible_spherical                ? 
_reflns.pdbx_percent_possible_ellipsoidal_anomalous    ? 
_reflns.pdbx_percent_possible_spherical_anomalous      ? 
_reflns.pdbx_redundancy_anomalous                      ? 
_reflns.pdbx_CC_half_anomalous                         ? 
_reflns.pdbx_absDiff_over_sigma_anomalous              ? 
_reflns.pdbx_percent_possible_anomalous                ? 
_reflns.pdbx_observed_signal_threshold                 ? 
_reflns.pdbx_signal_type                               ? 
_reflns.pdbx_signal_details                            ? 
_reflns.pdbx_signal_software_id                        ? 
# 
loop_
_reflns_shell.d_res_high 
_reflns_shell.d_res_low 
_reflns_shell.meanI_over_sigI_all 
_reflns_shell.meanI_over_sigI_obs 
_reflns_shell.number_measured_all 
_reflns_shell.number_measured_obs 
_reflns_shell.number_possible 
_reflns_shell.number_unique_all 
_reflns_shell.number_unique_obs 
_reflns_shell.percent_possible_obs 
_reflns_shell.Rmerge_F_all 
_reflns_shell.Rmerge_F_obs 
_reflns_shell.meanI_over_sigI_gt 
_reflns_shell.meanI_over_uI_all 
_reflns_shell.meanI_over_uI_gt 
_reflns_shell.number_measured_gt 
_reflns_shell.number_unique_gt 
_reflns_shell.percent_possible_gt 
_reflns_shell.Rmerge_F_gt 
_reflns_shell.Rmerge_I_gt 
_reflns_shell.pdbx_redundancy 
_reflns_shell.pdbx_chi_squared 
_reflns_shell.pdbx_netI_over_sigmaI_all 
_reflns_shell.pdbx_netI_over_sigmaI_obs 
_reflns_shell.pdbx_Rrim_I_all 
_reflns_shell.pdbx_Rpim_I_all 
_reflns_shell.pdbx_rejects 
_reflns_shell.pdbx_ordinal 
_reflns_shell.pdbx_diffrn_id 
_reflns_shell.pdbx_CC_half 
_reflns_shell.pdbx_CC_star 
_reflns_shell.pdbx_R_split 
_reflns_shell.percent_possible_all 
_reflns_shell.Rmerge_I_all 
_reflns_shell.Rmerge_I_obs 
_reflns_shell.pdbx_Rsym_value 
_reflns_shell.pdbx_percent_possible_ellipsoidal 
_reflns_shell.pdbx_percent_possible_spherical 
_reflns_shell.pdbx_percent_possible_ellipsoidal_anomalous 
_reflns_shell.pdbx_percent_possible_spherical_anomalous 
_reflns_shell.pdbx_redundancy_anomalous 
_reflns_shell.pdbx_CC_half_anomalous 
_reflns_shell.pdbx_absDiff_over_sigma_anomalous 
_reflns_shell.pdbx_percent_possible_anomalous 
1.16 1.18  ? ? ? ? ? ? 1972 ? ? ? ? ? ? ? ? ? ? ? 5.2 1.081 ? ? 0.207 0.088 ? 1  1 0.978 0.994 ? 94.8  ? 0.187 ? ? ? ? ? ? ? ? ? 
1.18 1.20  ? ? ? ? ? ? 2043 ? ? ? ? ? ? ? ? ? ? ? 5.6 1.274 ? ? 0.210 0.086 ? 2  1 0.976 0.994 ? 97.5  ? 0.191 ? ? ? ? ? ? ? ? ? 
1.20 1.22  ? ? ? ? ? ? 2023 ? ? ? ? ? ? ? ? ? ? ? 6.0 1.392 ? ? 0.209 0.082 ? 3  1 0.975 0.994 ? 97.7  ? 0.192 ? ? ? ? ? ? ? ? ? 
1.22 1.25  ? ? ? ? ? ? 2067 ? ? ? ? ? ? ? ? ? ? ? 6.6 1.373 ? ? 0.194 0.073 ? 4  1 0.979 0.995 ? 98.2  ? 0.180 ? ? ? ? ? ? ? ? ? 
1.25 1.28  ? ? ? ? ? ? 2056 ? ? ? ? ? ? ? ? ? ? ? 6.4 1.298 ? ? 0.188 0.072 ? 5  1 0.984 0.996 ? 99.0  ? 0.173 ? ? ? ? ? ? ? ? ? 
1.28 1.31  ? ? ? ? ? ? 2087 ? ? ? ? ? ? ? ? ? ? ? 6.8 1.283 ? ? 0.174 0.064 ? 6  1 0.985 0.996 ? 98.4  ? 0.161 ? ? ? ? ? ? ? ? ? 
1.31 1.34  ? ? ? ? ? ? 2026 ? ? ? ? ? ? ? ? ? ? ? 6.7 1.250 ? ? 0.170 0.064 ? 7  1 0.986 0.997 ? 98.7  ? 0.158 ? ? ? ? ? ? ? ? ? 
1.34 1.38  ? ? ? ? ? ? 2105 ? ? ? ? ? ? ? ? ? ? ? 6.4 1.160 ? ? 0.158 0.060 ? 8  1 0.984 0.996 ? 98.8  ? 0.146 ? ? ? ? ? ? ? ? ? 
1.38 1.42  ? ? ? ? ? ? 2060 ? ? ? ? ? ? ? ? ? ? ? 6.6 1.208 ? ? 0.147 0.055 ? 9  1 0.987 0.997 ? 99.5  ? 0.136 ? ? ? ? ? ? ? ? ? 
1.42 1.46  ? ? ? ? ? ? 2083 ? ? ? ? ? ? ? ? ? ? ? 6.5 1.139 ? ? 0.133 0.051 ? 10 1 0.991 0.998 ? 99.3  ? 0.123 ? ? ? ? ? ? ? ? ? 
1.46 1.51  ? ? ? ? ? ? 2090 ? ? ? ? ? ? ? ? ? ? ? 6.8 1.307 ? ? 0.120 0.045 ? 11 1 0.990 0.997 ? 99.5  ? 0.111 ? ? ? ? ? ? ? ? ? 
1.51 1.57  ? ? ? ? ? ? 2074 ? ? ? ? ? ? ? ? ? ? ? 6.7 1.116 ? ? 0.116 0.044 ? 12 1 0.990 0.998 ? 99.5  ? 0.108 ? ? ? ? ? ? ? ? ? 
1.57 1.65  ? ? ? ? ? ? 2090 ? ? ? ? ? ? ? ? ? ? ? 6.4 1.232 ? ? 0.103 0.040 ? 13 1 0.993 0.998 ? 99.5  ? 0.095 ? ? ? ? ? ? ? ? ? 
1.65 1.73  ? ? ? ? ? ? 2094 ? ? ? ? ? ? ? ? ? ? ? 6.7 1.028 ? ? 0.093 0.035 ? 14 1 0.994 0.999 ? 99.8  ? 0.086 ? ? ? ? ? ? ? ? ? 
1.73 1.84  ? ? ? ? ? ? 2094 ? ? ? ? ? ? ? ? ? ? ? 6.8 1.101 ? ? 0.086 0.032 ? 15 1 0.995 0.999 ? 100.0 ? 0.080 ? ? ? ? ? ? ? ? ? 
1.84 1.98  ? ? ? ? ? ? 2114 ? ? ? ? ? ? ? ? ? ? ? 6.9 0.983 ? ? 0.075 0.028 ? 16 1 0.996 0.999 ? 100.0 ? 0.069 ? ? ? ? ? ? ? ? ? 
1.98 2.18  ? ? ? ? ? ? 2105 ? ? ? ? ? ? ? ? ? ? ? 6.6 0.774 ? ? 0.064 0.024 ? 17 1 0.997 0.999 ? 100.0 ? 0.059 ? ? ? ? ? ? ? ? ? 
2.18 2.50  ? ? ? ? ? ? 2104 ? ? ? ? ? ? ? ? ? ? ? 6.8 0.814 ? ? 0.053 0.020 ? 18 1 0.998 0.999 ? 100.0 ? 0.049 ? ? ? ? ? ? ? ? ? 
2.50 3.15  ? ? ? ? ? ? 2116 ? ? ? ? ? ? ? ? ? ? ? 6.9 0.741 ? ? 0.043 0.016 ? 19 1 0.998 0.999 ? 100.0 ? 0.039 ? ? ? ? ? ? ? ? ? 
3.15 50.00 ? ? ? ? ? ? 2162 ? ? ? ? ? ? ? ? ? ? ? 6.7 2.266 ? ? 0.057 0.022 ? 20 1 0.993 0.998 ? 99.8  ? 0.053 ? ? ? ? ? ? ? ? ? 
# 
_refine.aniso_B[1][1]                            0.03 
_refine.aniso_B[1][2]                            0.00 
_refine.aniso_B[1][3]                            0.01 
_refine.aniso_B[2][2]                            -0.02 
_refine.aniso_B[2][3]                            -0.00 
_refine.aniso_B[3][3]                            -0.02 
_refine.B_iso_max                                ? 
_refine.B_iso_mean                               17.049 
_refine.B_iso_min                                ? 
_refine.correlation_coeff_Fo_to_Fc               0.972 
_refine.correlation_coeff_Fo_to_Fc_free          0.967 
_refine.details                                  'HYDROGENS HAVE BEEN ADDED IN THE RIDING POSITIONS' 
_refine.diff_density_max                         ? 
_refine.diff_density_max_esd                     ? 
_refine.diff_density_min                         ? 
_refine.diff_density_min_esd                     ? 
_refine.diff_density_rms                         ? 
_refine.diff_density_rms_esd                     ? 
_refine.entry_id                                 8K75 
_refine.pdbx_refine_id                           'X-RAY DIFFRACTION' 
_refine.ls_abs_structure_details                 ? 
_refine.ls_abs_structure_Flack                   ? 
_refine.ls_abs_structure_Flack_esd               ? 
_refine.ls_abs_structure_Rogers                  ? 
_refine.ls_abs_structure_Rogers_esd              ? 
_refine.ls_d_res_high                            1.16 
_refine.ls_d_res_low                             30.55 
_refine.ls_extinction_coef                       ? 
_refine.ls_extinction_coef_esd                   ? 
_refine.ls_extinction_expression                 ? 
_refine.ls_extinction_method                     ? 
_refine.ls_goodness_of_fit_all                   ? 
_refine.ls_goodness_of_fit_all_esd               ? 
_refine.ls_goodness_of_fit_obs                   ? 
_refine.ls_goodness_of_fit_obs_esd               ? 
_refine.ls_hydrogen_treatment                    ? 
_refine.ls_matrix_type                           ? 
_refine.ls_number_constraints                    ? 
_refine.ls_number_parameters                     ? 
_refine.ls_number_reflns_all                     ? 
_refine.ls_number_reflns_obs                     39396 
_refine.ls_number_reflns_R_free                  2006 
_refine.ls_number_reflns_R_work                  ? 
_refine.ls_number_restraints                     ? 
_refine.ls_percent_reflns_obs                    98.63 
_refine.ls_percent_reflns_R_free                 4.8 
_refine.ls_R_factor_all                          ? 
_refine.ls_R_factor_obs                          0.16840 
_refine.ls_R_factor_R_free                       0.18383 
_refine.ls_R_factor_R_free_error                 ? 
_refine.ls_R_factor_R_free_error_details         ? 
_refine.ls_R_factor_R_work                       0.16761 
_refine.ls_R_Fsqd_factor_obs                     ? 
_refine.ls_R_I_factor_obs                        ? 
_refine.ls_redundancy_reflns_all                 ? 
_refine.ls_redundancy_reflns_obs                 ? 
_refine.ls_restrained_S_all                      ? 
_refine.ls_restrained_S_obs                      ? 
_refine.ls_shift_over_esd_max                    ? 
_refine.ls_shift_over_esd_mean                   ? 
_refine.ls_structure_factor_coef                 ? 
_refine.ls_weighting_details                     ? 
_refine.ls_weighting_scheme                      ? 
_refine.ls_wR_factor_all                         ? 
_refine.ls_wR_factor_obs                         ? 
_refine.ls_wR_factor_R_free                      ? 
_refine.ls_wR_factor_R_work                      ? 
_refine.occupancy_max                            ? 
_refine.occupancy_min                            ? 
_refine.solvent_model_details                    MASK 
_refine.solvent_model_param_bsol                 ? 
_refine.solvent_model_param_ksol                 ? 
_refine.pdbx_R_complete                          ? 
_refine.ls_R_factor_gt                           ? 
_refine.ls_goodness_of_fit_gt                    ? 
_refine.ls_goodness_of_fit_ref                   ? 
_refine.ls_shift_over_su_max                     ? 
_refine.ls_shift_over_su_max_lt                  ? 
_refine.ls_shift_over_su_mean                    ? 
_refine.ls_shift_over_su_mean_lt                 ? 
_refine.pdbx_ls_sigma_I                          ? 
_refine.pdbx_ls_sigma_F                          ? 
_refine.pdbx_ls_sigma_Fsqd                       ? 
_refine.pdbx_data_cutoff_high_absF               ? 
_refine.pdbx_data_cutoff_high_rms_absF           ? 
_refine.pdbx_data_cutoff_low_absF                ? 
_refine.pdbx_isotropic_thermal_model             ? 
_refine.pdbx_ls_cross_valid_method               THROUGHOUT 
_refine.pdbx_method_to_determine_struct          SAD 
_refine.pdbx_starting_model                      ? 
_refine.pdbx_stereochemistry_target_values       'MAXIMUM LIKELIHOOD' 
_refine.pdbx_R_Free_selection_details            RANDOM 
_refine.pdbx_stereochem_target_val_spec_case     ? 
_refine.pdbx_overall_ESU_R                       0.037 
_refine.pdbx_overall_ESU_R_Free                  0.038 
_refine.pdbx_solvent_vdw_probe_radii             1.20 
_refine.pdbx_solvent_ion_probe_radii             0.80 
_refine.pdbx_solvent_shrinkage_radii             0.80 
_refine.pdbx_real_space_R                        ? 
_refine.pdbx_density_correlation                 ? 
_refine.pdbx_pd_number_of_powder_patterns        ? 
_refine.pdbx_pd_number_of_points                 ? 
_refine.pdbx_pd_meas_number_of_points            ? 
_refine.pdbx_pd_proc_ls_prof_R_factor            ? 
_refine.pdbx_pd_proc_ls_prof_wR_factor           ? 
_refine.pdbx_pd_Marquardt_correlation_coeff      ? 
_refine.pdbx_pd_Fsqrd_R_factor                   ? 
_refine.pdbx_pd_ls_matrix_band_width             ? 
_refine.pdbx_overall_phase_error                 ? 
_refine.pdbx_overall_SU_R_free_Cruickshank_DPI   ? 
_refine.pdbx_overall_SU_R_free_Blow_DPI          ? 
_refine.pdbx_overall_SU_R_Blow_DPI               ? 
_refine.pdbx_TLS_residual_ADP_flag               ? 
_refine.pdbx_diffrn_id                           1 
_refine.overall_SU_B                             0.490 
_refine.overall_SU_ML                            0.024 
_refine.overall_SU_R_Cruickshank_DPI             ? 
_refine.overall_SU_R_free                        ? 
_refine.overall_FOM_free_R_set                   ? 
_refine.overall_FOM_work_R_set                   ? 
_refine.pdbx_average_fsc_overall                 ? 
_refine.pdbx_average_fsc_work                    ? 
_refine.pdbx_average_fsc_free                    ? 
# 
_refine_hist.pdbx_refine_id                   'X-RAY DIFFRACTION' 
_refine_hist.cycle_id                         1 
_refine_hist.details                          ? 
_refine_hist.d_res_high                       1.16 
_refine_hist.d_res_low                        30.55 
_refine_hist.number_atoms_solvent             190 
_refine_hist.number_atoms_total               1213 
_refine_hist.number_reflns_all                ? 
_refine_hist.number_reflns_obs                ? 
_refine_hist.number_reflns_R_free             ? 
_refine_hist.number_reflns_R_work             ? 
_refine_hist.R_factor_all                     ? 
_refine_hist.R_factor_obs                     ? 
_refine_hist.R_factor_R_free                  ? 
_refine_hist.R_factor_R_work                  ? 
_refine_hist.pdbx_number_residues_total       ? 
_refine_hist.pdbx_B_iso_mean_ligand           ? 
_refine_hist.pdbx_B_iso_mean_solvent          ? 
_refine_hist.pdbx_number_atoms_protein        1023 
_refine_hist.pdbx_number_atoms_nucleic_acid   0 
_refine_hist.pdbx_number_atoms_ligand         0 
_refine_hist.pdbx_number_atoms_lipid          ? 
_refine_hist.pdbx_number_atoms_carb           ? 
_refine_hist.pdbx_pseudo_atom_details         ? 
# 
loop_
_refine_ls_restr.pdbx_refine_id 
_refine_ls_restr.criterion 
_refine_ls_restr.dev_ideal 
_refine_ls_restr.dev_ideal_target 
_refine_ls_restr.number 
_refine_ls_restr.rejects 
_refine_ls_restr.type 
_refine_ls_restr.weight 
_refine_ls_restr.pdbx_restraint_function 
'X-RAY DIFFRACTION' ? 0.016  0.013  1053 ? r_bond_refined_d             ? ? 
'X-RAY DIFFRACTION' ? 0.001  0.015  1007 ? r_bond_other_d               ? ? 
'X-RAY DIFFRACTION' ? 1.820  1.656  1421 ? r_angle_refined_deg          ? ? 
'X-RAY DIFFRACTION' ? 1.429  1.592  2315 ? r_angle_other_deg            ? ? 
'X-RAY DIFFRACTION' ? 7.194  5.000  123  ? r_dihedral_angle_1_deg       ? ? 
'X-RAY DIFFRACTION' ? 28.144 21.429 63   ? r_dihedral_angle_2_deg       ? ? 
'X-RAY DIFFRACTION' ? 12.571 15.000 183  ? r_dihedral_angle_3_deg       ? ? 
'X-RAY DIFFRACTION' ? 16.281 15.000 9    ? r_dihedral_angle_4_deg       ? ? 
'X-RAY DIFFRACTION' ? 0.079  0.200  126  ? r_chiral_restr               ? ? 
'X-RAY DIFFRACTION' ? 0.011  0.020  1192 ? r_gen_planes_refined         ? ? 
'X-RAY DIFFRACTION' ? 0.001  0.020  274  ? r_gen_planes_other           ? ? 
'X-RAY DIFFRACTION' ? ?      ?      ?    ? r_nbd_refined                ? ? 
'X-RAY DIFFRACTION' ? ?      ?      ?    ? r_nbd_other                  ? ? 
'X-RAY DIFFRACTION' ? ?      ?      ?    ? r_nbtor_refined              ? ? 
'X-RAY DIFFRACTION' ? ?      ?      ?    ? r_nbtor_other                ? ? 
'X-RAY DIFFRACTION' ? ?      ?      ?    ? r_xyhbond_nbd_refined        ? ? 
'X-RAY DIFFRACTION' ? ?      ?      ?    ? r_xyhbond_nbd_other          ? ? 
'X-RAY DIFFRACTION' ? ?      ?      ?    ? r_metal_ion_refined          ? ? 
'X-RAY DIFFRACTION' ? ?      ?      ?    ? r_metal_ion_other            ? ? 
'X-RAY DIFFRACTION' ? ?      ?      ?    ? r_symmetry_vdw_refined       ? ? 
'X-RAY DIFFRACTION' ? ?      ?      ?    ? r_symmetry_vdw_other         ? ? 
'X-RAY DIFFRACTION' ? ?      ?      ?    ? r_symmetry_hbond_refined     ? ? 
'X-RAY DIFFRACTION' ? ?      ?      ?    ? r_symmetry_hbond_other       ? ? 
'X-RAY DIFFRACTION' ? ?      ?      ?    ? r_symmetry_metal_ion_refined ? ? 
'X-RAY DIFFRACTION' ? ?      ?      ?    ? r_symmetry_metal_ion_other   ? ? 
'X-RAY DIFFRACTION' ? 1.415  1.460  495  ? r_mcbond_it                  ? ? 
'X-RAY DIFFRACTION' ? 1.369  1.456  494  ? r_mcbond_other               ? ? 
'X-RAY DIFFRACTION' ? 2.090  2.192  617  ? r_mcangle_it                 ? ? 
'X-RAY DIFFRACTION' ? 2.088  2.197  618  ? r_mcangle_other              ? ? 
'X-RAY DIFFRACTION' ? 2.484  1.734  558  ? r_scbond_it                  ? ? 
'X-RAY DIFFRACTION' ? 2.431  1.725  556  ? r_scbond_other               ? ? 
'X-RAY DIFFRACTION' ? ?      ?      ?    ? r_scangle_it                 ? ? 
'X-RAY DIFFRACTION' ? 3.590  2.488  804  ? r_scangle_other              ? ? 
'X-RAY DIFFRACTION' ? 5.235  18.465 1206 ? r_long_range_B_refined       ? ? 
'X-RAY DIFFRACTION' ? 4.757  17.203 1150 ? r_long_range_B_other         ? ? 
'X-RAY DIFFRACTION' ? ?      ?      ?    ? r_rigid_bond_restr           ? ? 
'X-RAY DIFFRACTION' ? ?      ?      ?    ? r_sphericity_free            ? ? 
'X-RAY DIFFRACTION' ? ?      ?      ?    ? r_sphericity_bonded          ? ? 
# 
_refine_ls_shell.pdbx_refine_id                   'X-RAY DIFFRACTION' 
_refine_ls_shell.d_res_high                       1.161 
_refine_ls_shell.d_res_low                        1.191 
_refine_ls_shell.number_reflns_all                ? 
_refine_ls_shell.number_reflns_obs                ? 
_refine_ls_shell.number_reflns_R_free             122 
_refine_ls_shell.number_reflns_R_work             2723 
_refine_ls_shell.percent_reflns_obs               91.95 
_refine_ls_shell.percent_reflns_R_free            ? 
_refine_ls_shell.R_factor_all                     ? 
_refine_ls_shell.R_factor_obs                     ? 
_refine_ls_shell.R_factor_R_free_error            ? 
_refine_ls_shell.R_factor_R_work                  0.219 
_refine_ls_shell.redundancy_reflns_all            ? 
_refine_ls_shell.redundancy_reflns_obs            ? 
_refine_ls_shell.wR_factor_all                    ? 
_refine_ls_shell.wR_factor_obs                    ? 
_refine_ls_shell.wR_factor_R_free                 ? 
_refine_ls_shell.wR_factor_R_work                 ? 
_refine_ls_shell.pdbx_R_complete                  ? 
_refine_ls_shell.pdbx_total_number_of_bins_used   ? 
_refine_ls_shell.pdbx_phase_error                 ? 
_refine_ls_shell.pdbx_fsc_work                    ? 
_refine_ls_shell.pdbx_fsc_free                    ? 
_refine_ls_shell.R_factor_R_free                  0.219 
# 
_struct.entry_id                     8K75 
_struct.title                        'N-terminal domain of FIPV nucleocapsid protein' 
_struct.pdbx_model_details           ? 
_struct.pdbx_formula_weight          ? 
_struct.pdbx_formula_weight_method   ? 
_struct.pdbx_model_type_details      ? 
_struct.pdbx_CASP_flag               N 
# 
_struct_keywords.entry_id        8K75 
_struct_keywords.text            'FIPV, Nucleocapsid protein, VIRAL PROTEIN' 
_struct_keywords.pdbx_keywords   'VIRAL PROTEIN' 
# 
loop_
_struct_asym.id 
_struct_asym.pdbx_blank_PDB_chainid_flag 
_struct_asym.pdbx_modified 
_struct_asym.entity_id 
_struct_asym.details 
A N N 1 ? 
B N N 2 ? 
# 
_struct_ref.id                         1 
_struct_ref.db_name                    UNP 
_struct_ref.db_code                    NCAP_FIPV 
_struct_ref.pdbx_db_accession          P25909 
_struct_ref.pdbx_db_isoform            ? 
_struct_ref.entity_id                  1 
_struct_ref.pdbx_seq_one_letter_code   
;KNNDIPLSFYNPITLEQGSKFWNLCPRDLVPKGIGNKDQQIGYWNRQIRYRIVKGQRKELAERWFFYFLGTGPHADAKFK
DKIDGVFWVARDGAMNKPTTLGTRGTNNESKPLRFDGKIPPQFQLE
;
_struct_ref.pdbx_align_begin           27 
# 
_struct_ref_seq.align_id                      1 
_struct_ref_seq.ref_id                        1 
_struct_ref_seq.pdbx_PDB_id_code              8K75 
_struct_ref_seq.pdbx_strand_id                A 
_struct_ref_seq.seq_align_beg                 6 
_struct_ref_seq.pdbx_seq_align_beg_ins_code   ? 
_struct_ref_seq.seq_align_end                 131 
_struct_ref_seq.pdbx_seq_align_end_ins_code   ? 
_struct_ref_seq.pdbx_db_accession             P25909 
_struct_ref_seq.db_align_beg                  27 
_struct_ref_seq.pdbx_db_align_beg_ins_code    ? 
_struct_ref_seq.db_align_end                  152 
_struct_ref_seq.pdbx_db_align_end_ins_code    ? 
_struct_ref_seq.pdbx_auth_seq_align_beg       5 
_struct_ref_seq.pdbx_auth_seq_align_end       130 
# 
loop_
_struct_ref_seq_dif.align_id 
_struct_ref_seq_dif.pdbx_pdb_id_code 
_struct_ref_seq_dif.mon_id 
_struct_ref_seq_dif.pdbx_pdb_strand_id 
_struct_ref_seq_dif.seq_num 
_struct_ref_seq_dif.pdbx_pdb_ins_code 
_struct_ref_seq_dif.pdbx_seq_db_name 
_struct_ref_seq_dif.pdbx_seq_db_accession_code 
_struct_ref_seq_dif.db_mon_id 
_struct_ref_seq_dif.pdbx_seq_db_seq_num 
_struct_ref_seq_dif.details 
_struct_ref_seq_dif.pdbx_auth_seq_num 
_struct_ref_seq_dif.pdbx_ordinal 
1 8K75 MET A 1   ? UNP P25909 ?   ?   'initiating methionine' 0   1  
1 8K75 SER A 2   ? UNP P25909 ?   ?   'expression tag'        1   2  
1 8K75 ARG A 3   ? UNP P25909 ?   ?   'expression tag'        2   3  
1 8K75 GLY A 4   ? UNP P25909 ?   ?   'expression tag'        3   4  
1 8K75 ARG A 5   ? UNP P25909 ?   ?   'expression tag'        4   5  
1 8K75 ILE A 104 ? UNP P25909 THR 125 conflict                103 6  
1 8K75 LEU A 132 ? UNP P25909 ?   ?   'expression tag'        131 7  
1 8K75 GLU A 133 ? UNP P25909 ?   ?   'expression tag'        132 8  
1 8K75 HIS A 134 ? UNP P25909 ?   ?   'expression tag'        133 9  
1 8K75 HIS A 135 ? UNP P25909 ?   ?   'expression tag'        134 10 
1 8K75 HIS A 136 ? UNP P25909 ?   ?   'expression tag'        135 11 
1 8K75 HIS A 137 ? UNP P25909 ?   ?   'expression tag'        136 12 
1 8K75 HIS A 138 ? UNP P25909 ?   ?   'expression tag'        137 13 
1 8K75 HIS A 139 ? UNP P25909 ?   ?   'expression tag'        138 14 
1 8K75 HIS A 140 ? UNP P25909 ?   ?   'expression tag'        139 15 
1 8K75 HIS A 141 ? UNP P25909 ?   ?   'expression tag'        140 16 
# 
_pdbx_struct_assembly.id                   1 
_pdbx_struct_assembly.details              author_defined_assembly 
_pdbx_struct_assembly.method_details       ? 
_pdbx_struct_assembly.oligomeric_details   monomeric 
_pdbx_struct_assembly.oligomeric_count     1 
# 
_pdbx_struct_assembly_gen.assembly_id       1 
_pdbx_struct_assembly_gen.oper_expression   1 
_pdbx_struct_assembly_gen.asym_id_list      A,B 
# 
_pdbx_struct_assembly_auth_evidence.id                     1 
_pdbx_struct_assembly_auth_evidence.assembly_id            1 
_pdbx_struct_assembly_auth_evidence.experimental_support   'gel filtration' 
_pdbx_struct_assembly_auth_evidence.details                ? 
# 
_pdbx_struct_oper_list.id                   1 
_pdbx_struct_oper_list.type                 'identity operation' 
_pdbx_struct_oper_list.name                 1_555 
_pdbx_struct_oper_list.symmetry_operation   x,y,z 
_pdbx_struct_oper_list.matrix[1][1]         1.0000000000 
_pdbx_struct_oper_list.matrix[1][2]         0.0000000000 
_pdbx_struct_oper_list.matrix[1][3]         0.0000000000 
_pdbx_struct_oper_list.vector[1]            0.0000000000 
_pdbx_struct_oper_list.matrix[2][1]         0.0000000000 
_pdbx_struct_oper_list.matrix[2][2]         1.0000000000 
_pdbx_struct_oper_list.matrix[2][3]         0.0000000000 
_pdbx_struct_oper_list.vector[2]            0.0000000000 
_pdbx_struct_oper_list.matrix[3][1]         0.0000000000 
_pdbx_struct_oper_list.matrix[3][2]         0.0000000000 
_pdbx_struct_oper_list.matrix[3][3]         1.0000000000 
_pdbx_struct_oper_list.vector[3]            0.0000000000 
# 
loop_
_struct_conf.conf_type_id 
_struct_conf.id 
_struct_conf.pdbx_PDB_helix_id 
_struct_conf.beg_label_comp_id 
_struct_conf.beg_label_asym_id 
_struct_conf.beg_label_seq_id 
_struct_conf.pdbx_beg_PDB_ins_code 
_struct_conf.end_label_comp_id 
_struct_conf.end_label_asym_id 
_struct_conf.end_label_seq_id 
_struct_conf.pdbx_end_PDB_ins_code 
_struct_conf.beg_auth_comp_id 
_struct_conf.beg_auth_asym_id 
_struct_conf.beg_auth_seq_id 
_struct_conf.end_auth_comp_id 
_struct_conf.end_auth_asym_id 
_struct_conf.end_auth_seq_id 
_struct_conf.pdbx_PDB_helix_class 
_struct_conf.details 
_struct_conf.pdbx_PDB_helix_length 
HELX_P HELX_P1 AA1 LYS A 25 ? CYS A 30 ? LYS A 24 CYS A 29 1 ? 6 
HELX_P HELX_P2 AA2 ASN A 41 ? GLN A 44 ? ASN A 40 GLN A 43 5 ? 4 
# 
_struct_conf_type.id          HELX_P 
_struct_conf_type.criteria    ? 
_struct_conf_type.reference   ? 
# 
loop_
_struct_sheet.id 
_struct_sheet.type 
_struct_sheet.number_strands 
_struct_sheet.details 
AA1 ? 5 ? 
AA2 ? 2 ? 
# 
loop_
_struct_sheet_order.sheet_id 
_struct_sheet_order.range_id_1 
_struct_sheet_order.range_id_2 
_struct_sheet_order.offset 
_struct_sheet_order.sense 
AA1 1 2 ? anti-parallel 
AA1 2 3 ? anti-parallel 
AA1 3 4 ? anti-parallel 
AA1 4 5 ? anti-parallel 
AA2 1 2 ? anti-parallel 
# 
loop_
_struct_sheet_range.sheet_id 
_struct_sheet_range.id 
_struct_sheet_range.beg_label_comp_id 
_struct_sheet_range.beg_label_asym_id 
_struct_sheet_range.beg_label_seq_id 
_struct_sheet_range.pdbx_beg_PDB_ins_code 
_struct_sheet_range.end_label_comp_id 
_struct_sheet_range.end_label_asym_id 
_struct_sheet_range.end_label_seq_id 
_struct_sheet_range.pdbx_end_PDB_ins_code 
_struct_sheet_range.beg_auth_comp_id 
_struct_sheet_range.beg_auth_asym_id 
_struct_sheet_range.beg_auth_seq_id 
_struct_sheet_range.end_auth_comp_id 
_struct_sheet_range.end_auth_asym_id 
_struct_sheet_range.end_auth_seq_id 
AA1 1 VAL A 91  ? ALA A 95  ? VAL A 90  ALA A 94  
AA1 2 ILE A 46  ? ARG A 51  ? ILE A 45  ARG A 50  
AA1 3 ARG A 68  ? PHE A 73  ? ARG A 67  PHE A 72  
AA1 4 ILE A 18  ? LEU A 20  ? ILE A 17  LEU A 19  
AA1 5 PHE A 128 ? GLN A 129 ? PHE A 127 GLN A 128 
AA2 1 TYR A 55  ? VAL A 58  ? TYR A 54  VAL A 57  
AA2 2 GLN A 61  ? GLU A 64  ? GLN A 60  GLU A 63  
# 
loop_
_pdbx_struct_sheet_hbond.sheet_id 
_pdbx_struct_sheet_hbond.range_id_1 
_pdbx_struct_sheet_hbond.range_id_2 
_pdbx_struct_sheet_hbond.range_1_label_atom_id 
_pdbx_struct_sheet_hbond.range_1_label_comp_id 
_pdbx_struct_sheet_hbond.range_1_label_asym_id 
_pdbx_struct_sheet_hbond.range_1_label_seq_id 
_pdbx_struct_sheet_hbond.range_1_PDB_ins_code 
_pdbx_struct_sheet_hbond.range_1_auth_atom_id 
_pdbx_struct_sheet_hbond.range_1_auth_comp_id 
_pdbx_struct_sheet_hbond.range_1_auth_asym_id 
_pdbx_struct_sheet_hbond.range_1_auth_seq_id 
_pdbx_struct_sheet_hbond.range_2_label_atom_id 
_pdbx_struct_sheet_hbond.range_2_label_comp_id 
_pdbx_struct_sheet_hbond.range_2_label_asym_id 
_pdbx_struct_sheet_hbond.range_2_label_seq_id 
_pdbx_struct_sheet_hbond.range_2_PDB_ins_code 
_pdbx_struct_sheet_hbond.range_2_auth_atom_id 
_pdbx_struct_sheet_hbond.range_2_auth_comp_id 
_pdbx_struct_sheet_hbond.range_2_auth_asym_id 
_pdbx_struct_sheet_hbond.range_2_auth_seq_id 
AA1 1 2 O VAL A 94 ? O VAL A 93 N GLY A 47  ? N GLY A 46  
AA1 2 3 N TYR A 48 ? N TYR A 47 O TYR A 72  ? O TYR A 71  
AA1 3 4 O TRP A 69 ? O TRP A 68 N ILE A 18  ? N ILE A 17  
AA1 4 5 N THR A 19 ? N THR A 18 O GLN A 129 ? O GLN A 128 
AA2 1 2 N VAL A 58 ? N VAL A 57 O GLN A 61  ? O GLN A 60  
# 
_pdbx_entry_details.entry_id                   8K75 
_pdbx_entry_details.compound_details           ? 
_pdbx_entry_details.source_details             ? 
_pdbx_entry_details.nonpolymer_details         ? 
_pdbx_entry_details.sequence_details           ? 
_pdbx_entry_details.has_ligand_of_interest     ? 
_pdbx_entry_details.has_protein_modification   N 
# 
_pdbx_validate_torsion.id              1 
_pdbx_validate_torsion.PDB_model_num   1 
_pdbx_validate_torsion.auth_comp_id    LEU 
_pdbx_validate_torsion.auth_asym_id    A 
_pdbx_validate_torsion.auth_seq_id     129 
_pdbx_validate_torsion.PDB_ins_code    ? 
_pdbx_validate_torsion.label_alt_id    ? 
_pdbx_validate_torsion.phi             -107.03 
_pdbx_validate_torsion.psi             78.67 
# 
loop_
_pdbx_unobs_or_zero_occ_residues.id 
_pdbx_unobs_or_zero_occ_residues.PDB_model_num 
_pdbx_unobs_or_zero_occ_residues.polymer_flag 
_pdbx_unobs_or_zero_occ_residues.occupancy_flag 
_pdbx_unobs_or_zero_occ_residues.auth_asym_id 
_pdbx_unobs_or_zero_occ_residues.auth_comp_id 
_pdbx_unobs_or_zero_occ_residues.auth_seq_id 
_pdbx_unobs_or_zero_occ_residues.PDB_ins_code 
_pdbx_unobs_or_zero_occ_residues.label_asym_id 
_pdbx_unobs_or_zero_occ_residues.label_comp_id 
_pdbx_unobs_or_zero_occ_residues.label_seq_id 
1  1 Y 1 A MET 0   ? A MET 1   
2  1 Y 1 A SER 1   ? A SER 2   
3  1 Y 1 A ARG 2   ? A ARG 3   
4  1 Y 1 A GLY 3   ? A GLY 4   
5  1 Y 1 A ARG 4   ? A ARG 5   
6  1 Y 1 A LYS 5   ? A LYS 6   
7  1 Y 1 A ASN 6   ? A ASN 7   
8  1 Y 1 A ASN 7   ? A ASN 8   
9  1 Y 1 A ASP 8   ? A ASP 9   
10 1 Y 1 A HIS 133 ? A HIS 134 
11 1 Y 1 A HIS 134 ? A HIS 135 
12 1 Y 1 A HIS 135 ? A HIS 136 
13 1 Y 1 A HIS 136 ? A HIS 137 
14 1 Y 1 A HIS 137 ? A HIS 138 
15 1 Y 1 A HIS 138 ? A HIS 139 
16 1 Y 1 A HIS 139 ? A HIS 140 
17 1 Y 1 A HIS 140 ? A HIS 141 
# 
loop_
_chem_comp_atom.comp_id 
_chem_comp_atom.atom_id 
_chem_comp_atom.type_symbol 
_chem_comp_atom.pdbx_aromatic_flag 
_chem_comp_atom.pdbx_stereo_config 
_chem_comp_atom.pdbx_ordinal 
ALA N    N N N 1   
ALA CA   C N S 2   
ALA C    C N N 3   
ALA O    O N N 4   
ALA CB   C N N 5   
ALA OXT  O N N 6   
ALA H    H N N 7   
ALA H2   H N N 8   
ALA HA   H N N 9   
ALA HB1  H N N 10  
ALA HB2  H N N 11  
ALA HB3  H N N 12  
ALA HXT  H N N 13  
ARG N    N N N 14  
ARG CA   C N S 15  
ARG C    C N N 16  
ARG O    O N N 17  
ARG CB   C N N 18  
ARG CG   C N N 19  
ARG CD   C N N 20  
ARG NE   N N N 21  
ARG CZ   C N N 22  
ARG NH1  N N N 23  
ARG NH2  N N N 24  
ARG OXT  O N N 25  
ARG H    H N N 26  
ARG H2   H N N 27  
ARG HA   H N N 28  
ARG HB2  H N N 29  
ARG HB3  H N N 30  
ARG HG2  H N N 31  
ARG HG3  H N N 32  
ARG HD2  H N N 33  
ARG HD3  H N N 34  
ARG HE   H N N 35  
ARG HH11 H N N 36  
ARG HH12 H N N 37  
ARG HH21 H N N 38  
ARG HH22 H N N 39  
ARG HXT  H N N 40  
ASN N    N N N 41  
ASN CA   C N S 42  
ASN C    C N N 43  
ASN O    O N N 44  
ASN CB   C N N 45  
ASN CG   C N N 46  
ASN OD1  O N N 47  
ASN ND2  N N N 48  
ASN OXT  O N N 49  
ASN H    H N N 50  
ASN H2   H N N 51  
ASN HA   H N N 52  
ASN HB2  H N N 53  
ASN HB3  H N N 54  
ASN HD21 H N N 55  
ASN HD22 H N N 56  
ASN HXT  H N N 57  
ASP N    N N N 58  
ASP CA   C N S 59  
ASP C    C N N 60  
ASP O    O N N 61  
ASP CB   C N N 62  
ASP CG   C N N 63  
ASP OD1  O N N 64  
ASP OD2  O N N 65  
ASP OXT  O N N 66  
ASP H    H N N 67  
ASP H2   H N N 68  
ASP HA   H N N 69  
ASP HB2  H N N 70  
ASP HB3  H N N 71  
ASP HD2  H N N 72  
ASP HXT  H N N 73  
CYS N    N N N 74  
CYS CA   C N R 75  
CYS C    C N N 76  
CYS O    O N N 77  
CYS CB   C N N 78  
CYS SG   S N N 79  
CYS OXT  O N N 80  
CYS H    H N N 81  
CYS H2   H N N 82  
CYS HA   H N N 83  
CYS HB2  H N N 84  
CYS HB3  H N N 85  
CYS HG   H N N 86  
CYS HXT  H N N 87  
GLN N    N N N 88  
GLN CA   C N S 89  
GLN C    C N N 90  
GLN O    O N N 91  
GLN CB   C N N 92  
GLN CG   C N N 93  
GLN CD   C N N 94  
GLN OE1  O N N 95  
GLN NE2  N N N 96  
GLN OXT  O N N 97  
GLN H    H N N 98  
GLN H2   H N N 99  
GLN HA   H N N 100 
GLN HB2  H N N 101 
GLN HB3  H N N 102 
GLN HG2  H N N 103 
GLN HG3  H N N 104 
GLN HE21 H N N 105 
GLN HE22 H N N 106 
GLN HXT  H N N 107 
GLU N    N N N 108 
GLU CA   C N S 109 
GLU C    C N N 110 
GLU O    O N N 111 
GLU CB   C N N 112 
GLU CG   C N N 113 
GLU CD   C N N 114 
GLU OE1  O N N 115 
GLU OE2  O N N 116 
GLU OXT  O N N 117 
GLU H    H N N 118 
GLU H2   H N N 119 
GLU HA   H N N 120 
GLU HB2  H N N 121 
GLU HB3  H N N 122 
GLU HG2  H N N 123 
GLU HG3  H N N 124 
GLU HE2  H N N 125 
GLU HXT  H N N 126 
GLY N    N N N 127 
GLY CA   C N N 128 
GLY C    C N N 129 
GLY O    O N N 130 
GLY OXT  O N N 131 
GLY H    H N N 132 
GLY H2   H N N 133 
GLY HA2  H N N 134 
GLY HA3  H N N 135 
GLY HXT  H N N 136 
HIS N    N N N 137 
HIS CA   C N S 138 
HIS C    C N N 139 
HIS O    O N N 140 
HIS CB   C N N 141 
HIS CG   C Y N 142 
HIS ND1  N Y N 143 
HIS CD2  C Y N 144 
HIS CE1  C Y N 145 
HIS NE2  N Y N 146 
HIS OXT  O N N 147 
HIS H    H N N 148 
HIS H2   H N N 149 
HIS HA   H N N 150 
HIS HB2  H N N 151 
HIS HB3  H N N 152 
HIS HD1  H N N 153 
HIS HD2  H N N 154 
HIS HE1  H N N 155 
HIS HE2  H N N 156 
HIS HXT  H N N 157 
HOH O    O N N 158 
HOH H1   H N N 159 
HOH H2   H N N 160 
ILE N    N N N 161 
ILE CA   C N S 162 
ILE C    C N N 163 
ILE O    O N N 164 
ILE CB   C N S 165 
ILE CG1  C N N 166 
ILE CG2  C N N 167 
ILE CD1  C N N 168 
ILE OXT  O N N 169 
ILE H    H N N 170 
ILE H2   H N N 171 
ILE HA   H N N 172 
ILE HB   H N N 173 
ILE HG12 H N N 174 
ILE HG13 H N N 175 
ILE HG21 H N N 176 
ILE HG22 H N N 177 
ILE HG23 H N N 178 
ILE HD11 H N N 179 
ILE HD12 H N N 180 
ILE HD13 H N N 181 
ILE HXT  H N N 182 
LEU N    N N N 183 
LEU CA   C N S 184 
LEU C    C N N 185 
LEU O    O N N 186 
LEU CB   C N N 187 
LEU CG   C N N 188 
LEU CD1  C N N 189 
LEU CD2  C N N 190 
LEU OXT  O N N 191 
LEU H    H N N 192 
LEU H2   H N N 193 
LEU HA   H N N 194 
LEU HB2  H N N 195 
LEU HB3  H N N 196 
LEU HG   H N N 197 
LEU HD11 H N N 198 
LEU HD12 H N N 199 
LEU HD13 H N N 200 
LEU HD21 H N N 201 
LEU HD22 H N N 202 
LEU HD23 H N N 203 
LEU HXT  H N N 204 
LYS N    N N N 205 
LYS CA   C N S 206 
LYS C    C N N 207 
LYS O    O N N 208 
LYS CB   C N N 209 
LYS CG   C N N 210 
LYS CD   C N N 211 
LYS CE   C N N 212 
LYS NZ   N N N 213 
LYS OXT  O N N 214 
LYS H    H N N 215 
LYS H2   H N N 216 
LYS HA   H N N 217 
LYS HB2  H N N 218 
LYS HB3  H N N 219 
LYS HG2  H N N 220 
LYS HG3  H N N 221 
LYS HD2  H N N 222 
LYS HD3  H N N 223 
LYS HE2  H N N 224 
LYS HE3  H N N 225 
LYS HZ1  H N N 226 
LYS HZ2  H N N 227 
LYS HZ3  H N N 228 
LYS HXT  H N N 229 
MET N    N N N 230 
MET CA   C N S 231 
MET C    C N N 232 
MET O    O N N 233 
MET CB   C N N 234 
MET CG   C N N 235 
MET SD   S N N 236 
MET CE   C N N 237 
MET OXT  O N N 238 
MET H    H N N 239 
MET H2   H N N 240 
MET HA   H N N 241 
MET HB2  H N N 242 
MET HB3  H N N 243 
MET HG2  H N N 244 
MET HG3  H N N 245 
MET HE1  H N N 246 
MET HE2  H N N 247 
MET HE3  H N N 248 
MET HXT  H N N 249 
PHE N    N N N 250 
PHE CA   C N S 251 
PHE C    C N N 252 
PHE O    O N N 253 
PHE CB   C N N 254 
PHE CG   C Y N 255 
PHE CD1  C Y N 256 
PHE CD2  C Y N 257 
PHE CE1  C Y N 258 
PHE CE2  C Y N 259 
PHE CZ   C Y N 260 
PHE OXT  O N N 261 
PHE H    H N N 262 
PHE H2   H N N 263 
PHE HA   H N N 264 
PHE HB2  H N N 265 
PHE HB3  H N N 266 
PHE HD1  H N N 267 
PHE HD2  H N N 268 
PHE HE1  H N N 269 
PHE HE2  H N N 270 
PHE HZ   H N N 271 
PHE HXT  H N N 272 
PRO N    N N N 273 
PRO CA   C N S 274 
PRO C    C N N 275 
PRO O    O N N 276 
PRO CB   C N N 277 
PRO CG   C N N 278 
PRO CD   C N N 279 
PRO OXT  O N N 280 
PRO H    H N N 281 
PRO HA   H N N 282 
PRO HB2  H N N 283 
PRO HB3  H N N 284 
PRO HG2  H N N 285 
PRO HG3  H N N 286 
PRO HD2  H N N 287 
PRO HD3  H N N 288 
PRO HXT  H N N 289 
SER N    N N N 290 
SER CA   C N S 291 
SER C    C N N 292 
SER O    O N N 293 
SER CB   C N N 294 
SER OG   O N N 295 
SER OXT  O N N 296 
SER H    H N N 297 
SER H2   H N N 298 
SER HA   H N N 299 
SER HB2  H N N 300 
SER HB3  H N N 301 
SER HG   H N N 302 
SER HXT  H N N 303 
THR N    N N N 304 
THR CA   C N S 305 
THR C    C N N 306 
THR O    O N N 307 
THR CB   C N R 308 
THR OG1  O N N 309 
THR CG2  C N N 310 
THR OXT  O N N 311 
THR H    H N N 312 
THR H2   H N N 313 
THR HA   H N N 314 
THR HB   H N N 315 
THR HG1  H N N 316 
THR HG21 H N N 317 
THR HG22 H N N 318 
THR HG23 H N N 319 
THR HXT  H N N 320 
TRP N    N N N 321 
TRP CA   C N S 322 
TRP C    C N N 323 
TRP O    O N N 324 
TRP CB   C N N 325 
TRP CG   C Y N 326 
TRP CD1  C Y N 327 
TRP CD2  C Y N 328 
TRP NE1  N Y N 329 
TRP CE2  C Y N 330 
TRP CE3  C Y N 331 
TRP CZ2  C Y N 332 
TRP CZ3  C Y N 333 
TRP CH2  C Y N 334 
TRP OXT  O N N 335 
TRP H    H N N 336 
TRP H2   H N N 337 
TRP HA   H N N 338 
TRP HB2  H N N 339 
TRP HB3  H N N 340 
TRP HD1  H N N 341 
TRP HE1  H N N 342 
TRP HE3  H N N 343 
TRP HZ2  H N N 344 
TRP HZ3  H N N 345 
TRP HH2  H N N 346 
TRP HXT  H N N 347 
TYR N    N N N 348 
TYR CA   C N S 349 
TYR C    C N N 350 
TYR O    O N N 351 
TYR CB   C N N 352 
TYR CG   C Y N 353 
TYR CD1  C Y N 354 
TYR CD2  C Y N 355 
TYR CE1  C Y N 356 
TYR CE2  C Y N 357 
TYR CZ   C Y N 358 
TYR OH   O N N 359 
TYR OXT  O N N 360 
TYR H    H N N 361 
TYR H2   H N N 362 
TYR HA   H N N 363 
TYR HB2  H N N 364 
TYR HB3  H N N 365 
TYR HD1  H N N 366 
TYR HD2  H N N 367 
TYR HE1  H N N 368 
TYR HE2  H N N 369 
TYR HH   H N N 370 
TYR HXT  H N N 371 
VAL N    N N N 372 
VAL CA   C N S 373 
VAL C    C N N 374 
VAL O    O N N 375 
VAL CB   C N N 376 
VAL CG1  C N N 377 
VAL CG2  C N N 378 
VAL OXT  O N N 379 
VAL H    H N N 380 
VAL H2   H N N 381 
VAL HA   H N N 382 
VAL HB   H N N 383 
VAL HG11 H N N 384 
VAL HG12 H N N 385 
VAL HG13 H N N 386 
VAL HG21 H N N 387 
VAL HG22 H N N 388 
VAL HG23 H N N 389 
VAL HXT  H N N 390 
# 
loop_
_chem_comp_bond.comp_id 
_chem_comp_bond.atom_id_1 
_chem_comp_bond.atom_id_2 
_chem_comp_bond.value_order 
_chem_comp_bond.pdbx_aromatic_flag 
_chem_comp_bond.pdbx_stereo_config 
_chem_comp_bond.pdbx_ordinal 
ALA N   CA   sing N N 1   
ALA N   H    sing N N 2   
ALA N   H2   sing N N 3   
ALA CA  C    sing N N 4   
ALA CA  CB   sing N N 5   
ALA CA  HA   sing N N 6   
ALA C   O    doub N N 7   
ALA C   OXT  sing N N 8   
ALA CB  HB1  sing N N 9   
ALA CB  HB2  sing N N 10  
ALA CB  HB3  sing N N 11  
ALA OXT HXT  sing N N 12  
ARG N   CA   sing N N 13  
ARG N   H    sing N N 14  
ARG N   H2   sing N N 15  
ARG CA  C    sing N N 16  
ARG CA  CB   sing N N 17  
ARG CA  HA   sing N N 18  
ARG C   O    doub N N 19  
ARG C   OXT  sing N N 20  
ARG CB  CG   sing N N 21  
ARG CB  HB2  sing N N 22  
ARG CB  HB3  sing N N 23  
ARG CG  CD   sing N N 24  
ARG CG  HG2  sing N N 25  
ARG CG  HG3  sing N N 26  
ARG CD  NE   sing N N 27  
ARG CD  HD2  sing N N 28  
ARG CD  HD3  sing N N 29  
ARG NE  CZ   sing N N 30  
ARG NE  HE   sing N N 31  
ARG CZ  NH1  sing N N 32  
ARG CZ  NH2  doub N N 33  
ARG NH1 HH11 sing N N 34  
ARG NH1 HH12 sing N N 35  
ARG NH2 HH21 sing N N 36  
ARG NH2 HH22 sing N N 37  
ARG OXT HXT  sing N N 38  
ASN N   CA   sing N N 39  
ASN N   H    sing N N 40  
ASN N   H2   sing N N 41  
ASN CA  C    sing N N 42  
ASN CA  CB   sing N N 43  
ASN CA  HA   sing N N 44  
ASN C   O    doub N N 45  
ASN C   OXT  sing N N 46  
ASN CB  CG   sing N N 47  
ASN CB  HB2  sing N N 48  
ASN CB  HB3  sing N N 49  
ASN CG  OD1  doub N N 50  
ASN CG  ND2  sing N N 51  
ASN ND2 HD21 sing N N 52  
ASN ND2 HD22 sing N N 53  
ASN OXT HXT  sing N N 54  
ASP N   CA   sing N N 55  
ASP N   H    sing N N 56  
ASP N   H2   sing N N 57  
ASP CA  C    sing N N 58  
ASP CA  CB   sing N N 59  
ASP CA  HA   sing N N 60  
ASP C   O    doub N N 61  
ASP C   OXT  sing N N 62  
ASP CB  CG   sing N N 63  
ASP CB  HB2  sing N N 64  
ASP CB  HB3  sing N N 65  
ASP CG  OD1  doub N N 66  
ASP CG  OD2  sing N N 67  
ASP OD2 HD2  sing N N 68  
ASP OXT HXT  sing N N 69  
CYS N   CA   sing N N 70  
CYS N   H    sing N N 71  
CYS N   H2   sing N N 72  
CYS CA  C    sing N N 73  
CYS CA  CB   sing N N 74  
CYS CA  HA   sing N N 75  
CYS C   O    doub N N 76  
CYS C   OXT  sing N N 77  
CYS CB  SG   sing N N 78  
CYS CB  HB2  sing N N 79  
CYS CB  HB3  sing N N 80  
CYS SG  HG   sing N N 81  
CYS OXT HXT  sing N N 82  
GLN N   CA   sing N N 83  
GLN N   H    sing N N 84  
GLN N   H2   sing N N 85  
GLN CA  C    sing N N 86  
GLN CA  CB   sing N N 87  
GLN CA  HA   sing N N 88  
GLN C   O    doub N N 89  
GLN C   OXT  sing N N 90  
GLN CB  CG   sing N N 91  
GLN CB  HB2  sing N N 92  
GLN CB  HB3  sing N N 93  
GLN CG  CD   sing N N 94  
GLN CG  HG2  sing N N 95  
GLN CG  HG3  sing N N 96  
GLN CD  OE1  doub N N 97  
GLN CD  NE2  sing N N 98  
GLN NE2 HE21 sing N N 99  
GLN NE2 HE22 sing N N 100 
GLN OXT HXT  sing N N 101 
GLU N   CA   sing N N 102 
GLU N   H    sing N N 103 
GLU N   H2   sing N N 104 
GLU CA  C    sing N N 105 
GLU CA  CB   sing N N 106 
GLU CA  HA   sing N N 107 
GLU C   O    doub N N 108 
GLU C   OXT  sing N N 109 
GLU CB  CG   sing N N 110 
GLU CB  HB2  sing N N 111 
GLU CB  HB3  sing N N 112 
GLU CG  CD   sing N N 113 
GLU CG  HG2  sing N N 114 
GLU CG  HG3  sing N N 115 
GLU CD  OE1  doub N N 116 
GLU CD  OE2  sing N N 117 
GLU OE2 HE2  sing N N 118 
GLU OXT HXT  sing N N 119 
GLY N   CA   sing N N 120 
GLY N   H    sing N N 121 
GLY N   H2   sing N N 122 
GLY CA  C    sing N N 123 
GLY CA  HA2  sing N N 124 
GLY CA  HA3  sing N N 125 
GLY C   O    doub N N 126 
GLY C   OXT  sing N N 127 
GLY OXT HXT  sing N N 128 
HIS N   CA   sing N N 129 
HIS N   H    sing N N 130 
HIS N   H2   sing N N 131 
HIS CA  C    sing N N 132 
HIS CA  CB   sing N N 133 
HIS CA  HA   sing N N 134 
HIS C   O    doub N N 135 
HIS C   OXT  sing N N 136 
HIS CB  CG   sing N N 137 
HIS CB  HB2  sing N N 138 
HIS CB  HB3  sing N N 139 
HIS CG  ND1  sing Y N 140 
HIS CG  CD2  doub Y N 141 
HIS ND1 CE1  doub Y N 142 
HIS ND1 HD1  sing N N 143 
HIS CD2 NE2  sing Y N 144 
HIS CD2 HD2  sing N N 145 
HIS CE1 NE2  sing Y N 146 
HIS CE1 HE1  sing N N 147 
HIS NE2 HE2  sing N N 148 
HIS OXT HXT  sing N N 149 
HOH O   H1   sing N N 150 
HOH O   H2   sing N N 151 
ILE N   CA   sing N N 152 
ILE N   H    sing N N 153 
ILE N   H2   sing N N 154 
ILE CA  C    sing N N 155 
ILE CA  CB   sing N N 156 
ILE CA  HA   sing N N 157 
ILE C   O    doub N N 158 
ILE C   OXT  sing N N 159 
ILE CB  CG1  sing N N 160 
ILE CB  CG2  sing N N 161 
ILE CB  HB   sing N N 162 
ILE CG1 CD1  sing N N 163 
ILE CG1 HG12 sing N N 164 
ILE CG1 HG13 sing N N 165 
ILE CG2 HG21 sing N N 166 
ILE CG2 HG22 sing N N 167 
ILE CG2 HG23 sing N N 168 
ILE CD1 HD11 sing N N 169 
ILE CD1 HD12 sing N N 170 
ILE CD1 HD13 sing N N 171 
ILE OXT HXT  sing N N 172 
LEU N   CA   sing N N 173 
LEU N   H    sing N N 174 
LEU N   H2   sing N N 175 
LEU CA  C    sing N N 176 
LEU CA  CB   sing N N 177 
LEU CA  HA   sing N N 178 
LEU C   O    doub N N 179 
LEU C   OXT  sing N N 180 
LEU CB  CG   sing N N 181 
LEU CB  HB2  sing N N 182 
LEU CB  HB3  sing N N 183 
LEU CG  CD1  sing N N 184 
LEU CG  CD2  sing N N 185 
LEU CG  HG   sing N N 186 
LEU CD1 HD11 sing N N 187 
LEU CD1 HD12 sing N N 188 
LEU CD1 HD13 sing N N 189 
LEU CD2 HD21 sing N N 190 
LEU CD2 HD22 sing N N 191 
LEU CD2 HD23 sing N N 192 
LEU OXT HXT  sing N N 193 
LYS N   CA   sing N N 194 
LYS N   H    sing N N 195 
LYS N   H2   sing N N 196 
LYS CA  C    sing N N 197 
LYS CA  CB   sing N N 198 
LYS CA  HA   sing N N 199 
LYS C   O    doub N N 200 
LYS C   OXT  sing N N 201 
LYS CB  CG   sing N N 202 
LYS CB  HB2  sing N N 203 
LYS CB  HB3  sing N N 204 
LYS CG  CD   sing N N 205 
LYS CG  HG2  sing N N 206 
LYS CG  HG3  sing N N 207 
LYS CD  CE   sing N N 208 
LYS CD  HD2  sing N N 209 
LYS CD  HD3  sing N N 210 
LYS CE  NZ   sing N N 211 
LYS CE  HE2  sing N N 212 
LYS CE  HE3  sing N N 213 
LYS NZ  HZ1  sing N N 214 
LYS NZ  HZ2  sing N N 215 
LYS NZ  HZ3  sing N N 216 
LYS OXT HXT  sing N N 217 
MET N   CA   sing N N 218 
MET N   H    sing N N 219 
MET N   H2   sing N N 220 
MET CA  C    sing N N 221 
MET CA  CB   sing N N 222 
MET CA  HA   sing N N 223 
MET C   O    doub N N 224 
MET C   OXT  sing N N 225 
MET CB  CG   sing N N 226 
MET CB  HB2  sing N N 227 
MET CB  HB3  sing N N 228 
MET CG  SD   sing N N 229 
MET CG  HG2  sing N N 230 
MET CG  HG3  sing N N 231 
MET SD  CE   sing N N 232 
MET CE  HE1  sing N N 233 
MET CE  HE2  sing N N 234 
MET CE  HE3  sing N N 235 
MET OXT HXT  sing N N 236 
PHE N   CA   sing N N 237 
PHE N   H    sing N N 238 
PHE N   H2   sing N N 239 
PHE CA  C    sing N N 240 
PHE CA  CB   sing N N 241 
PHE CA  HA   sing N N 242 
PHE C   O    doub N N 243 
PHE C   OXT  sing N N 244 
PHE CB  CG   sing N N 245 
PHE CB  HB2  sing N N 246 
PHE CB  HB3  sing N N 247 
PHE CG  CD1  doub Y N 248 
PHE CG  CD2  sing Y N 249 
PHE CD1 CE1  sing Y N 250 
PHE CD1 HD1  sing N N 251 
PHE CD2 CE2  doub Y N 252 
PHE CD2 HD2  sing N N 253 
PHE CE1 CZ   doub Y N 254 
PHE CE1 HE1  sing N N 255 
PHE CE2 CZ   sing Y N 256 
PHE CE2 HE2  sing N N 257 
PHE CZ  HZ   sing N N 258 
PHE OXT HXT  sing N N 259 
PRO N   CA   sing N N 260 
PRO N   CD   sing N N 261 
PRO N   H    sing N N 262 
PRO CA  C    sing N N 263 
PRO CA  CB   sing N N 264 
PRO CA  HA   sing N N 265 
PRO C   O    doub N N 266 
PRO C   OXT  sing N N 267 
PRO CB  CG   sing N N 268 
PRO CB  HB2  sing N N 269 
PRO CB  HB3  sing N N 270 
PRO CG  CD   sing N N 271 
PRO CG  HG2  sing N N 272 
PRO CG  HG3  sing N N 273 
PRO CD  HD2  sing N N 274 
PRO CD  HD3  sing N N 275 
PRO OXT HXT  sing N N 276 
SER N   CA   sing N N 277 
SER N   H    sing N N 278 
SER N   H2   sing N N 279 
SER CA  C    sing N N 280 
SER CA  CB   sing N N 281 
SER CA  HA   sing N N 282 
SER C   O    doub N N 283 
SER C   OXT  sing N N 284 
SER CB  OG   sing N N 285 
SER CB  HB2  sing N N 286 
SER CB  HB3  sing N N 287 
SER OG  HG   sing N N 288 
SER OXT HXT  sing N N 289 
THR N   CA   sing N N 290 
THR N   H    sing N N 291 
THR N   H2   sing N N 292 
THR CA  C    sing N N 293 
THR CA  CB   sing N N 294 
THR CA  HA   sing N N 295 
THR C   O    doub N N 296 
THR C   OXT  sing N N 297 
THR CB  OG1  sing N N 298 
THR CB  CG2  sing N N 299 
THR CB  HB   sing N N 300 
THR OG1 HG1  sing N N 301 
THR CG2 HG21 sing N N 302 
THR CG2 HG22 sing N N 303 
THR CG2 HG23 sing N N 304 
THR OXT HXT  sing N N 305 
TRP N   CA   sing N N 306 
TRP N   H    sing N N 307 
TRP N   H2   sing N N 308 
TRP CA  C    sing N N 309 
TRP CA  CB   sing N N 310 
TRP CA  HA   sing N N 311 
TRP C   O    doub N N 312 
TRP C   OXT  sing N N 313 
TRP CB  CG   sing N N 314 
TRP CB  HB2  sing N N 315 
TRP CB  HB3  sing N N 316 
TRP CG  CD1  doub Y N 317 
TRP CG  CD2  sing Y N 318 
TRP CD1 NE1  sing Y N 319 
TRP CD1 HD1  sing N N 320 
TRP CD2 CE2  doub Y N 321 
TRP CD2 CE3  sing Y N 322 
TRP NE1 CE2  sing Y N 323 
TRP NE1 HE1  sing N N 324 
TRP CE2 CZ2  sing Y N 325 
TRP CE3 CZ3  doub Y N 326 
TRP CE3 HE3  sing N N 327 
TRP CZ2 CH2  doub Y N 328 
TRP CZ2 HZ2  sing N N 329 
TRP CZ3 CH2  sing Y N 330 
TRP CZ3 HZ3  sing N N 331 
TRP CH2 HH2  sing N N 332 
TRP OXT HXT  sing N N 333 
TYR N   CA   sing N N 334 
TYR N   H    sing N N 335 
TYR N   H2   sing N N 336 
TYR CA  C    sing N N 337 
TYR CA  CB   sing N N 338 
TYR CA  HA   sing N N 339 
TYR C   O    doub N N 340 
TYR C   OXT  sing N N 341 
TYR CB  CG   sing N N 342 
TYR CB  HB2  sing N N 343 
TYR CB  HB3  sing N N 344 
TYR CG  CD1  doub Y N 345 
TYR CG  CD2  sing Y N 346 
TYR CD1 CE1  sing Y N 347 
TYR CD1 HD1  sing N N 348 
TYR CD2 CE2  doub Y N 349 
TYR CD2 HD2  sing N N 350 
TYR CE1 CZ   doub Y N 351 
TYR CE1 HE1  sing N N 352 
TYR CE2 CZ   sing Y N 353 
TYR CE2 HE2  sing N N 354 
TYR CZ  OH   sing N N 355 
TYR OH  HH   sing N N 356 
TYR OXT HXT  sing N N 357 
VAL N   CA   sing N N 358 
VAL N   H    sing N N 359 
VAL N   H2   sing N N 360 
VAL CA  C    sing N N 361 
VAL CA  CB   sing N N 362 
VAL CA  HA   sing N N 363 
VAL C   O    doub N N 364 
VAL C   OXT  sing N N 365 
VAL CB  CG1  sing N N 366 
VAL CB  CG2  sing N N 367 
VAL CB  HB   sing N N 368 
VAL CG1 HG11 sing N N 369 
VAL CG1 HG12 sing N N 370 
VAL CG1 HG13 sing N N 371 
VAL CG2 HG21 sing N N 372 
VAL CG2 HG22 sing N N 373 
VAL CG2 HG23 sing N N 374 
VAL OXT HXT  sing N N 375 
# 
_pdbx_audit_support.funding_organization   'National Natural Science Foundation of China (NSFC)' 
_pdbx_audit_support.country                China 
_pdbx_audit_support.grant_number           ? 
_pdbx_audit_support.ordinal                1 
# 
_pdbx_initial_refinement_model.id               1 
_pdbx_initial_refinement_model.entity_id_list   ? 
_pdbx_initial_refinement_model.type             other 
_pdbx_initial_refinement_model.source_name      AlphaFold 
_pdbx_initial_refinement_model.accession_code   ? 
_pdbx_initial_refinement_model.details          ? 
# 
_atom_sites.entry_id                    8K75 
_atom_sites.Cartn_transf_matrix[1][1]   ? 
_atom_sites.Cartn_transf_matrix[1][2]   ? 
_atom_sites.Cartn_transf_matrix[1][3]   ? 
_atom_sites.Cartn_transf_matrix[2][1]   ? 
_atom_sites.Cartn_transf_matrix[2][2]   ? 
_atom_sites.Cartn_transf_matrix[2][3]   ? 
_atom_sites.Cartn_transf_matrix[3][1]   ? 
_atom_sites.Cartn_transf_matrix[3][2]   ? 
_atom_sites.Cartn_transf_matrix[3][3]   ? 
_atom_sites.Cartn_transf_vector[1]      ? 
_atom_sites.Cartn_transf_vector[2]      ? 
_atom_sites.Cartn_transf_vector[3]      ? 
_atom_sites.fract_transf_matrix[1][1]   -0.02981092 
_atom_sites.fract_transf_matrix[1][2]   0.01816350 
_atom_sites.fract_transf_matrix[1][3]   -0.00362086 
_atom_sites.fract_transf_matrix[2][1]   -0.00285306 
_atom_sites.fract_transf_matrix[2][2]   -0.00147248 
_atom_sites.fract_transf_matrix[2][3]   0.01610305 
_atom_sites.fract_transf_matrix[3][1]   0.01067154 
_atom_sites.fract_transf_matrix[3][2]   0.02591048 
_atom_sites.fract_transf_matrix[3][3]   0.00426001 
_atom_sites.fract_transf_vector[1]      0.149374 
_atom_sites.fract_transf_vector[2]      0.043605 
_atom_sites.fract_transf_vector[3]      0.030003 
_atom_sites.solution_primary            ? 
_atom_sites.solution_secondary          ? 
_atom_sites.solution_hydrogens          ? 
_atom_sites.special_details             ? 
# 
loop_
_atom_type.symbol 
C 
N 
O 
S 
# 
loop_
_atom_site.group_PDB 
_atom_site.id 
_atom_site.type_symbol 
_atom_site.label_atom_id 
_atom_site.label_alt_id 
_atom_site.label_comp_id 
_atom_site.label_asym_id 
_atom_site.label_entity_id 
_atom_site.label_seq_id 
_atom_site.pdbx_PDB_ins_code 
_atom_site.Cartn_x 
_atom_site.Cartn_y 
_atom_site.Cartn_z 
_atom_site.occupancy 
_atom_site.B_iso_or_equiv 
_atom_site.pdbx_formal_charge 
_atom_site.auth_seq_id 
_atom_site.auth_comp_id 
_atom_site.auth_asym_id 
_atom_site.auth_atom_id 
_atom_site.pdbx_PDB_model_num 
ATOM   1    N N   . ILE A 1 10  ? -11.082 4.125   6.315   1.00 43.48 ? 9   ILE A N   1 
ATOM   2    C CA  . ILE A 1 10  ? -10.945 4.209   7.788   1.00 38.18 ? 9   ILE A CA  1 
ATOM   3    C C   . ILE A 1 10  ? -9.766  3.321   8.212   1.00 25.72 ? 9   ILE A C   1 
ATOM   4    O O   . ILE A 1 10  ? -8.918  3.834   8.924   1.00 25.45 ? 9   ILE A O   1 
ATOM   5    C CB  . ILE A 1 10  ? -12.291 3.884   8.494   1.00 39.51 ? 9   ILE A CB  1 
ATOM   6    C CG1 . ILE A 1 10  ? -13.172 5.128   8.653   1.00 45.21 ? 9   ILE A CG1 1 
ATOM   7    C CG2 . ILE A 1 10  ? -12.085 3.181   9.832   1.00 44.54 ? 9   ILE A CG2 1 
ATOM   8    C CD1 . ILE A 1 10  ? -12.777 6.039   9.799   1.00 45.46 ? 9   ILE A CD1 1 
ATOM   9    N N   . PRO A 1 11  ? -9.663  2.021   7.811   1.00 21.45 ? 10  PRO A N   1 
ATOM   10   C CA  . PRO A 1 11  ? -8.665  1.125   8.398   1.00 18.22 ? 10  PRO A CA  1 
ATOM   11   C C   . PRO A 1 11  ? -7.255  1.639   8.152   1.00 16.38 ? 10  PRO A C   1 
ATOM   12   O O   . PRO A 1 11  ? -6.933  2.138   7.059   1.00 17.74 ? 10  PRO A O   1 
ATOM   13   C CB  . PRO A 1 11  ? -8.846  -0.182  7.613   1.00 21.67 ? 10  PRO A CB  1 
ATOM   14   C CG  . PRO A 1 11  ? -10.275 -0.097  7.111   1.00 21.98 ? 10  PRO A CG  1 
ATOM   15   C CD  . PRO A 1 11  ? -10.489 1.356   6.803   1.00 23.47 ? 10  PRO A CD  1 
ATOM   16   N N   . LEU A 1 12  ? -6.422  1.553   9.154   1.00 15.40 ? 11  LEU A N   1 
ATOM   17   C CA  . LEU A 1 12  ? -5.049  2.086   9.099   1.00 15.03 ? 11  LEU A CA  1 
ATOM   18   C C   . LEU A 1 12  ? -4.067  1.002   8.699   1.00 13.00 ? 11  LEU A C   1 
ATOM   19   O O   . LEU A 1 12  ? -4.104  -0.135  9.237   1.00 13.50 ? 11  LEU A O   1 
ATOM   20   C CB  . LEU A 1 12  ? -4.684  2.639   10.474  1.00 15.28 ? 11  LEU A CB  1 
ATOM   21   C CG  . LEU A 1 12  ? -5.602  3.763   10.956  1.00 18.06 ? 11  LEU A CG  1 
ATOM   22   C CD1 . LEU A 1 12  ? -5.197  4.154   12.355  1.00 20.50 ? 11  LEU A CD1 1 
ATOM   23   C CD2 . LEU A 1 12  ? -5.583  4.950   9.990   1.00 20.16 ? 11  LEU A CD2 1 
ATOM   24   N N   . SER A 1 13  ? -3.191  1.330   7.775   1.00 12.75 ? 12  SER A N   1 
ATOM   25   C CA  . SER A 1 13  ? -2.079  0.429   7.428   1.00 12.24 ? 12  SER A CA  1 
ATOM   26   C C   . SER A 1 13  ? -1.060  0.330   8.565   1.00 11.59 ? 12  SER A C   1 
ATOM   27   O O   . SER A 1 13  ? -0.807  1.347   9.214   1.00 12.76 ? 12  SER A O   1 
ATOM   28   C CB  . SER A 1 13  ? -1.403  0.998   6.198   1.00 12.25 ? 12  SER A CB  1 
ATOM   29   O OG  . SER A 1 13  ? -0.269  0.253   5.849   1.00 11.90 ? 12  SER A OG  1 
ATOM   30   N N   . PHE A 1 14  ? -0.493  -0.822  8.719   1.00 11.38 ? 13  PHE A N   1 
ATOM   31   C CA  . PHE A 1 14  ? 0.610   -0.970  9.669   1.00 12.51 ? 13  PHE A CA  1 
ATOM   32   C C   . PHE A 1 14  ? 1.819   -0.133  9.226   1.00 12.84 ? 13  PHE A C   1 
ATOM   33   O O   . PHE A 1 14  ? 2.679   0.149   10.102  1.00 13.95 ? 13  PHE A O   1 
ATOM   34   C CB  . PHE A 1 14  ? 1.076   -2.403  9.747   1.00 11.94 ? 13  PHE A CB  1 
ATOM   35   C CG  . PHE A 1 14  ? 0.175   -3.345  10.502  1.00 12.70 ? 13  PHE A CG  1 
ATOM   36   C CD1 . PHE A 1 14  ? -0.057  -3.146  11.855  1.00 12.99 ? 13  PHE A CD1 1 
ATOM   37   C CD2 . PHE A 1 14  ? -0.486  -4.353  9.839   1.00 13.67 ? 13  PHE A CD2 1 
ATOM   38   C CE1 . PHE A 1 14  ? -0.860  -4.028  12.557  1.00 14.99 ? 13  PHE A CE1 1 
ATOM   39   C CE2 . PHE A 1 14  ? -1.313  -5.220  10.547  1.00 14.39 ? 13  PHE A CE2 1 
ATOM   40   C CZ  . PHE A 1 14  ? -1.471  -5.075  11.907  1.00 15.04 ? 13  PHE A CZ  1 
ATOM   41   N N   . TYR A 1 15  ? 1.926   0.254   7.945   1.00 11.81 ? 14  TYR A N   1 
ATOM   42   C CA  . TYR A 1 15  ? 3.102   0.919   7.389   1.00 13.03 ? 14  TYR A CA  1 
ATOM   43   C C   . TYR A 1 15  ? 2.754   2.319   6.921   1.00 12.31 ? 14  TYR A C   1 
ATOM   44   O O   . TYR A 1 15  ? 1.649   2.615   6.574   1.00 12.09 ? 14  TYR A O   1 
ATOM   45   C CB  . TYR A 1 15  ? 3.631   0.090   6.221   1.00 12.42 ? 14  TYR A CB  1 
ATOM   46   C CG  . TYR A 1 15  ? 4.046   -1.276  6.634   1.00 13.86 ? 14  TYR A CG  1 
ATOM   47   C CD1 . TYR A 1 15  ? 5.265   -1.424  7.313   1.00 15.86 ? 14  TYR A CD1 1 
ATOM   48   C CD2 . TYR A 1 15  ? 3.265   -2.384  6.442   1.00 14.17 ? 14  TYR A CD2 1 
ATOM   49   C CE1 . TYR A 1 15  ? 5.703   -2.652  7.732   1.00 17.50 ? 14  TYR A CE1 1 
ATOM   50   C CE2 . TYR A 1 15  ? 3.699   -3.638  6.859   1.00 14.42 ? 14  TYR A CE2 1 
ATOM   51   C CZ  . TYR A 1 15  ? 4.939   -3.759  7.482   1.00 15.27 ? 14  TYR A CZ  1 
ATOM   52   O OH  . TYR A 1 15  ? 5.450   -4.954  7.974   1.00 17.47 ? 14  TYR A OH  1 
ATOM   53   N N   . ASN A 1 16  ? 3.812   3.130   6.847   1.00 12.92 ? 15  ASN A N   1 
ATOM   54   C CA  . ASN A 1 16  ? 3.724   4.414   6.131   1.00 13.36 ? 15  ASN A CA  1 
ATOM   55   C C   . ASN A 1 16  ? 3.368   4.152   4.668   1.00 12.33 ? 15  ASN A C   1 
ATOM   56   O O   . ASN A 1 16  ? 3.666   3.078   4.147   1.00 12.15 ? 15  ASN A O   1 
ATOM   57   C CB  . ASN A 1 16  ? 5.077   5.110   6.175   1.00 13.77 ? 15  ASN A CB  1 
ATOM   58   C CG  . ASN A 1 16  ? 5.443   5.654   7.529   1.00 14.36 ? 15  ASN A CG  1 
ATOM   59   O OD1 . ASN A 1 16  ? 4.580   5.847   8.399   1.00 16.49 ? 15  ASN A OD1 1 
ATOM   60   N ND2 . ASN A 1 16  ? 6.731   5.899   7.715   1.00 15.99 ? 15  ASN A ND2 1 
ATOM   61   N N   . PRO A 1 17  ? 2.730   5.113   4.006   1.00 12.23 ? 16  PRO A N   1 
ATOM   62   C CA  . PRO A 1 17  ? 2.405   4.965   2.583   1.00 12.43 ? 16  PRO A CA  1 
ATOM   63   C C   . PRO A 1 17  ? 3.594   5.308   1.673   1.00 12.38 ? 16  PRO A C   1 
ATOM   64   O O   . PRO A 1 17  ? 4.529   5.997   2.081   1.00 13.12 ? 16  PRO A O   1 
ATOM   65   C CB  . PRO A 1 17  ? 1.279   5.992   2.397   1.00 12.48 ? 16  PRO A CB  1 
ATOM   66   C CG  . PRO A 1 17  ? 1.646   7.124   3.350   1.00 13.96 ? 16  PRO A CG  1 
ATOM   67   C CD  . PRO A 1 17  ? 2.233   6.381   4.545   1.00 13.68 ? 16  PRO A CD  1 
ATOM   68   N N   . ILE A 1 18  ? 3.451   4.914   0.419   1.00 11.10 ? 17  ILE A N   1 
ATOM   69   C CA  . ILE A 1 18  ? 4.255   5.459   -0.683  1.00 11.63 ? 17  ILE A CA  1 
ATOM   70   C C   . ILE A 1 18  ? 3.565   6.682   -1.192  1.00 11.37 ? 17  ILE A C   1 
ATOM   71   O O   . ILE A 1 18  ? 2.344   6.634   -1.444  1.00 12.97 ? 17  ILE A O   1 
ATOM   72   C CB  . ILE A 1 18  ? 4.394   4.406   -1.787  1.00 11.13 ? 17  ILE A CB  1 
ATOM   73   C CG1 . ILE A 1 18  ? 5.163   3.180   -1.334  1.00 11.89 ? 17  ILE A CG1 1 
ATOM   74   C CG2 . ILE A 1 18  ? 4.987   5.017   -3.045  1.00 12.14 ? 17  ILE A CG2 1 
ATOM   75   C CD1 . ILE A 1 18  ? 5.041   1.973   -2.237  1.00 12.99 ? 17  ILE A CD1 1 
ATOM   76   N N   . THR A 1 19  ? 4.315   7.760   -1.425  1.00 12.06 ? 18  THR A N   1 
ATOM   77   C CA  . THR A 1 19  ? 3.792   8.921   -2.158  1.00 12.54 ? 18  THR A CA  1 
ATOM   78   C C   . THR A 1 19  ? 4.253   8.853   -3.606  1.00 11.73 ? 18  THR A C   1 
ATOM   79   O O   . THR A 1 19  ? 5.482   8.793   -3.856  1.00 13.42 ? 18  THR A O   1 
ATOM   80   C CB  . THR A 1 19  ? 4.212   10.238  -1.499  1.00 13.55 ? 18  THR A CB  1 
ATOM   81   O OG1 . THR A 1 19  ? 3.730   10.266  -0.155  1.00 14.83 ? 18  THR A OG1 1 
ATOM   82   C CG2 . THR A 1 19  ? 3.639   11.425  -2.243  1.00 15.24 ? 18  THR A CG2 1 
ATOM   83   N N   . LEU A 1 20  ? 3.348   8.896   -4.518  1.00 12.72 ? 19  LEU A N   1 
ATOM   84   C CA  . LEU A 1 20  ? 3.627   8.724   -5.950  1.00 13.88 ? 19  LEU A CA  1 
ATOM   85   C C   . LEU A 1 20  ? 3.862   10.075  -6.585  1.00 13.95 ? 19  LEU A C   1 
ATOM   86   O O   . LEU A 1 20  ? 3.009   10.973  -6.507  1.00 15.48 ? 19  LEU A O   1 
ATOM   87   C CB  . LEU A 1 20  ? 2.434   8.032   -6.598  1.00 13.18 ? 19  LEU A CB  1 
ATOM   88   C CG  . LEU A 1 20  ? 2.559   7.727   -8.091  1.00 13.81 ? 19  LEU A CG  1 
ATOM   89   C CD1 . LEU A 1 20  ? 3.657   6.718   -8.341  1.00 14.64 ? 19  LEU A CD1 1 
ATOM   90   C CD2 . LEU A 1 20  ? 1.224   7.237   -8.577  1.00 14.85 ? 19  LEU A CD2 1 
ATOM   91   N N   . GLU A 1 21  ? 4.943   10.207  -7.337  1.00 14.53 ? 20  GLU A N   1 
ATOM   92   C CA  . GLU A 1 21  ? 5.279   11.458  -8.054  1.00 15.73 ? 20  GLU A CA  1 
ATOM   93   C C   . GLU A 1 21  ? 4.112   11.794  -8.955  1.00 15.90 ? 20  GLU A C   1 
ATOM   94   O O   . GLU A 1 21  ? 3.622   10.961  -9.665  1.00 15.73 ? 20  GLU A O   1 
ATOM   95   C CB  . GLU A 1 21  ? 6.528   11.227  -8.887  1.00 15.94 ? 20  GLU A CB  1 
ATOM   96   C CG  . GLU A 1 21  ? 7.092   12.468  -9.572  1.00 19.09 ? 20  GLU A CG  1 
ATOM   97   C CD  . GLU A 1 21  ? 8.242   12.064  -10.504 1.00 21.76 ? 20  GLU A CD  1 
ATOM   98   O OE1 . GLU A 1 21  ? 9.226   11.506  -10.028 1.00 26.64 ? 20  GLU A OE1 1 
ATOM   99   O OE2 . GLU A 1 21  ? 8.081   12.169  -11.730 1.00 26.21 ? 20  GLU A OE2 1 
ATOM   100  N N   . GLN A 1 22  ? 3.673   13.054  -8.904  1.00 17.66 ? 21  GLN A N   1 
ATOM   101  C CA  . GLN A 1 22  ? 2.500   13.513  -9.658  1.00 18.95 ? 21  GLN A CA  1 
ATOM   102  C C   . GLN A 1 22  ? 2.703   13.243  -11.141 1.00 18.87 ? 21  GLN A C   1 
ATOM   103  O O   . GLN A 1 22  ? 3.780   13.624  -11.669 1.00 20.13 ? 21  GLN A O   1 
ATOM   104  C CB  . GLN A 1 22  ? 2.286   15.000  -9.421  1.00 21.01 ? 21  GLN A CB  1 
ATOM   105  C CG  . GLN A 1 22  ? 1.735   15.293  -8.035  1.00 28.03 ? 21  GLN A CG  1 
ATOM   106  C CD  . GLN A 1 22  ? 0.257   15.580  -8.115  1.00 34.14 ? 21  GLN A CD  1 
ATOM   107  O OE1 . GLN A 1 22  ? -0.482  14.900  -8.826  1.00 38.83 ? 21  GLN A OE1 1 
ATOM   108  N NE2 . GLN A 1 22  ? -0.180  16.599  -7.394  1.00 34.52 ? 21  GLN A NE2 1 
ATOM   109  N N   . GLY A 1 23  ? 1.734   12.603  -11.752 1.00 17.89 ? 22  GLY A N   1 
ATOM   110  C CA  . GLY A 1 23  ? 1.751   12.277  -13.182 1.00 19.32 ? 22  GLY A CA  1 
ATOM   111  C C   . GLY A 1 23  ? 2.112   10.836  -13.469 1.00 18.84 ? 22  GLY A C   1 
ATOM   112  O O   . GLY A 1 23  ? 1.746   10.317  -14.532 1.00 22.32 ? 22  GLY A O   1 
ATOM   113  N N   . SER A 1 24  ? 2.741   10.145  -12.514 1.00 17.63 ? 23  SER A N   1 
ATOM   114  C CA  . SER A 1 24  ? 3.097   8.727   -12.664 1.00 17.08 ? 23  SER A CA  1 
ATOM   115  C C   . SER A 1 24  ? 1.862   7.879   -12.409 1.00 15.53 ? 23  SER A C   1 
ATOM   116  O O   . SER A 1 24  ? 0.864   8.365   -11.805 1.00 17.33 ? 23  SER A O   1 
ATOM   117  C CB  . SER A 1 24  ? 4.253   8.416   -11.764 1.00 18.93 ? 23  SER A CB  1 
ATOM   118  O OG  . SER A 1 24  ? 5.389   9.138   -12.174 1.00 22.76 ? 23  SER A OG  1 
ATOM   119  N N   . LYS A 1 25  ? 1.946   6.637   -12.777 1.00 15.07 ? 24  LYS A N   1 
ATOM   120  C CA  . LYS A 1 25  ? 0.856   5.655   -12.587 1.00 16.12 ? 24  LYS A CA  1 
ATOM   121  C C   . LYS A 1 25  ? 1.402   4.491   -11.782 1.00 13.82 ? 24  LYS A C   1 
ATOM   122  O O   . LYS A 1 25  ? 2.356   3.783   -12.225 1.00 14.82 ? 24  LYS A O   1 
ATOM   123  C CB  . LYS A 1 25  ? 0.307   5.158   -13.915 1.00 16.82 ? 24  LYS A CB  1 
ATOM   124  C CG  . LYS A 1 25  ? -0.256  6.286   -14.756 1.00 19.52 ? 24  LYS A CG  1 
ATOM   125  C CD  . LYS A 1 25  ? -0.875  5.781   -16.033 1.00 24.32 ? 24  LYS A CD  1 
ATOM   126  C CE  . LYS A 1 25  ? -1.866  6.756   -16.615 1.00 29.94 ? 24  LYS A CE  1 
ATOM   127  N NZ  . LYS A 1 25  ? -1.909  6.630   -18.088 1.00 35.40 ? 24  LYS A NZ  1 
ATOM   128  N N   . PHE A 1 26  ? 0.847   4.275   -10.583 1.00 13.63 ? 25  PHE A N   1 
ATOM   129  C CA  . PHE A 1 26  ? 1.424   3.321   -9.617  1.00 12.94 ? 25  PHE A CA  1 
ATOM   130  C C   . PHE A 1 26  ? 1.573   1.937   -10.234 1.00 12.91 ? 25  PHE A C   1 
ATOM   131  O O   . PHE A 1 26  ? 2.595   1.227   -10.043 1.00 12.87 ? 25  PHE A O   1 
ATOM   132  C CB  . PHE A 1 26  ? 0.535   3.275   -8.386  1.00 12.33 ? 25  PHE A CB  1 
ATOM   133  C CG  . PHE A 1 26  ? 1.112   2.528   -7.225  1.00 11.96 ? 25  PHE A CG  1 
ATOM   134  C CD1 . PHE A 1 26  ? 1.892   3.174   -6.300  1.00 12.39 ? 25  PHE A CD1 1 
ATOM   135  C CD2 . PHE A 1 26  ? 0.865   1.192   -7.073  1.00 11.79 ? 25  PHE A CD2 1 
ATOM   136  C CE1 . PHE A 1 26  ? 2.431   2.474   -5.224  1.00 12.01 ? 25  PHE A CE1 1 
ATOM   137  C CE2 . PHE A 1 26  ? 1.403   0.510   -5.999  1.00 11.19 ? 25  PHE A CE2 1 
ATOM   138  C CZ  . PHE A 1 26  ? 2.198   1.120   -5.090  1.00 11.29 ? 25  PHE A CZ  1 
ATOM   139  N N   . TRP A 1 27  ? 0.548   1.498   -10.958 1.00 12.87 ? 26  TRP A N   1 
ATOM   140  C CA  . TRP A 1 27  ? 0.483   0.131   -11.480 1.00 13.14 ? 26  TRP A CA  1 
ATOM   141  C C   . TRP A 1 27  ? 1.456   -0.112  -12.661 1.00 12.96 ? 26  TRP A C   1 
ATOM   142  O O   . TRP A 1 27  ? 1.692   -1.244  -12.954 1.00 15.28 ? 26  TRP A O   1 
ATOM   143  C CB  . TRP A 1 27  ? -0.956  -0.166  -11.909 1.00 14.88 ? 26  TRP A CB  1 
ATOM   144  C CG  . TRP A 1 27  ? -1.531  0.835   -12.850 1.00 16.12 ? 26  TRP A CG  1 
ATOM   145  C CD1 . TRP A 1 27  ? -1.345  0.928   -14.189 1.00 17.62 ? 26  TRP A CD1 1 
ATOM   146  C CD2 . TRP A 1 27  ? -2.332  1.952   -12.465 1.00 17.07 ? 26  TRP A CD2 1 
ATOM   147  N NE1 . TRP A 1 27  ? -2.029  2.021   -14.658 1.00 18.06 ? 26  TRP A NE1 1 
ATOM   148  C CE2 . TRP A 1 27  ? -2.653  2.668   -13.625 1.00 17.74 ? 26  TRP A CE2 1 
ATOM   149  C CE3 . TRP A 1 27  ? -2.840  2.351   -11.230 1.00 17.14 ? 26  TRP A CE3 1 
ATOM   150  C CZ2 . TRP A 1 27  ? -3.441  3.816   -13.595 1.00 18.39 ? 26  TRP A CZ2 1 
ATOM   151  C CZ3 . TRP A 1 27  ? -3.617  3.475   -11.198 1.00 18.22 ? 26  TRP A CZ3 1 
ATOM   152  C CH2 . TRP A 1 27  ? -3.922  4.195   -12.364 1.00 20.34 ? 26  TRP A CH2 1 
ATOM   153  N N   . ASN A 1 28  ? 2.012   0.945   -13.226 1.00 13.81 ? 27  ASN A N   1 
ATOM   154  C CA  . ASN A 1 28  ? 3.033   0.771   -14.279 1.00 14.29 ? 27  ASN A CA  1 
ATOM   155  C C   . ASN A 1 28  ? 4.399   0.574   -13.661 1.00 14.80 ? 27  ASN A C   1 
ATOM   156  O O   . ASN A 1 28  ? 5.314   0.114   -14.423 1.00 17.50 ? 27  ASN A O   1 
ATOM   157  C CB  . ASN A 1 28  ? 2.993   1.928   -15.276 1.00 15.68 ? 27  ASN A CB  1 
ATOM   158  C CG  . ASN A 1 28  ? 1.830   1.833   -16.228 1.00 16.46 ? 27  ASN A CG  1 
ATOM   159  O OD1 . ASN A 1 28  ? 1.276   0.769   -16.398 1.00 17.46 ? 27  ASN A OD1 1 
ATOM   160  N ND2 . ASN A 1 28  ? 1.456   2.963   -16.823 1.00 18.48 ? 27  ASN A ND2 1 
ATOM   161  N N   . LEU A 1 29  ? 4.620   1.010   -12.443 1.00 13.02 ? 28  LEU A N   1 
ATOM   162  C CA  . LEU A 1 29  ? 5.973   1.057   -11.880 1.00 12.93 ? 28  LEU A CA  1 
ATOM   163  C C   . LEU A 1 29  ? 6.139   0.149   -10.678 1.00 11.92 ? 28  LEU A C   1 
ATOM   164  O O   . LEU A 1 29  ? 7.271   -0.109  -10.308 1.00 13.21 ? 28  LEU A O   1 
ATOM   165  C CB  . LEU A 1 29  ? 6.315   2.467   -11.458 1.00 13.22 ? 28  LEU A CB  1 
ATOM   166  C CG  . LEU A 1 29  ? 6.344   3.491   -12.596 1.00 16.03 ? 28  LEU A CG  1 
ATOM   167  C CD1 . LEU A 1 29  ? 6.589   4.868   -12.038 1.00 16.93 ? 28  LEU A CD1 1 
ATOM   168  C CD2 . LEU A 1 29  ? 7.383   3.150   -13.649 1.00 19.46 ? 28  LEU A CD2 1 
ATOM   169  N N   . CYS A 1 30  ? 5.083   -0.281  -10.029 1.00 11.39 ? 29  CYS A N   1 
ATOM   170  C CA  . CYS A 1 30  ? 5.232   -1.026  -8.767  1.00 10.48 ? 29  CYS A CA  1 
ATOM   171  C C   . CYS A 1 30  ? 5.702   -2.436  -9.014  1.00 11.22 ? 29  CYS A C   1 
ATOM   172  O O   . CYS A 1 30  ? 5.093   -3.173  -9.780  1.00 11.71 ? 29  CYS A O   1 
ATOM   173  C CB  . CYS A 1 30  ? 3.912   -1.056  -8.015  1.00 11.16 ? 29  CYS A CB  1 
ATOM   174  S SG  . CYS A 1 30  ? 4.088   -1.711  -6.345  1.00 11.39 ? 29  CYS A SG  1 
ATOM   175  N N   . PRO A 1 31  ? 6.794   -2.865  -8.399  1.00 11.00 ? 30  PRO A N   1 
ATOM   176  C CA  . PRO A 1 31  ? 7.157   -4.281  -8.495  1.00 11.65 ? 30  PRO A CA  1 
ATOM   177  C C   . PRO A 1 31  ? 6.040   -5.176  -7.960  1.00 11.30 ? 30  PRO A C   1 
ATOM   178  O O   . PRO A 1 31  ? 5.427   -4.855  -6.900  1.00 11.34 ? 30  PRO A O   1 
ATOM   179  C CB  . PRO A 1 31  ? 8.411   -4.373  -7.623  1.00 12.32 ? 30  PRO A CB  1 
ATOM   180  C CG  . PRO A 1 31  ? 8.990   -2.980  -7.594  1.00 12.64 ? 30  PRO A CG  1 
ATOM   181  C CD  . PRO A 1 31  ? 7.766   -2.088  -7.622  1.00 11.82 ? 30  PRO A CD  1 
ATOM   182  N N   . ARG A 1 32  ? 5.809   -6.301  -8.592  1.00 11.51 ? 31  ARG A N   1 
ATOM   183  C CA  . ARG A 1 32  ? 4.696   -7.159  -8.186  1.00 11.65 ? 31  ARG A CA  1 
ATOM   184  C C   . ARG A 1 32  ? 4.963   -7.807  -6.837  1.00 10.72 ? 31  ARG A C   1 
ATOM   185  O O   . ARG A 1 32  ? 4.043   -8.331  -6.257  1.00 11.38 ? 31  ARG A O   1 
ATOM   186  C CB  . ARG A 1 32  ? 4.472   -8.194  -9.283  1.00 12.91 ? 31  ARG A CB  1 
ATOM   187  C CG  . ARG A 1 32  ? 3.345   -9.192  -9.082  1.00 16.76 ? 31  ARG A CG  1 
ATOM   188  C CD  . ARG A 1 32  ? 2.019   -8.472  -8.959  1.00 18.10 ? 31  ARG A CD  1 
ATOM   189  N NE  . ARG A 1 32  ? 1.727   -7.719  -10.148 1.00 18.11 ? 31  ARG A NE  1 
ATOM   190  C CZ  . ARG A 1 32  ? 0.553   -7.092  -10.424 1.00 20.81 ? 31  ARG A CZ  1 
ATOM   191  N NH1 . ARG A 1 32  ? -0.386  -6.862  -9.487  1.00 16.37 ? 31  ARG A NH1 1 
ATOM   192  N NH2 . ARG A 1 32  ? 0.366   -6.618  -11.631 1.00 26.06 ? 31  ARG A NH2 1 
ATOM   193  N N   . ASP A 1 33  ? 6.216   -7.812  -6.374  1.00 11.38 ? 32  ASP A N   1 
ATOM   194  C CA  . ASP A 1 33  ? 6.574   -8.398  -5.067  1.00 11.55 ? 32  ASP A CA  1 
ATOM   195  C C   . ASP A 1 33  ? 7.051   -7.283  -4.134  1.00 10.99 ? 32  ASP A C   1 
ATOM   196  O O   . ASP A 1 33  ? 7.795   -7.561  -3.143  1.00 12.16 ? 32  ASP A O   1 
ATOM   197  C CB  . ASP A 1 33  ? 7.572   -9.526  -5.214  1.00 12.87 ? 32  ASP A CB  1 
ATOM   198  C CG  . ASP A 1 33  ? 8.806   -9.131  -5.944  1.00 13.71 ? 32  ASP A CG  1 
ATOM   199  O OD1 . ASP A 1 33  ? 9.026   -7.964  -6.271  1.00 13.97 ? 32  ASP A OD1 1 
ATOM   200  O OD2 . ASP A 1 33  ? 9.620   -10.116 -6.179  1.00 14.62 ? 32  ASP A OD2 1 
ATOM   201  N N   . LEU A 1 34  ? 6.512   -6.065  -4.264  1.00 11.02 ? 33  LEU A N   1 
ATOM   202  C CA  . LEU A 1 34  ? 6.843   -4.965  -3.343  1.00 11.48 ? 33  LEU A CA  1 
ATOM   203  C C   . LEU A 1 34  ? 5.979   -5.077  -2.101  1.00 10.97 ? 33  LEU A C   1 
ATOM   204  O O   . LEU A 1 34  ? 4.917   -4.410  -2.004  1.00 12.30 ? 33  LEU A O   1 
ATOM   205  C CB  . LEU A 1 34  ? 6.666   -3.603  -4.027  1.00 11.31 ? 33  LEU A CB  1 
ATOM   206  C CG  . LEU A 1 34  ? 7.332   -2.467  -3.253  1.00 11.59 ? 33  LEU A CG  1 
ATOM   207  C CD1 . LEU A 1 34  ? 8.827   -2.450  -3.392  1.00 13.32 ? 33  LEU A CD1 1 
ATOM   208  C CD2 . LEU A 1 34  ? 6.719   -1.124  -3.580  1.00 12.09 ? 33  LEU A CD2 1 
ATOM   209  N N   . VAL A 1 35  ? 6.407   -5.890  -1.158  1.00 11.69 ? 34  VAL A N   1 
ATOM   210  C CA  . VAL A 1 35  ? 5.664   -6.130  0.078   1.00 11.38 ? 34  VAL A CA  1 
ATOM   211  C C   . VAL A 1 35  ? 6.511   -5.585  1.214   1.00 11.85 ? 34  VAL A C   1 
ATOM   212  O O   . VAL A 1 35  ? 7.671   -5.995  1.392   1.00 12.89 ? 34  VAL A O   1 
ATOM   213  C CB  . VAL A 1 35  ? 5.357   -7.613  0.315   1.00 11.53 ? 34  VAL A CB  1 
ATOM   214  C CG1 . VAL A 1 35  ? 4.562   -7.782  1.584   1.00 12.34 ? 34  VAL A CG1 1 
ATOM   215  C CG2 . VAL A 1 35  ? 4.644   -8.219  -0.880  1.00 11.60 ? 34  VAL A CG2 1 
ATOM   216  N N   . PRO A 1 36  ? 5.994   -4.654  2.028   1.00 11.59 ? 35  PRO A N   1 
ATOM   217  C CA  . PRO A 1 36  ? 6.790   -4.126  3.131   1.00 12.97 ? 35  PRO A CA  1 
ATOM   218  C C   . PRO A 1 36  ? 7.257   -5.223  4.075   1.00 12.82 ? 35  PRO A C   1 
ATOM   219  O O   . PRO A 1 36  ? 6.588   -6.244  4.252   1.00 13.38 ? 35  PRO A O   1 
ATOM   220  C CB  . PRO A 1 36  ? 5.825   -3.219  3.911   1.00 13.75 ? 35  PRO A CB  1 
ATOM   221  C CG  . PRO A 1 36  ? 4.751   -2.842  2.914   1.00 12.91 ? 35  PRO A CG  1 
ATOM   222  C CD  . PRO A 1 36  ? 4.632   -4.098  2.020   1.00 12.16 ? 35  PRO A CD  1 
ATOM   223  N N   . LYS A 1 37  ? 8.451   -5.017  4.651   1.00 13.45 ? 36  LYS A N   1 
ATOM   224  C CA  . LYS A 1 37  ? 9.038   -5.980  5.629   1.00 13.56 ? 36  LYS A CA  1 
ATOM   225  C C   . LYS A 1 37  ? 8.746   -5.557  7.061   1.00 14.56 ? 36  LYS A C   1 
ATOM   226  O O   . LYS A 1 37  ? 8.759   -4.400  7.364   1.00 15.82 ? 36  LYS A O   1 
ATOM   227  C CB  . LYS A 1 37  ? 10.546  -6.044  5.447   1.00 16.50 ? 36  LYS A CB  1 
ATOM   228  C CG  . LYS A 1 37  ? 10.957  -6.499  4.059   1.00 18.28 ? 36  LYS A CG  1 
ATOM   229  C CD  . LYS A 1 37  ? 12.433  -6.724  3.895   1.00 22.75 ? 36  LYS A CD  1 
ATOM   230  C CE  . LYS A 1 37  ? 12.897  -7.987  4.603   1.00 27.27 ? 36  LYS A CE  1 
ATOM   231  N NZ  . LYS A 1 37  ? 12.340  -9.213  3.989   1.00 29.70 ? 36  LYS A NZ  1 
ATOM   232  N N   . GLY A 1 38  ? 8.533   -6.569  7.883   1.00 14.98 ? 37  GLY A N   1 
ATOM   233  C CA  . GLY A 1 38  ? 8.526   -6.335  9.337   1.00 16.71 ? 37  GLY A CA  1 
ATOM   234  C C   . GLY A 1 38  ? 7.450   -7.087  10.069  1.00 17.42 ? 37  GLY A C   1 
ATOM   235  O O   . GLY A 1 38  ? 7.589   -7.221  11.300  1.00 19.64 ? 37  GLY A O   1 
ATOM   236  N N   . ILE A 1 39  ? 6.397   -7.545  9.404   1.00 15.48 ? 38  ILE A N   1 
ATOM   237  C CA  . ILE A 1 39  ? 5.264   -8.215  10.088  1.00 16.44 ? 38  ILE A CA  1 
ATOM   238  C C   . ILE A 1 39  ? 4.933   -9.492  9.328   1.00 14.60 ? 38  ILE A C   1 
ATOM   239  O O   . ILE A 1 39  ? 4.821   -9.487  8.054   1.00 15.48 ? 38  ILE A O   1 
ATOM   240  C CB  . ILE A 1 39  ? 4.049   -7.285  10.179  1.00 16.52 ? 38  ILE A CB  1 
ATOM   241  C CG1 . ILE A 1 39  ? 4.367   -6.017  10.953  1.00 16.86 ? 38  ILE A CG1 1 
ATOM   242  C CG2 . ILE A 1 39  ? 2.868   -8.031  10.762  1.00 17.60 ? 38  ILE A CG2 1 
ATOM   243  C CD1 . ILE A 1 39  ? 3.239   -4.999  10.942  1.00 17.73 ? 38  ILE A CD1 1 
ATOM   244  N N   . GLY A 1 40  ? 4.761   -10.589 10.051  1.00 16.64 ? 39  GLY A N   1 
ATOM   245  C CA  . GLY A 1 40  ? 4.231   -11.838 9.511   1.00 17.48 ? 39  GLY A CA  1 
ATOM   246  C C   . GLY A 1 40  ? 5.294   -12.800 9.073   1.00 18.00 ? 39  GLY A C   1 
ATOM   247  O O   . GLY A 1 40  ? 6.488   -12.460 9.050   1.00 19.81 ? 39  GLY A O   1 
ATOM   248  N N   . ASN A 1 41  ? 4.842   -13.996 8.677   1.00 18.14 ? 40  ASN A N   1 
ATOM   249  C CA  . ASN A 1 41  ? 5.693   -15.121 8.217   1.00 19.41 ? 40  ASN A CA  1 
ATOM   250  C C   . ASN A 1 41  ? 5.711   -15.194 6.698   1.00 18.84 ? 40  ASN A C   1 
ATOM   251  O O   . ASN A 1 41  ? 5.062   -14.332 6.034   1.00 16.76 ? 40  ASN A O   1 
ATOM   252  C CB  . ASN A 1 41  ? 5.214   -16.431 8.878   1.00 20.55 ? 40  ASN A CB  1 
ATOM   253  C CG  . ASN A 1 41  ? 3.817   -16.858 8.456   1.00 23.71 ? 40  ASN A CG  1 
ATOM   254  O OD1 . ASN A 1 41  ? 3.366   -16.601 7.347   1.00 21.08 ? 40  ASN A OD1 1 
ATOM   255  N ND2 . ASN A 1 41  ? 3.103   -17.554 9.319   1.00 26.82 ? 40  ASN A ND2 1 
ATOM   256  N N   . LYS A 1 42  ? 6.462   -16.110 6.125   1.00 18.90 ? 41  LYS A N   1 
ATOM   257  C CA  . LYS A 1 42  ? 6.622   -16.198 4.666   1.00 20.28 ? 41  LYS A CA  1 
ATOM   258  C C   . LYS A 1 42  ? 5.248   -16.316 4.030   1.00 18.25 ? 41  LYS A C   1 
ATOM   259  O O   . LYS A 1 42  ? 5.034   -15.693 2.961   1.00 18.85 ? 41  LYS A O   1 
ATOM   260  C CB  . LYS A 1 42  ? 7.502   -17.390 4.289   1.00 21.23 ? 41  LYS A CB  1 
ATOM   261  C CG  . LYS A 1 42  ? 7.518   -17.767 2.813   1.00 23.16 ? 41  LYS A CG  1 
ATOM   262  C CD  . LYS A 1 42  ? 8.465   -18.920 2.556   1.00 26.50 ? 41  LYS A CD  1 
ATOM   263  C CE  . LYS A 1 42  ? 8.310   -19.521 1.182   1.00 27.79 ? 41  LYS A CE  1 
ATOM   264  N NZ  . LYS A 1 42  ? 9.406   -20.479 0.909   1.00 33.40 ? 41  LYS A NZ  1 
ATOM   265  N N   . ASP A 1 43  ? 4.336   -17.054 4.646   1.00 17.34 ? 42  ASP A N   1 
ATOM   266  C CA  . ASP A 1 43  ? 3.045   -17.303 3.981   1.00 15.84 ? 42  ASP A CA  1 
ATOM   267  C C   . ASP A 1 43  ? 2.251   -16.004 3.856   1.00 12.93 ? 42  ASP A C   1 
ATOM   268  O O   . ASP A 1 43  ? 1.367   -15.954 2.999   1.00 13.98 ? 42  ASP A O   1 
ATOM   269  C CB  . ASP A 1 43  ? 2.201   -18.288 4.779   1.00 18.04 ? 42  ASP A CB  1 
ATOM   270  C CG  . ASP A 1 43  ? 2.701   -19.710 4.886   1.00 21.22 ? 42  ASP A CG  1 
ATOM   271  O OD1 . ASP A 1 43  ? 3.603   -20.082 4.163   1.00 24.01 ? 42  ASP A OD1 1 
ATOM   272  O OD2 . ASP A 1 43  ? 2.175   -20.412 5.795   1.00 30.99 ? 42  ASP A OD2 1 
ATOM   273  N N   . GLN A 1 44  ? 2.457   -15.100 4.783   1.00 14.34 ? 43  GLN A N   1 
ATOM   274  C CA  . GLN A 1 44  ? 1.630   -13.895 4.930   1.00 13.34 ? 43  GLN A CA  1 
ATOM   275  C C   . GLN A 1 44  ? 2.151   -12.699 4.152   1.00 12.12 ? 43  GLN A C   1 
ATOM   276  O O   . GLN A 1 44  ? 1.522   -11.643 4.265   1.00 12.52 ? 43  GLN A O   1 
ATOM   277  C CB  . GLN A 1 44  ? 1.554   -13.542 6.396   1.00 13.95 ? 43  GLN A CB  1 
ATOM   278  C CG  . GLN A 1 44  ? 0.759   -14.567 7.230   1.00 15.42 ? 43  GLN A CG  1 
ATOM   279  C CD  . GLN A 1 44  ? 0.899   -14.338 8.726   1.00 16.04 ? 43  GLN A CD  1 
ATOM   280  O OE1 . GLN A 1 44  ? 2.011   -14.053 9.212   1.00 18.40 ? 43  GLN A OE1 1 
ATOM   281  N NE2 . GLN A 1 44  ? -0.184  -14.399 9.488   1.00 17.64 ? 43  GLN A NE2 1 
ATOM   282  N N   . GLN A 1 45  ? 3.200   -12.843 3.364   1.00 12.52 ? 44  GLN A N   1 
ATOM   283  C CA  . GLN A 1 45  ? 3.761   -11.663 2.655   1.00 11.77 ? 44  GLN A CA  1 
ATOM   284  C C   . GLN A 1 45  ? 3.030   -11.423 1.340   1.00 11.53 ? 44  GLN A C   1 
ATOM   285  O O   . GLN A 1 45  ? 3.559   -11.589 0.242   1.00 11.91 ? 44  GLN A O   1 
ATOM   286  C CB  . GLN A 1 45  ? 5.261   -11.798 2.461   1.00 12.58 ? 44  GLN A CB  1 
ATOM   287  C CG  . GLN A 1 45  ? 6.036   -12.008 3.773   1.00 13.56 ? 44  GLN A CG  1 
ATOM   288  C CD  . GLN A 1 45  ? 5.711   -11.008 4.852   1.00 14.32 ? 44  GLN A CD  1 
ATOM   289  O OE1 . GLN A 1 45  ? 6.004   -9.807  4.704   1.00 15.77 ? 44  GLN A OE1 1 
ATOM   290  N NE2 . GLN A 1 45  ? 5.169   -11.436 5.963   1.00 15.48 ? 44  GLN A NE2 1 
ATOM   291  N N   . ILE A 1 46  ? 1.774   -10.994 1.474   1.00 11.10 ? 45  ILE A N   1 
ATOM   292  C CA  . ILE A 1 46  ? 0.848   -10.875 0.326   1.00 10.58 ? 45  ILE A CA  1 
ATOM   293  C C   . ILE A 1 46  ? -0.250  -9.903  0.731   1.00 10.46 ? 45  ILE A C   1 
ATOM   294  O O   . ILE A 1 46  ? -0.763  -9.940  1.832   1.00 10.89 ? 45  ILE A O   1 
ATOM   295  C CB  . ILE A 1 46  ? 0.301   -12.270 -0.078  1.00 11.58 ? 45  ILE A CB  1 
ATOM   296  C CG1 . ILE A 1 46  ? -0.672  -12.160 -1.245  1.00 11.37 ? 45  ILE A CG1 1 
ATOM   297  C CG2 . ILE A 1 46  ? -0.337  -13.022 1.091   1.00 12.21 ? 45  ILE A CG2 1 
ATOM   298  C CD1 . ILE A 1 46  ? -0.941  -13.518 -1.921  1.00 12.48 ? 45  ILE A CD1 1 
ATOM   299  N N   . GLY A 1 47  ? -0.614  -9.057  -0.222  1.00 10.84 ? 46  GLY A N   1 
ATOM   300  C CA  . GLY A 1 47  ? -1.655  -8.048  0.048   1.00 10.74 ? 46  GLY A CA  1 
ATOM   301  C C   . GLY A 1 47  ? -1.764  -7.078  -1.085  1.00 9.92  ? 46  GLY A C   1 
ATOM   302  O O   . GLY A 1 47  ? -1.566  -7.461  -2.264  1.00 10.45 ? 46  GLY A O   1 
ATOM   303  N N   . TYR A 1 48  ? -2.137  -5.858  -0.781  1.00 9.96  ? 47  TYR A N   1 
ATOM   304  C CA  . TYR A 1 48  ? -2.376  -4.865  -1.846  1.00 9.51  ? 47  TYR A CA  1 
ATOM   305  C C   . TYR A 1 48  ? -1.969  -3.500  -1.345  1.00 9.91  ? 47  TYR A C   1 
ATOM   306  O O   . TYR A 1 48  ? -2.054  -3.185  -0.130  1.00 10.66 ? 47  TYR A O   1 
ATOM   307  C CB  . TYR A 1 48  ? -3.855  -4.867  -2.266  1.00 10.21 ? 47  TYR A CB  1 
ATOM   308  C CG  . TYR A 1 48  ? -4.866  -4.570  -1.195  1.00 10.34 ? 47  TYR A CG  1 
ATOM   309  C CD1 . TYR A 1 48  ? -5.273  -5.578  -0.295  1.00 10.75 ? 47  TYR A CD1 1 
ATOM   310  C CD2 . TYR A 1 48  ? -5.405  -3.310  -1.042  1.00 10.49 ? 47  TYR A CD2 1 
ATOM   311  C CE1 . TYR A 1 48  ? -6.178  -5.330  0.723   1.00 11.35 ? 47  TYR A CE1 1 
ATOM   312  C CE2 . TYR A 1 48  ? -6.331  -3.067  -0.038  1.00 11.35 ? 47  TYR A CE2 1 
ATOM   313  C CZ  . TYR A 1 48  ? -6.726  -4.061  0.832   1.00 11.17 ? 47  TYR A CZ  1 
ATOM   314  O OH  . TYR A 1 48  ? -7.623  -3.777  1.837   1.00 12.26 ? 47  TYR A OH  1 
ATOM   315  N N   . TRP A 1 49  ? -1.580  -2.674  -2.304  1.00 9.70  ? 48  TRP A N   1 
ATOM   316  C CA  . TRP A 1 49  ? -1.461  -1.237  -2.110  1.00 9.70  ? 48  TRP A CA  1 
ATOM   317  C C   . TRP A 1 49  ? -2.808  -0.599  -2.463  1.00 10.39 ? 48  TRP A C   1 
ATOM   318  O O   . TRP A 1 49  ? -3.371  -0.923  -3.515  1.00 10.88 ? 48  TRP A O   1 
ATOM   319  C CB  . TRP A 1 49  ? -0.349  -0.718  -2.994  1.00 9.53  ? 48  TRP A CB  1 
ATOM   320  C CG  . TRP A 1 49  ? 1.009   -1.169  -2.579  1.00 10.28 ? 48  TRP A CG  1 
ATOM   321  C CD1 . TRP A 1 49  ? 1.673   -2.286  -2.995  1.00 10.35 ? 48  TRP A CD1 1 
ATOM   322  C CD2 . TRP A 1 49  ? 1.807   -0.622  -1.505  1.00 10.38 ? 48  TRP A CD2 1 
ATOM   323  N NE1 . TRP A 1 49  ? 2.857   -2.424  -2.335  1.00 10.51 ? 48  TRP A NE1 1 
ATOM   324  C CE2 . TRP A 1 49  ? 2.959   -1.446  -1.394  1.00 10.49 ? 48  TRP A CE2 1 
ATOM   325  C CE3 . TRP A 1 49  ? 1.663   0.464   -0.639  1.00 10.64 ? 48  TRP A CE3 1 
ATOM   326  C CZ2 . TRP A 1 49  ? 3.975   -1.158  -0.480  1.00 11.60 ? 48  TRP A CZ2 1 
ATOM   327  C CZ3 . TRP A 1 49  ? 2.662   0.736   0.262   1.00 11.00 ? 48  TRP A CZ3 1 
ATOM   328  C CH2 . TRP A 1 49  ? 3.790   -0.059  0.326   1.00 11.74 ? 48  TRP A CH2 1 
ATOM   329  N N   . ASN A 1 50  ? -3.231  0.350   -1.652  1.00 10.59 ? 49  ASN A N   1 
ATOM   330  C CA  . ASN A 1 50  ? -4.524  1.005   -1.829  1.00 9.97  ? 49  ASN A CA  1 
ATOM   331  C C   . ASN A 1 50  ? -4.337  2.514   -1.896  1.00 10.43 ? 49  ASN A C   1 
ATOM   332  O O   . ASN A 1 50  ? -3.801  3.108   -0.961  1.00 11.46 ? 49  ASN A O   1 
ATOM   333  C CB  . ASN A 1 50  ? -5.427  0.645   -0.651  1.00 11.56 ? 49  ASN A CB  1 
ATOM   334  C CG  . ASN A 1 50  ? -6.801  1.271   -0.709  1.00 12.86 ? 49  ASN A CG  1 
ATOM   335  O OD1 . ASN A 1 50  ? -7.250  1.810   0.308   1.00 15.85 ? 49  ASN A OD1 1 
ATOM   336  N ND2 . ASN A 1 50  ? -7.452  1.313   -1.837  1.00 14.65 ? 49  ASN A ND2 1 
ATOM   337  N N   . ARG A 1 51  ? -4.758  3.088   -3.017  1.00 11.14 ? 50  ARG A N   1 
ATOM   338  C CA  . ARG A 1 51  ? -4.693  4.548   -3.236  1.00 11.43 ? 50  ARG A CA  1 
ATOM   339  C C   . ARG A 1 51  ? -5.665  5.265   -2.309  1.00 11.73 ? 50  ARG A C   1 
ATOM   340  O O   . ARG A 1 51  ? -6.846  4.895   -2.267  1.00 13.32 ? 50  ARG A O   1 
ATOM   341  C CB  . ARG A 1 51  ? -5.069  4.818   -4.679  1.00 12.36 ? 50  ARG A CB  1 
ATOM   342  C CG  . ARG A 1 51  ? -4.951  6.256   -5.127  1.00 13.27 ? 50  ARG A CG  1 
ATOM   343  C CD  . ARG A 1 51  ? -5.401  6.376   -6.563  1.00 13.73 ? 50  ARG A CD  1 
ATOM   344  N NE  . ARG A 1 51  ? -6.815  6.105   -6.649  1.00 12.49 ? 50  ARG A NE  1 
ATOM   345  C CZ  . ARG A 1 51  ? -7.451  5.544   -7.644  1.00 12.63 ? 50  ARG A CZ  1 
ATOM   346  N NH1 . ARG A 1 51  ? -6.833  5.262   -8.785  1.00 16.14 ? 50  ARG A NH1 1 
ATOM   347  N NH2 . ARG A 1 51  ? -8.720  5.221   -7.528  1.00 14.71 ? 50  ARG A NH2 1 
ATOM   348  N N   . GLN A 1 52  ? -5.249  6.347   -1.680  1.00 13.24 ? 51  GLN A N   1 
ATOM   349  C CA  . GLN A 1 52  ? -6.182  7.087   -0.766  1.00 16.28 ? 51  GLN A CA  1 
ATOM   350  C C   . GLN A 1 52  ? -6.064  8.561   -1.121  1.00 18.46 ? 51  GLN A C   1 
ATOM   351  O O   . GLN A 1 52  ? -5.192  9.204   -0.589  1.00 18.01 ? 51  GLN A O   1 
ATOM   352  C CB  . GLN A 1 52  ? -5.960  6.734   0.727   1.00 16.40 ? 51  GLN A CB  1 
ATOM   353  C CG  . GLN A 1 52  ? -6.235  5.262   1.022   1.00 17.18 ? 51  GLN A CG  1 
ATOM   354  C CD  . GLN A 1 52  ? -5.955  4.768   2.420   1.00 16.69 ? 51  GLN A CD  1 
ATOM   355  O OE1 . GLN A 1 52  ? -5.703  5.565   3.347   1.00 18.53 ? 51  GLN A OE1 1 
ATOM   356  N NE2 . GLN A 1 52  ? -6.001  3.443   2.593   1.00 17.13 ? 51  GLN A NE2 1 
ATOM   357  N N   . ILE A 1 53  ? -7.017  9.054   -1.921  1.00 16.60 ? 52  ILE A N   1 
ATOM   358  C CA  . ILE A 1 53  ? -6.974  10.394  -2.572  1.00 16.56 ? 52  ILE A CA  1 
ATOM   359  C C   . ILE A 1 53  ? -7.127  11.552  -1.581  1.00 15.86 ? 52  ILE A C   1 
ATOM   360  O O   . ILE A 1 53  ? -7.919  11.441  -0.668  1.00 16.02 ? 52  ILE A O   1 
ATOM   361  C CB  . ILE A 1 53  ? -8.107  10.399  -3.628  1.00 16.12 ? 52  ILE A CB  1 
ATOM   362  C CG1 . ILE A 1 53  ? -7.892  9.330   -4.705  1.00 16.39 ? 52  ILE A CG1 1 
ATOM   363  C CG2 . ILE A 1 53  ? -8.302  11.784  -4.232  1.00 16.63 ? 52  ILE A CG2 1 
ATOM   364  C CD1 . ILE A 1 53  ? -9.141  8.989   -5.490  1.00 17.49 ? 52  ILE A CD1 1 
ATOM   365  N N   . ARG A 1 54  ? -6.387  12.626  -1.825  1.00 15.82 ? 53  ARG A N   1 
ATOM   366  C CA  . ARG A 1 54  ? -6.512  13.859  -1.029  1.00 16.61 ? 53  ARG A CA  1 
ATOM   367  C C   . ARG A 1 54  ? -6.609  15.053  -1.983  1.00 14.86 ? 53  ARG A C   1 
ATOM   368  O O   . ARG A 1 54  ? -5.968  15.017  -3.035  1.00 16.10 ? 53  ARG A O   1 
ATOM   369  C CB  . ARG A 1 54  ? -5.291  14.098  -0.139  1.00 18.15 ? 53  ARG A CB  1 
ATOM   370  C CG  . ARG A 1 54  ? -4.915  12.969  0.809   1.00 21.13 ? 53  ARG A CG  1 
ATOM   371  C CD  . ARG A 1 54  ? -3.505  13.161  1.359   1.00 22.17 ? 53  ARG A CD  1 
ATOM   372  N NE  . ARG A 1 54  ? -2.472  13.156  0.329   1.00 25.08 ? 53  ARG A NE  1 
ATOM   373  C CZ  . ARG A 1 54  ? -1.239  13.629  0.490   1.00 24.93 ? 53  ARG A CZ  1 
ATOM   374  N NH1 . ARG A 1 54  ? -0.883  14.136  1.656   1.00 23.27 ? 53  ARG A NH1 1 
ATOM   375  N NH2 . ARG A 1 54  ? -0.364  13.586  -0.503  1.00 24.00 ? 53  ARG A NH2 1 
ATOM   376  N N   . TYR A 1 55  ? -7.416  16.042  -1.627  1.00 15.13 ? 54  TYR A N   1 
ATOM   377  C CA  . TYR A 1 55  ? -7.556  17.314  -2.378  1.00 15.85 ? 54  TYR A CA  1 
ATOM   378  C C   . TYR A 1 55  ? -7.175  18.474  -1.469  1.00 15.30 ? 54  TYR A C   1 
ATOM   379  O O   . TYR A 1 55  ? -7.495  18.465  -0.292  1.00 16.43 ? 54  TYR A O   1 
ATOM   380  C CB  . TYR A 1 55  ? -8.981  17.512  -2.845  1.00 16.89 ? 54  TYR A CB  1 
ATOM   381  C CG  . TYR A 1 55  ? -9.539  16.392  -3.695  1.00 16.05 ? 54  TYR A CG  1 
ATOM   382  C CD1 . TYR A 1 55  ? -9.194  16.297  -5.012  1.00 16.75 ? 54  TYR A CD1 1 
ATOM   383  C CD2 . TYR A 1 55  ? -10.373 15.411  -3.195  1.00 15.80 ? 54  TYR A CD2 1 
ATOM   384  C CE1 . TYR A 1 55  ? -9.689  15.283  -5.824  1.00 16.30 ? 54  TYR A CE1 1 
ATOM   385  C CE2 . TYR A 1 55  ? -10.850 14.365  -3.979  1.00 16.48 ? 54  TYR A CE2 1 
ATOM   386  C CZ  . TYR A 1 55  ? -10.524 14.313  -5.306  1.00 15.82 ? 54  TYR A CZ  1 
ATOM   387  O OH  . TYR A 1 55  ? -10.965 13.264  -6.093  1.00 15.87 ? 54  TYR A OH  1 
ATOM   388  N N   . ARG A 1 56  ? -6.535  19.479  -2.049  1.00 14.48 ? 55  ARG A N   1 
ATOM   389  C CA  . ARG A 1 56  ? -6.352  20.805  -1.403  1.00 13.51 ? 55  ARG A CA  1 
ATOM   390  C C   . ARG A 1 56  ? -6.447  21.842  -2.494  1.00 13.68 ? 55  ARG A C   1 
ATOM   391  O O   . ARG A 1 56  ? -6.407  21.559  -3.692  1.00 14.19 ? 55  ARG A O   1 
ATOM   392  C CB  . ARG A 1 56  ? -5.005  20.901  -0.710  1.00 13.88 ? 55  ARG A CB  1 
ATOM   393  C CG  . ARG A 1 56  ? -4.844  19.970  0.489   1.00 14.82 ? 55  ARG A CG  1 
ATOM   394  C CD  . ARG A 1 56  ? -5.755  20.269  1.645   1.00 16.15 ? 55  ARG A CD  1 
ATOM   395  N NE  . ARG A 1 56  ? -5.446  19.480  2.843   1.00 18.56 ? 55  ARG A NE  1 
ATOM   396  C CZ  . ARG A 1 56  ? -5.770  18.180  3.007   1.00 20.67 ? 55  ARG A CZ  1 
ATOM   397  N NH1 . ARG A 1 56  ? -6.556  17.576  2.147   1.00 20.65 ? 55  ARG A NH1 1 
ATOM   398  N NH2 . ARG A 1 56  ? -5.433  17.542  4.123   1.00 24.16 ? 55  ARG A NH2 1 
ATOM   399  N N   . ILE A 1 57  ? -6.515  23.126  -2.087  1.00 13.06 ? 56  ILE A N   1 
ATOM   400  C CA  . ILE A 1 57  ? -6.423  24.241  -3.044  1.00 13.59 ? 56  ILE A CA  1 
ATOM   401  C C   . ILE A 1 57  ? -4.967  24.426  -3.392  1.00 13.22 ? 56  ILE A C   1 
ATOM   402  O O   . ILE A 1 57  ? -4.133  24.645  -2.505  1.00 14.74 ? 56  ILE A O   1 
ATOM   403  C CB  . ILE A 1 57  ? -7.045  25.514  -2.459  1.00 13.53 ? 56  ILE A CB  1 
ATOM   404  C CG1 . ILE A 1 57  ? -8.522  25.298  -2.132  1.00 14.87 ? 56  ILE A CG1 1 
ATOM   405  C CG2 . ILE A 1 57  ? -6.844  26.681  -3.362  1.00 15.36 ? 56  ILE A CG2 1 
ATOM   406  C CD1 . ILE A 1 57  ? -9.399  25.035  -3.328  1.00 15.93 ? 56  ILE A CD1 1 
ATOM   407  N N   . VAL A 1 58  ? -4.656  24.384  -4.675  1.00 14.22 ? 57  VAL A N   1 
ATOM   408  C CA  . VAL A 1 58  ? -3.290  24.633  -5.200  1.00 16.67 ? 57  VAL A CA  1 
ATOM   409  C C   . VAL A 1 58  ? -3.461  25.534  -6.418  1.00 18.36 ? 57  VAL A C   1 
ATOM   410  O O   . VAL A 1 58  ? -4.345  25.269  -7.278  1.00 18.04 ? 57  VAL A O   1 
ATOM   411  C CB  . VAL A 1 58  ? -2.566  23.328  -5.541  1.00 18.29 ? 57  VAL A CB  1 
ATOM   412  C CG1 . VAL A 1 58  ? -1.171  23.570  -6.096  1.00 21.11 ? 57  VAL A CG1 1 
ATOM   413  C CG2 . VAL A 1 58  ? -2.557  22.399  -4.339  1.00 19.18 ? 57  VAL A CG2 1 
ATOM   414  N N   . LYS A 1 59  ? -2.735  26.648  -6.470  1.00 19.54 ? 58  LYS A N   1 
ATOM   415  C CA  . LYS A 1 59  ? -2.942  27.675  -7.524  1.00 21.24 ? 58  LYS A CA  1 
ATOM   416  C C   . LYS A 1 59  ? -4.387  28.126  -7.537  1.00 20.67 ? 58  LYS A C   1 
ATOM   417  O O   . LYS A 1 59  ? -4.928  28.359  -8.633  1.00 24.49 ? 58  LYS A O   1 
ATOM   418  C CB  . LYS A 1 59  ? -2.510  27.147  -8.892  1.00 24.87 ? 58  LYS A CB  1 
ATOM   419  C CG  . LYS A 1 59  ? -1.012  27.160  -9.117  1.00 28.78 ? 58  LYS A CG  1 
ATOM   420  C CD  . LYS A 1 59  ? -0.657  26.736  -10.529 1.00 31.38 ? 58  LYS A CD  1 
ATOM   421  C CE  . LYS A 1 59  ? 0.674   27.240  -11.036 1.00 35.75 ? 58  LYS A CE  1 
ATOM   422  N NZ  . LYS A 1 59  ? 1.772   26.981  -10.076 1.00 37.62 ? 58  LYS A NZ  1 
ATOM   423  N N   . GLY A 1 60  ? -5.027  28.261  -6.387  1.00 20.14 ? 59  GLY A N   1 
ATOM   424  C CA  . GLY A 1 60  ? -6.374  28.838  -6.301  1.00 20.46 ? 59  GLY A CA  1 
ATOM   425  C C   . GLY A 1 60  ? -7.460  27.936  -6.837  1.00 18.38 ? 59  GLY A C   1 
ATOM   426  O O   . GLY A 1 60  ? -8.579  28.422  -6.946  1.00 21.96 ? 59  GLY A O   1 
ATOM   427  N N   . GLN A 1 61  ? -7.199  26.640  -7.027  1.00 17.87 ? 60  GLN A N   1 
ATOM   428  C CA  . GLN A 1 61  ? -8.236  25.717  -7.508  1.00 19.73 ? 60  GLN A CA  1 
ATOM   429  C C   . GLN A 1 61  ? -8.066  24.371  -6.816  1.00 16.73 ? 60  GLN A C   1 
ATOM   430  O O   . GLN A 1 61  ? -6.972  24.045  -6.337  1.00 16.31 ? 60  GLN A O   1 
ATOM   431  C CB  . GLN A 1 61  ? -8.230  25.676  -9.033  1.00 24.58 ? 60  GLN A CB  1 
ATOM   432  C CG  . GLN A 1 61  ? -7.134  24.873  -9.681  1.00 29.38 ? 60  GLN A CG  1 
ATOM   433  C CD  . GLN A 1 61  ? -7.321  24.852  -11.186 1.00 37.41 ? 60  GLN A CD  1 
ATOM   434  O OE1 . GLN A 1 61  ? -7.195  23.817  -11.849 1.00 41.41 ? 60  GLN A OE1 1 
ATOM   435  N NE2 . GLN A 1 61  ? -7.625  26.008  -11.748 1.00 43.03 ? 60  GLN A NE2 1 
ATOM   436  N N   . ARG A 1 62  ? -9.103  23.548  -6.781  1.00 16.84 ? 61  ARG A N   1 
ATOM   437  C CA  . ARG A 1 62  ? -8.969  22.185  -6.222  1.00 16.06 ? 61  ARG A CA  1 
ATOM   438  C C   . ARG A 1 62  ? -7.969  21.399  -7.040  1.00 16.79 ? 61  ARG A C   1 
ATOM   439  O O   . ARG A 1 62  ? -8.049  21.415  -8.301  1.00 18.55 ? 61  ARG A O   1 
ATOM   440  C CB  . ARG A 1 62  ? -10.274 21.398  -6.214  1.00 17.97 ? 61  ARG A CB  1 
ATOM   441  C CG  . ARG A 1 62  ? -10.091 20.032  -5.581  1.00 17.43 ? 61  ARG A CG  1 
ATOM   442  C CD  . ARG A 1 62  ? -11.393 19.266  -5.452  1.00 17.08 ? 61  ARG A CD  1 
ATOM   443  N NE  . ARG A 1 62  ? -11.815 18.683  -6.707  1.00 17.89 ? 61  ARG A NE  1 
ATOM   444  C CZ  . ARG A 1 62  ? -13.034 18.248  -6.978  1.00 16.47 ? 61  ARG A CZ  1 
ATOM   445  N NH1 . ARG A 1 62  ? -13.988 18.438  -6.102  1.00 17.22 ? 61  ARG A NH1 1 
ATOM   446  N NH2 . ARG A 1 62  ? -13.272 17.678  -8.149  1.00 17.52 ? 61  ARG A NH2 1 
ATOM   447  N N   . LYS A 1 63  ? -7.039  20.737  -6.374  1.00 15.94 ? 62  LYS A N   1 
ATOM   448  C CA  . LYS A 1 63  ? -6.030  19.883  -7.016  1.00 18.72 ? 62  LYS A CA  1 
ATOM   449  C C   . LYS A 1 63  ? -5.964  18.609  -6.199  1.00 16.56 ? 62  LYS A C   1 
ATOM   450  O O   . LYS A 1 63  ? -5.943  18.626  -4.953  1.00 16.37 ? 62  LYS A O   1 
ATOM   451  C CB  . LYS A 1 63  ? -4.666  20.567  -7.138  1.00 19.40 ? 62  LYS A CB  1 
ATOM   452  C CG  . LYS A 1 63  ? -3.652  19.801  -7.979  1.00 24.81 ? 62  LYS A CG  1 
ATOM   453  C CD  . LYS A 1 63  ? -2.348  20.526  -8.198  1.00 29.95 ? 62  LYS A CD  1 
ATOM   454  C CE  . LYS A 1 63  ? -1.314  19.740  -8.976  1.00 32.46 ? 62  LYS A CE  1 
ATOM   455  N NZ  . LYS A 1 63  ? 0.068   20.082  -8.537  1.00 37.68 ? 62  LYS A NZ  1 
ATOM   456  N N   . GLU A 1 64  ? -5.869  17.483  -6.884  1.00 16.31 ? 63  GLU A N   1 
ATOM   457  C CA  . GLU A 1 64  ? -5.503  16.222  -6.237  1.00 17.27 ? 63  GLU A CA  1 
ATOM   458  C C   . GLU A 1 64  ? -4.045  16.269  -5.816  1.00 16.92 ? 63  GLU A C   1 
ATOM   459  O O   . GLU A 1 64  ? -3.169  16.574  -6.654  1.00 19.66 ? 63  GLU A O   1 
ATOM   460  C CB  . GLU A 1 64  ? -5.736  15.027  -7.161  1.00 17.96 ? 63  GLU A CB  1 
ATOM   461  C CG  . GLU A 1 64  ? -5.572  13.713  -6.430  1.00 21.20 ? 63  GLU A CG  1 
ATOM   462  C CD  . GLU A 1 64  ? -5.735  12.420  -7.211  1.00 20.19 ? 63  GLU A CD  1 
ATOM   463  O OE1 . GLU A 1 64  ? -6.085  12.505  -8.405  1.00 20.12 ? 63  GLU A OE1 1 
ATOM   464  O OE2 . GLU A 1 64  ? -5.453  11.348  -6.627  1.00 21.21 ? 63  GLU A OE2 1 
ATOM   465  N N   . LEU A 1 65  ? -3.752  16.003  -4.579  1.00 16.61 ? 64  LEU A N   1 
ATOM   466  C CA  . LEU A 1 65  ? -2.375  15.905  -4.065  1.00 17.46 ? 64  LEU A CA  1 
ATOM   467  C C   . LEU A 1 65  ? -1.728  14.652  -4.657  1.00 16.79 ? 64  LEU A C   1 
ATOM   468  O O   . LEU A 1 65  ? -2.445  13.736  -5.149  1.00 17.67 ? 64  LEU A O   1 
ATOM   469  C CB  . LEU A 1 65  ? -2.361  15.824  -2.540  1.00 17.59 ? 64  LEU A CB  1 
ATOM   470  C CG  . LEU A 1 65  ? -2.914  17.046  -1.803  1.00 19.63 ? 64  LEU A CG  1 
ATOM   471  C CD1 . LEU A 1 65  ? -2.765  16.879  -0.288  1.00 20.13 ? 64  LEU A CD1 1 
ATOM   472  C CD2 . LEU A 1 65  ? -2.271  18.338  -2.296  1.00 20.33 ? 64  LEU A CD2 1 
ATOM   473  N N   . ALA A 1 66  ? -0.420  14.601  -4.641  1.00 16.35 ? 65  ALA A N   1 
ATOM   474  C CA  . ALA A 1 66  ? 0.309   13.353  -4.993  1.00 15.45 ? 65  ALA A CA  1 
ATOM   475  C C   . ALA A 1 66  ? -0.378  12.174  -4.296  1.00 16.16 ? 65  ALA A C   1 
ATOM   476  O O   . ALA A 1 66  ? -0.676  12.264  -3.057  1.00 17.29 ? 65  ALA A O   1 
ATOM   477  C CB  . ALA A 1 66  ? 1.739   13.453  -4.591  1.00 17.30 ? 65  ALA A CB  1 
ATOM   478  N N   . GLU A 1 67  ? -0.654  11.107  -5.046  1.00 15.53 ? 66  GLU A N   1 
ATOM   479  C CA  . GLU A 1 67  ? -1.387  9.944   -4.509  1.00 14.35 ? 66  GLU A CA  1 
ATOM   480  C C   . GLU A 1 67  ? -0.550  9.310   -3.434  1.00 13.12 ? 66  GLU A C   1 
ATOM   481  O O   . GLU A 1 67  ? 0.662   9.119   -3.585  1.00 16.26 ? 66  GLU A O   1 
ATOM   482  C CB  . GLU A 1 67  ? -1.577  8.926   -5.622  1.00 14.14 ? 66  GLU A CB  1 
ATOM   483  C CG  . GLU A 1 67  ? -2.532  9.365   -6.696  1.00 15.52 ? 66  GLU A CG  1 
ATOM   484  C CD  . GLU A 1 67  ? -2.715  8.380   -7.811  1.00 14.29 ? 66  GLU A CD  1 
ATOM   485  O OE1 . GLU A 1 67  ? -2.102  7.292   -7.771  1.00 13.49 ? 66  GLU A OE1 1 
ATOM   486  O OE2 . GLU A 1 67  ? -3.457  8.689   -8.796  1.00 15.99 ? 66  GLU A OE2 1 
ATOM   487  N N   . ARG A 1 68  ? -1.169  8.894   -2.351  1.00 12.56 ? 67  ARG A N   1 
ATOM   488  C CA  . ARG A 1 68  ? -0.519  8.064   -1.331  1.00 12.80 ? 67  ARG A CA  1 
ATOM   489  C C   . ARG A 1 68  ? -1.150  6.678   -1.400  1.00 12.20 ? 67  ARG A C   1 
ATOM   490  O O   . ARG A 1 68  ? -2.399  6.566   -1.395  1.00 13.87 ? 67  ARG A O   1 
ATOM   491  C CB  . ARG A 1 68  ? -0.703  8.676   0.046   1.00 13.64 ? 67  ARG A CB  1 
ATOM   492  C CG  . ARG A 1 68  ? 0.000   10.012  0.160   1.00 15.43 ? 67  ARG A CG  1 
ATOM   493  C CD  . ARG A 1 68  ? 0.224   10.444  1.578   1.00 17.49 ? 67  ARG A CD  1 
ATOM   494  N NE  . ARG A 1 68  ? -0.987  10.503  2.313   1.00 19.39 ? 67  ARG A NE  1 
ATOM   495  C CZ  . ARG A 1 68  ? -1.042  10.775  3.600   1.00 20.91 ? 67  ARG A CZ  1 
ATOM   496  N NH1 . ARG A 1 68  ? 0.069   11.090  4.262   1.00 25.54 ? 67  ARG A NH1 1 
ATOM   497  N NH2 . ARG A 1 68  ? -2.224  10.782  4.194   1.00 21.61 ? 67  ARG A NH2 1 
ATOM   498  N N   . TRP A 1 69  ? -0.317  5.648   -1.434  1.00 10.73 ? 68  TRP A N   1 
ATOM   499  C CA  . TRP A 1 69  ? -0.728  4.247   -1.540  1.00 10.07 ? 68  TRP A CA  1 
ATOM   500  C C   . TRP A 1 69  ? -0.293  3.558   -0.248  1.00 10.37 ? 68  TRP A C   1 
ATOM   501  O O   . TRP A 1 69  ? 0.859   3.664   0.182   1.00 10.37 ? 68  TRP A O   1 
ATOM   502  C CB  . TRP A 1 69  ? -0.152  3.603   -2.793  1.00 10.50 ? 68  TRP A CB  1 
ATOM   503  C CG  . TRP A 1 69  ? -0.713  4.119   -4.084  1.00 10.96 ? 68  TRP A CG  1 
ATOM   504  C CD1 . TRP A 1 69  ? -0.514  5.343   -4.667  1.00 11.45 ? 68  TRP A CD1 1 
ATOM   505  C CD2 . TRP A 1 69  ? -1.571  3.384   -4.965  1.00 10.79 ? 68  TRP A CD2 1 
ATOM   506  N NE1 . TRP A 1 69  ? -1.159  5.390   -5.869  1.00 11.73 ? 68  TRP A NE1 1 
ATOM   507  C CE2 . TRP A 1 69  ? -1.806  4.219   -6.088  1.00 10.70 ? 68  TRP A CE2 1 
ATOM   508  C CE3 . TRP A 1 69  ? -2.121  2.102   -4.960  1.00 10.93 ? 68  TRP A CE3 1 
ATOM   509  C CZ2 . TRP A 1 69  ? -2.582  3.823   -7.148  1.00 11.19 ? 68  TRP A CZ2 1 
ATOM   510  C CZ3 . TRP A 1 69  ? -2.870  1.710   -6.022  1.00 11.74 ? 68  TRP A CZ3 1 
ATOM   511  C CH2 . TRP A 1 69  ? -3.103  2.557   -7.102  1.00 10.88 ? 68  TRP A CH2 1 
ATOM   512  N N   . PHE A 1 70  ? -1.239  2.822   0.336   1.00 10.22 ? 69  PHE A N   1 
ATOM   513  C CA  . PHE A 1 70  ? -1.089  2.219   1.661   1.00 10.31 ? 69  PHE A CA  1 
ATOM   514  C C   . PHE A 1 70  ? -1.193  0.704   1.524   1.00 10.34 ? 69  PHE A C   1 
ATOM   515  O O   . PHE A 1 70  ? -2.111  0.212   0.879   1.00 10.91 ? 69  PHE A O   1 
ATOM   516  C CB  . PHE A 1 70  ? -2.188  2.686   2.636   1.00 10.94 ? 69  PHE A CB  1 
ATOM   517  C CG  . PHE A 1 70  ? -2.101  4.149   2.984   1.00 11.32 ? 69  PHE A CG  1 
ATOM   518  C CD1 . PHE A 1 70  ? -2.555  5.159   2.145   1.00 12.04 ? 69  PHE A CD1 1 
ATOM   519  C CD2 . PHE A 1 70  ? -1.596  4.515   4.216   1.00 12.85 ? 69  PHE A CD2 1 
ATOM   520  C CE1 . PHE A 1 70  ? -2.468  6.511   2.527   1.00 12.97 ? 69  PHE A CE1 1 
ATOM   521  C CE2 . PHE A 1 70  ? -1.539  5.853   4.603   1.00 13.42 ? 69  PHE A CE2 1 
ATOM   522  C CZ  . PHE A 1 70  ? -1.970  6.838   3.750   1.00 13.63 ? 69  PHE A CZ  1 
ATOM   523  N N   . PHE A 1 71  ? -0.331  -0.039  2.201   1.00 10.22 ? 70  PHE A N   1 
ATOM   524  C CA  . PHE A 1 71  ? -0.336  -1.506  2.109   1.00 10.06 ? 70  PHE A CA  1 
ATOM   525  C C   . PHE A 1 71  ? -1.223  -2.144  3.153   1.00 10.16 ? 70  PHE A C   1 
ATOM   526  O O   . PHE A 1 71  ? -1.159  -1.823  4.369   1.00 10.73 ? 70  PHE A O   1 
ATOM   527  C CB  . PHE A 1 71  ? 1.078   -2.036  2.339   1.00 10.45 ? 70  PHE A CB  1 
ATOM   528  C CG  . PHE A 1 71  ? 1.145   -3.520  2.335   1.00 10.65 ? 70  PHE A CG  1 
ATOM   529  C CD1 . PHE A 1 71  ? 1.121   -4.233  1.158   1.00 10.73 ? 70  PHE A CD1 1 
ATOM   530  C CD2 . PHE A 1 71  ? 1.106   -4.239  3.525   1.00 10.54 ? 70  PHE A CD2 1 
ATOM   531  C CE1 . PHE A 1 71  ? 1.070   -5.624  1.154   1.00 11.08 ? 70  PHE A CE1 1 
ATOM   532  C CE2 . PHE A 1 71  ? 1.101   -5.620  3.516   1.00 11.10 ? 70  PHE A CE2 1 
ATOM   533  C CZ  . PHE A 1 71  ? 1.070   -6.298  2.342   1.00 11.18 ? 70  PHE A CZ  1 
ATOM   534  N N   . TYR A 1 72  ? -1.994  -3.104  2.728   1.00 9.98  ? 71  TYR A N   1 
ATOM   535  C CA  . TYR A 1 72  ? -2.813  -3.955  3.592   1.00 9.77  ? 71  TYR A CA  1 
ATOM   536  C C   . TYR A 1 72  ? -2.567  -5.414  3.279   1.00 10.00 ? 71  TYR A C   1 
ATOM   537  O O   . TYR A 1 72  ? -2.539  -5.789  2.099   1.00 10.39 ? 71  TYR A O   1 
ATOM   538  C CB  . TYR A 1 72  ? -4.301  -3.657  3.474   1.00 10.97 ? 71  TYR A CB  1 
ATOM   539  C CG  . TYR A 1 72  ? -4.610  -2.236  3.859   1.00 10.75 ? 71  TYR A CG  1 
ATOM   540  C CD1 . TYR A 1 72  ? -4.900  -1.906  5.192   1.00 11.38 ? 71  TYR A CD1 1 
ATOM   541  C CD2 . TYR A 1 72  ? -4.547  -1.192  2.941   1.00 11.47 ? 71  TYR A CD2 1 
ATOM   542  C CE1 . TYR A 1 72  ? -5.136  -0.589  5.578   1.00 11.84 ? 71  TYR A CE1 1 
ATOM   543  C CE2 . TYR A 1 72  ? -4.807  0.111   3.304   1.00 11.84 ? 71  TYR A CE2 1 
ATOM   544  C CZ  . TYR A 1 72  ? -5.110  0.403   4.623   1.00 12.05 ? 71  TYR A CZ  1 
ATOM   545  O OH  . TYR A 1 72  ? -5.339  1.723   4.950   1.00 13.25 ? 71  TYR A OH  1 
ATOM   546  N N   . PHE A 1 73  ? -2.487  -6.252  4.282   1.00 9.95  ? 72  PHE A N   1 
ATOM   547  C CA  . PHE A 1 73  ? -2.419  -7.708  4.048   1.00 10.63 ? 72  PHE A CA  1 
ATOM   548  C C   . PHE A 1 73  ? -3.691  -8.174  3.365   1.00 11.04 ? 72  PHE A C   1 
ATOM   549  O O   . PHE A 1 73  ? -4.799  -7.683  3.619   1.00 11.22 ? 72  PHE A O   1 
ATOM   550  C CB  . PHE A 1 73  ? -2.222  -8.427  5.380   1.00 10.79 ? 72  PHE A CB  1 
ATOM   551  C CG  . PHE A 1 73  ? -0.854  -8.243  5.950   1.00 11.68 ? 72  PHE A CG  1 
ATOM   552  C CD1 . PHE A 1 73  ? 0.224   -8.901  5.399   1.00 12.30 ? 72  PHE A CD1 1 
ATOM   553  C CD2 . PHE A 1 73  ? -0.594  -7.356  6.973   1.00 12.69 ? 72  PHE A CD2 1 
ATOM   554  C CE1 . PHE A 1 73  ? 1.514   -8.730  5.877   1.00 13.20 ? 72  PHE A CE1 1 
ATOM   555  C CE2 . PHE A 1 73  ? 0.698   -7.166  7.461   1.00 14.37 ? 72  PHE A CE2 1 
ATOM   556  C CZ  . PHE A 1 73  ? 1.739   -7.868  6.927   1.00 13.85 ? 72  PHE A CZ  1 
ATOM   557  N N   . LEU A 1 74  ? -3.559  -9.235  2.577   1.00 11.24 ? 73  LEU A N   1 
ATOM   558  C CA  . LEU A 1 74  ? -4.727  -9.909  1.939   1.00 10.70 ? 73  LEU A CA  1 
ATOM   559  C C   . LEU A 1 74  ? -5.751  -10.258 3.000   1.00 11.04 ? 73  LEU A C   1 
ATOM   560  O O   . LEU A 1 74  ? -5.378  -10.857 4.028   1.00 11.54 ? 73  LEU A O   1 
ATOM   561  C CB  . LEU A 1 74  ? -4.191  -11.173 1.279   1.00 11.69 ? 73  LEU A CB  1 
ATOM   562  C CG  . LEU A 1 74  ? -5.221  -12.085 0.624   1.00 11.60 ? 73  LEU A CG  1 
ATOM   563  C CD1 . LEU A 1 74  ? -5.978  -11.366 -0.499  1.00 12.51 ? 73  LEU A CD1 1 
ATOM   564  C CD2 . LEU A 1 74  ? -4.576  -13.346 0.147   1.00 12.49 ? 73  LEU A CD2 1 
ATOM   565  N N   . GLY A 1 75  ? -6.989  -9.921  2.779   1.00 11.04 ? 74  GLY A N   1 
ATOM   566  C CA  . GLY A 1 75  ? -8.064  -10.241 3.716   1.00 12.31 ? 74  GLY A CA  1 
ATOM   567  C C   . GLY A 1 75  ? -8.191  -9.235  4.815   1.00 12.52 ? 74  GLY A C   1 
ATOM   568  O O   . GLY A 1 75  ? -8.984  -9.462  5.761   1.00 13.61 ? 74  GLY A O   1 
ATOM   569  N N   . THR A 1 76  ? -7.546  -8.081  4.689   1.00 11.96 ? 75  THR A N   1 
ATOM   570  C CA  . THR A 1 76  ? -7.624  -6.993  5.674   1.00 12.98 ? 75  THR A CA  1 
ATOM   571  C C   . THR A 1 76  ? -7.844  -5.655  4.964   1.00 12.44 ? 75  THR A C   1 
ATOM   572  O O   . THR A 1 76  ? -7.603  -5.588  3.741   1.00 12.34 ? 75  THR A O   1 
ATOM   573  C CB  . THR A 1 76  ? -6.355  -6.874  6.533   1.00 12.36 ? 75  THR A CB  1 
ATOM   574  O OG1 . THR A 1 76  ? -5.331  -6.178  5.793   1.00 11.69 ? 75  THR A OG1 1 
ATOM   575  C CG2 . THR A 1 76  ? -5.837  -8.196  7.050   1.00 13.19 ? 75  THR A CG2 1 
ATOM   576  N N   . GLY A 1 77  ? -8.231  -4.627  5.735   1.00 13.22 ? 76  GLY A N   1 
ATOM   577  C CA  . GLY A 1 77  ? -8.212  -3.286  5.197   1.00 13.26 ? 76  GLY A CA  1 
ATOM   578  C C   . GLY A 1 77  ? -9.478  -2.897  4.473   1.00 14.52 ? 76  GLY A C   1 
ATOM   579  O O   . GLY A 1 77  ? -10.521 -3.548  4.579   1.00 14.58 ? 76  GLY A O   1 
ATOM   580  N N   . PRO A 1 78  ? -9.428  -1.800  3.723   1.00 13.91 ? 77  PRO A N   1 
ATOM   581  C CA  . PRO A 1 78  ? -10.591 -1.267  3.030   1.00 15.59 ? 77  PRO A CA  1 
ATOM   582  C C   . PRO A 1 78  ? -11.218 -2.245  2.039   1.00 15.68 ? 77  PRO A C   1 
ATOM   583  O O   . PRO A 1 78  ? -12.440 -2.181  1.816   1.00 18.95 ? 77  PRO A O   1 
ATOM   584  C CB  . PRO A 1 78  ? -10.061 -0.024  2.292   1.00 16.84 ? 77  PRO A CB  1 
ATOM   585  C CG  . PRO A 1 78  ? -8.801  0.359   3.006   1.00 17.52 ? 77  PRO A CG  1 
ATOM   586  C CD  . PRO A 1 78  ? -8.232  -0.941  3.540   1.00 14.59 ? 77  PRO A CD  1 
ATOM   587  N N   . HIS A 1 79  ? -10.436 -3.156  1.489   1.00 14.12 ? 78  HIS A N   1 
ATOM   588  C CA  . HIS A 1 79  ? -10.886 -4.214  0.558   1.00 14.45 ? 78  HIS A CA  1 
ATOM   589  C C   . HIS A 1 79  ? -10.593 -5.589  1.142   1.00 13.38 ? 78  HIS A C   1 
ATOM   590  O O   . HIS A 1 79  ? -10.178 -6.484  0.471   1.00 13.41 ? 78  HIS A O   1 
ATOM   591  C CB  . HIS A 1 79  ? -10.257 -4.025  -0.819  1.00 15.46 ? 78  HIS A CB  1 
ATOM   592  C CG  . HIS A 1 79  ? -10.646 -2.733  -1.422  1.00 15.47 ? 78  HIS A CG  1 
ATOM   593  N ND1 . HIS A 1 79  ? -11.931 -2.517  -1.896  1.00 18.57 ? 78  HIS A ND1 1 
ATOM   594  C CD2 . HIS A 1 79  ? -9.942  -1.622  -1.680  1.00 16.60 ? 78  HIS A CD2 1 
ATOM   595  C CE1 . HIS A 1 79  ? -11.986 -1.288  -2.398  1.00 19.52 ? 78  HIS A CE1 1 
ATOM   596  N NE2 . HIS A 1 79  ? -10.804 -0.726  -2.261  1.00 18.03 ? 78  HIS A NE2 1 
ATOM   597  N N   . ALA A 1 80  ? -10.960 -5.755  2.399   1.00 14.18 ? 79  ALA A N   1 
ATOM   598  C CA  . ALA A 1 80  ? -10.710 -6.992  3.163   1.00 15.11 ? 79  ALA A CA  1 
ATOM   599  C C   . ALA A 1 80  ? -11.432 -8.165  2.524   1.00 13.74 ? 79  ALA A C   1 
ATOM   600  O O   . ALA A 1 80  ? -10.961 -9.269  2.677   1.00 15.11 ? 79  ALA A O   1 
ATOM   601  C CB  . ALA A 1 80  ? -11.166 -6.847  4.586   1.00 14.42 ? 79  ALA A CB  1 
ATOM   602  N N   . ASP A 1 81  ? -12.564 -7.969  1.845   1.00 14.41 ? 80  ASP A N   1 
ATOM   603  C CA  . ASP A 1 81  ? -13.298 -9.112  1.258   1.00 15.61 ? 80  ASP A CA  1 
ATOM   604  C C   . ASP A 1 81  ? -12.760 -9.467  -0.121  1.00 15.88 ? 80  ASP A C   1 
ATOM   605  O O   . ASP A 1 81  ? -13.149 -10.533 -0.657  1.00 17.48 ? 80  ASP A O   1 
ATOM   606  C CB  . ASP A 1 81  ? -14.786 -8.776  1.121   1.00 18.34 ? 80  ASP A CB  1 
ATOM   607  C CG  . ASP A 1 81  ? -15.416 -8.492  2.464   1.00 23.41 ? 80  ASP A CG  1 
ATOM   608  O OD1 . ASP A 1 81  ? -15.356 -9.388  3.304   1.00 30.29 ? 80  ASP A OD1 1 
ATOM   609  O OD2 . ASP A 1 81  ? -15.893 -7.341  2.685   1.00 31.18 ? 80  ASP A OD2 1 
ATOM   610  N N   . ALA A 1 82  ? -11.898 -8.668  -0.721  1.00 14.61 ? 81  ALA A N   1 
ATOM   611  C CA  . ALA A 1 82  ? -11.449 -8.933  -2.083  1.00 14.00 ? 81  ALA A CA  1 
ATOM   612  C C   . ALA A 1 82  ? -10.525 -10.142 -2.096  1.00 14.46 ? 81  ALA A C   1 
ATOM   613  O O   . ALA A 1 82  ? -9.748  -10.340 -1.124  1.00 14.74 ? 81  ALA A O   1 
ATOM   614  C CB  . ALA A 1 82  ? -10.737 -7.728  -2.631  1.00 14.45 ? 81  ALA A CB  1 
ATOM   615  N N   . LYS A 1 83  ? -10.556 -10.872 -3.193  1.00 14.43 ? 82  LYS A N   1 
ATOM   616  C CA  . LYS A 1 83  ? -9.614  -11.958 -3.458  1.00 14.00 ? 82  LYS A CA  1 
ATOM   617  C C   . LYS A 1 83  ? -8.397  -11.417 -4.199  1.00 13.56 ? 82  LYS A C   1 
ATOM   618  O O   . LYS A 1 83  ? -8.491  -10.447 -4.960  1.00 14.22 ? 82  LYS A O   1 
ATOM   619  C CB  . LYS A 1 83  ? -10.296 -13.039 -4.299  1.00 15.68 ? 82  LYS A CB  1 
ATOM   620  C CG  . LYS A 1 83  ? -11.561 -13.601 -3.668  1.00 17.79 ? 82  LYS A CG  1 
ATOM   621  C CD  . LYS A 1 83  ? -11.457 -14.114 -2.276  1.00 22.87 ? 82  LYS A CD  1 
ATOM   622  C CE  . LYS A 1 83  ? -12.652 -14.978 -1.906  1.00 24.89 ? 82  LYS A CE  1 
ATOM   623  N NZ  . LYS A 1 83  ? -12.757 -15.184 -0.439  1.00 27.79 ? 82  LYS A NZ  1 
ATOM   624  N N   . PHE A 1 84  ? -7.275  -12.075 -4.008  1.00 13.01 ? 83  PHE A N   1 
ATOM   625  C CA  . PHE A 1 84  ? -6.029  -11.686 -4.657  1.00 12.42 ? 83  PHE A CA  1 
ATOM   626  C C   . PHE A 1 84  ? -6.268  -11.593 -6.146  1.00 13.77 ? 83  PHE A C   1 
ATOM   627  O O   . PHE A 1 84  ? -6.844  -12.549 -6.739  1.00 14.58 ? 83  PHE A O   1 
ATOM   628  C CB  . PHE A 1 84  ? -4.970  -12.730 -4.337  1.00 13.06 ? 83  PHE A CB  1 
ATOM   629  C CG  . PHE A 1 84  ? -3.599  -12.367 -4.777  1.00 13.89 ? 83  PHE A CG  1 
ATOM   630  C CD1 . PHE A 1 84  ? -2.914  -11.339 -4.147  1.00 13.69 ? 83  PHE A CD1 1 
ATOM   631  C CD2 . PHE A 1 84  ? -2.955  -13.047 -5.801  1.00 16.41 ? 83  PHE A CD2 1 
ATOM   632  C CE1 . PHE A 1 84  ? -1.641  -10.987 -4.559  1.00 15.99 ? 83  PHE A CE1 1 
ATOM   633  C CE2 . PHE A 1 84  ? -1.683  -12.664 -6.217  1.00 18.00 ? 83  PHE A CE2 1 
ATOM   634  C CZ  . PHE A 1 84  ? -1.057  -11.617 -5.603  1.00 16.35 ? 83  PHE A CZ  1 
ATOM   635  N N   . LYS A 1 85  ? -5.830  -10.521 -6.746  1.00 13.30 ? 84  LYS A N   1 
ATOM   636  C CA  . LYS A 1 85  ? -5.926  -10.185 -8.188  1.00 15.07 ? 84  LYS A CA  1 
ATOM   637  C C   . LYS A 1 85  ? -7.330  -9.729  -8.611  1.00 15.31 ? 84  LYS A C   1 
ATOM   638  O O   . LYS A 1 85  ? -7.524  -9.487  -9.817  1.00 17.45 ? 84  LYS A O   1 
ATOM   639  C CB  . LYS A 1 85  ? -5.443  -11.317 -9.098  1.00 17.10 ? 84  LYS A CB  1 
ATOM   640  C CG  . LYS A 1 85  ? -3.944  -11.539 -9.032  1.00 21.02 ? 84  LYS A CG  1 
ATOM   641  C CD  . LYS A 1 85  ? -3.171  -10.344 -9.593  1.00 27.11 ? 84  LYS A CD  1 
ATOM   642  C CE  . LYS A 1 85  ? -1.667  -10.451 -9.467  1.00 34.27 ? 84  LYS A CE  1 
ATOM   643  N NZ  . LYS A 1 85  ? -1.034  -11.003 -10.689 1.00 36.35 ? 84  LYS A NZ  1 
ATOM   644  N N   . ASP A 1 86  ? -8.258  -9.543  -7.715  1.00 14.49 ? 85  ASP A N   1 
ATOM   645  C CA  . ASP A 1 86  ? -9.521  -8.872  -8.115  1.00 15.11 ? 85  ASP A CA  1 
ATOM   646  C C   . ASP A 1 86  ? -9.200  -7.483  -8.649  1.00 15.54 ? 85  ASP A C   1 
ATOM   647  O O   . ASP A 1 86  ? -8.450  -6.745  -8.052  1.00 15.46 ? 85  ASP A O   1 
ATOM   648  C CB  . ASP A 1 86  ? -10.485 -8.781  -6.947  1.00 15.79 ? 85  ASP A CB  1 
ATOM   649  C CG  . ASP A 1 86  ? -11.227 -10.052 -6.555  1.00 17.06 ? 85  ASP A CG  1 
ATOM   650  O OD1 . ASP A 1 86  ? -11.138 -11.042 -7.269  1.00 19.23 ? 85  ASP A OD1 1 
ATOM   651  O OD2 . ASP A 1 86  ? -11.953 -9.980  -5.544  1.00 17.56 ? 85  ASP A OD2 1 
ATOM   652  N N   . LYS A 1 87  ? -9.827  -7.118  -9.771  1.00 16.40 ? 86  LYS A N   1 
ATOM   653  C CA  . LYS A 1 87  ? -9.558  -5.824  -10.435 1.00 18.13 ? 86  LYS A CA  1 
ATOM   654  C C   . LYS A 1 87  ? -10.389 -4.749  -9.763  1.00 17.01 ? 86  LYS A C   1 
ATOM   655  O O   . LYS A 1 87  ? -11.642 -4.804  -9.867  1.00 18.70 ? 86  LYS A O   1 
ATOM   656  C CB  . LYS A 1 87  ? -9.908  -5.959  -11.916 1.00 20.98 ? 86  LYS A CB  1 
ATOM   657  C CG  . LYS A 1 87  ? -8.975  -6.895  -12.654 1.00 28.87 ? 86  LYS A CG  1 
ATOM   658  C CD  . LYS A 1 87  ? -9.305  -7.109  -14.141 1.00 33.50 ? 86  LYS A CD  1 
ATOM   659  C CE  . LYS A 1 87  ? -8.711  -6.068  -15.073 1.00 40.26 ? 86  LYS A CE  1 
ATOM   660  N NZ  . LYS A 1 87  ? -7.267  -5.823  -14.822 1.00 46.58 ? 86  LYS A NZ  1 
ATOM   661  N N   . ILE A 1 88  ? -9.729  -3.856  -9.063  1.00 15.75 ? 87  ILE A N   1 
ATOM   662  C CA  . ILE A 1 88  ? -10.390 -2.797  -8.294  1.00 15.19 ? 87  ILE A CA  1 
ATOM   663  C C   . ILE A 1 88  ? -9.579  -1.544  -8.545  1.00 14.52 ? 87  ILE A C   1 
ATOM   664  O O   . ILE A 1 88  ? -8.361  -1.519  -8.322  1.00 14.27 ? 87  ILE A O   1 
ATOM   665  C CB  . ILE A 1 88  ? -10.433 -3.131  -6.789  1.00 15.15 ? 87  ILE A CB  1 
ATOM   666  C CG1 . ILE A 1 88  ? -11.154 -4.447  -6.491  1.00 15.45 ? 87  ILE A CG1 1 
ATOM   667  C CG2 . ILE A 1 88  ? -11.058 -1.984  -6.022  1.00 16.04 ? 87  ILE A CG2 1 
ATOM   668  C CD1 . ILE A 1 88  ? -10.892 -5.066  -5.152  1.00 17.44 ? 87  ILE A CD1 1 
ATOM   669  N N   . ASP A 1 89  ? -10.227 -0.486  -9.008  1.00 15.73 ? 88  ASP A N   1 
ATOM   670  C CA  . ASP A 1 89  ? -9.551  0.796   -9.180  1.00 16.30 ? 88  ASP A CA  1 
ATOM   671  C C   . ASP A 1 89  ? -8.956  1.250   -7.845  1.00 15.61 ? 88  ASP A C   1 
ATOM   672  O O   . ASP A 1 89  ? -9.612  1.260   -6.831  1.00 16.08 ? 88  ASP A O   1 
ATOM   673  C CB  . ASP A 1 89  ? -10.557 1.752   -9.805  1.00 18.27 ? 88  ASP A CB  1 
ATOM   674  C CG  . ASP A 1 89  ? -10.029 3.173   -9.856  1.00 19.29 ? 88  ASP A CG  1 
ATOM   675  O OD1 . ASP A 1 89  ? -8.926  3.366   -10.342 1.00 22.33 ? 88  ASP A OD1 1 
ATOM   676  O OD2 . ASP A 1 89  ? -10.724 4.036   -9.325  1.00 23.80 ? 88  ASP A OD2 1 
ATOM   677  N N   . GLY A 1 90  ? -7.689  1.642   -7.857  1.00 13.95 ? 89  GLY A N   1 
ATOM   678  C CA  . GLY A 1 90  ? -6.990  2.090   -6.656  1.00 12.65 ? 89  GLY A CA  1 
ATOM   679  C C   . GLY A 1 90  ? -6.435  0.934   -5.827  1.00 11.38 ? 89  GLY A C   1 
ATOM   680  O O   . GLY A 1 90  ? -6.055  1.182   -4.673  1.00 12.30 ? 89  GLY A O   1 
ATOM   681  N N   . VAL A 1 91  ? -6.384  -0.277  -6.346  1.00 11.56 ? 90  VAL A N   1 
ATOM   682  C CA  . VAL A 1 91  ? -5.789  -1.464  -5.682  1.00 10.96 ? 90  VAL A CA  1 
ATOM   683  C C   . VAL A 1 91  ? -4.752  -2.066  -6.595  1.00 10.67 ? 90  VAL A C   1 
ATOM   684  O O   . VAL A 1 91  ? -5.036  -2.287  -7.790  1.00 12.22 ? 90  VAL A O   1 
ATOM   685  C CB  . VAL A 1 91  ? -6.887  -2.465  -5.339  1.00 11.91 ? 90  VAL A CB  1 
ATOM   686  C CG1 . VAL A 1 91  ? -6.336  -3.797  -4.880  1.00 12.50 ? 90  VAL A CG1 1 
ATOM   687  C CG2 . VAL A 1 91  ? -7.862  -1.911  -4.311  1.00 12.72 ? 90  VAL A CG2 1 
ATOM   688  N N   . PHE A 1 92  ? -3.574  -2.330  -6.048  1.00 10.11 ? 91  PHE A N   1 
ATOM   689  C CA  . PHE A 1 92  ? -2.503  -3.005  -6.814  1.00 10.32 ? 91  PHE A CA  1 
ATOM   690  C C   . PHE A 1 92  ? -1.986  -4.147  -5.974  1.00 9.58  ? 91  PHE A C   1 
ATOM   691  O O   . PHE A 1 92  ? -1.489  -3.950  -4.865  1.00 10.68 ? 91  PHE A O   1 
ATOM   692  C CB  . PHE A 1 92  ? -1.365  -2.056  -7.162  1.00 11.08 ? 91  PHE A CB  1 
ATOM   693  C CG  . PHE A 1 92  ? -0.336  -2.667  -8.036  1.00 11.47 ? 91  PHE A CG  1 
ATOM   694  C CD1 . PHE A 1 92  ? -0.520  -2.746  -9.399  1.00 12.26 ? 91  PHE A CD1 1 
ATOM   695  C CD2 . PHE A 1 92  ? 0.817   -3.242  -7.478  1.00 11.28 ? 91  PHE A CD2 1 
ATOM   696  C CE1 . PHE A 1 92  ? 0.436   -3.378  -10.197 1.00 14.27 ? 91  PHE A CE1 1 
ATOM   697  C CE2 . PHE A 1 92  ? 1.761   -3.878  -8.296  1.00 12.19 ? 91  PHE A CE2 1 
ATOM   698  C CZ  . PHE A 1 92  ? 1.574   -3.932  -9.650  1.00 13.74 ? 91  PHE A CZ  1 
ATOM   699  N N   . TRP A 1 93  ? -2.182  -5.360  -6.433  1.00 10.29 ? 92  TRP A N   1 
ATOM   700  C CA  . TRP A 1 93  ? -1.853  -6.601  -5.704  1.00 10.73 ? 92  TRP A CA  1 
ATOM   701  C C   . TRP A 1 93  ? -0.367  -6.916  -5.724  1.00 11.16 ? 92  TRP A C   1 
ATOM   702  O O   . TRP A 1 93  ? 0.254   -6.869  -6.781  1.00 11.90 ? 92  TRP A O   1 
ATOM   703  C CB  . TRP A 1 93  ? -2.669  -7.759  -6.252  1.00 11.28 ? 92  TRP A CB  1 
ATOM   704  C CG  . TRP A 1 93  ? -4.135  -7.622  -6.031  1.00 11.67 ? 92  TRP A CG  1 
ATOM   705  C CD1 . TRP A 1 93  ? -5.066  -7.172  -6.926  1.00 11.80 ? 92  TRP A CD1 1 
ATOM   706  C CD2 . TRP A 1 93  ? -4.832  -7.848  -4.792  1.00 11.61 ? 92  TRP A CD2 1 
ATOM   707  N NE1 . TRP A 1 93  ? -6.298  -7.124  -6.320  1.00 12.65 ? 92  TRP A NE1 1 
ATOM   708  C CE2 . TRP A 1 93  ? -6.186  -7.544  -5.031  1.00 12.83 ? 92  TRP A CE2 1 
ATOM   709  C CE3 . TRP A 1 93  ? -4.443  -8.279  -3.523  1.00 12.19 ? 92  TRP A CE3 1 
ATOM   710  C CZ2 . TRP A 1 93  ? -7.148  -7.637  -4.032  1.00 13.57 ? 92  TRP A CZ2 1 
ATOM   711  C CZ3 . TRP A 1 93  ? -5.410  -8.415  -2.557  1.00 12.66 ? 92  TRP A CZ3 1 
ATOM   712  C CH2 . TRP A 1 93  ? -6.747  -8.101  -2.820  1.00 14.03 ? 92  TRP A CH2 1 
ATOM   713  N N   . VAL A 1 94  ? 0.172   -7.307  -4.574  1.00 10.40 ? 93  VAL A N   1 
ATOM   714  C CA  . VAL A 1 94  ? 1.589   -7.702  -4.457  1.00 10.71 ? 93  VAL A CA  1 
ATOM   715  C C   . VAL A 1 94  ? 1.714   -8.960  -3.632  1.00 10.49 ? 93  VAL A C   1 
ATOM   716  O O   . VAL A 1 94  ? 0.928   -9.242  -2.738  1.00 10.97 ? 93  VAL A O   1 
ATOM   717  C CB  . VAL A 1 94  ? 2.403   -6.562  -3.813  1.00 10.56 ? 93  VAL A CB  1 
ATOM   718  C CG1 . VAL A 1 94  ? 2.579   -5.414  -4.787  1.00 10.78 ? 93  VAL A CG1 1 
ATOM   719  C CG2 . VAL A 1 94  ? 1.824   -6.064  -2.514  1.00 10.59 ? 93  VAL A CG2 1 
ATOM   720  N N   . ALA A 1 95  ? 2.797   -9.696  -3.896  1.00 10.86 ? 94  ALA A N   1 
ATOM   721  C CA  . ALA A 1 95  ? 3.118   -10.908 -3.117  1.00 11.46 ? 94  ALA A CA  1 
ATOM   722  C C   . ALA A 1 95  ? 4.571   -11.222 -3.281  1.00 10.87 ? 94  ALA A C   1 
ATOM   723  O O   . ALA A 1 95  ? 5.076   -11.176 -4.354  1.00 12.57 ? 94  ALA A O   1 
ATOM   724  C CB  . ALA A 1 95  ? 2.295   -12.093 -3.586  1.00 12.45 ? 94  ALA A CB  1 
ATOM   725  N N   . ARG A 1 96  ? 5.182   -11.661 -2.201  1.00 11.11 ? 95  ARG A N   1 
ATOM   726  C CA  . ARG A 1 96  ? 6.512   -12.284 -2.297  1.00 11.27 ? 95  ARG A CA  1 
ATOM   727  C C   . ARG A 1 96  ? 6.358   -13.678 -2.842  1.00 11.64 ? 95  ARG A C   1 
ATOM   728  O O   . ARG A 1 96  ? 5.387   -14.375 -2.475  1.00 12.55 ? 95  ARG A O   1 
ATOM   729  C CB  . ARG A 1 96  ? 7.170   -12.350 -0.916  1.00 13.28 ? 95  ARG A CB  1 
ATOM   730  C CG  . ARG A 1 96  ? 7.418   -11.000 -0.242  1.00 14.19 ? 95  ARG A CG  1 
ATOM   731  C CD  . ARG A 1 96  ? 8.306   -10.059 -1.021  1.00 13.87 ? 95  ARG A CD  1 
ATOM   732  N NE  . ARG A 1 96  ? 9.620   -10.641 -1.269  1.00 14.13 ? 95  ARG A NE  1 
ATOM   733  C CZ  . ARG A 1 96  ? 10.521  -10.140 -2.071  1.00 13.85 ? 95  ARG A CZ  1 
ATOM   734  N NH1 . ARG A 1 96  ? 10.300  -9.079  -2.782  1.00 13.67 ? 95  ARG A NH1 1 
ATOM   735  N NH2 . ARG A 1 96  ? 11.703  -10.774 -2.153  1.00 15.47 ? 95  ARG A NH2 1 
ATOM   736  N N   . ASP A 1 97  ? 7.317   -14.110 -3.651  1.00 11.78 ? 96  ASP A N   1 
ATOM   737  C CA  . ASP A 1 97  ? 7.312   -15.520 -4.060  1.00 12.84 ? 96  ASP A CA  1 
ATOM   738  C C   . ASP A 1 97  ? 7.223   -16.433 -2.861  1.00 13.09 ? 96  ASP A C   1 
ATOM   739  O O   . ASP A 1 97  ? 7.912   -16.253 -1.862  1.00 14.86 ? 96  ASP A O   1 
ATOM   740  C CB  . ASP A 1 97  ? 8.563   -15.814 -4.843  1.00 13.69 ? 96  ASP A CB  1 
ATOM   741  C CG  . ASP A 1 97  ? 8.630   -15.146 -6.176  1.00 15.31 ? 96  ASP A CG  1 
ATOM   742  O OD1 . ASP A 1 97  ? 7.610   -14.658 -6.682  1.00 14.86 ? 96  ASP A OD1 1 
ATOM   743  O OD2 . ASP A 1 97  ? 9.753   -15.212 -6.777  1.00 18.13 ? 96  ASP A OD2 1 
ATOM   744  N N   . GLY A 1 98  ? 6.348   -17.405 -2.945  1.00 12.94 ? 97  GLY A N   1 
ATOM   745  C CA  . GLY A 1 98  ? 6.140   -18.375 -1.882  1.00 14.07 ? 97  GLY A CA  1 
ATOM   746  C C   . GLY A 1 98  ? 5.074   -17.995 -0.922  1.00 12.96 ? 97  GLY A C   1 
ATOM   747  O O   . GLY A 1 98  ? 4.749   -18.795 0.011   1.00 14.39 ? 97  GLY A O   1 
ATOM   748  N N   . ALA A 1 99  ? 4.477   -16.801 -1.029  1.00 12.86 ? 98  ALA A N   1 
ATOM   749  C CA  . ALA A 1 99  ? 3.338   -16.453 -0.155  1.00 13.30 ? 98  ALA A CA  1 
ATOM   750  C C   . ALA A 1 99  ? 2.167   -17.390 -0.446  1.00 12.58 ? 98  ALA A C   1 
ATOM   751  O O   . ALA A 1 99  ? 2.034   -17.928 -1.560  1.00 13.37 ? 98  ALA A O   1 
ATOM   752  C CB  . ALA A 1 99  ? 2.902   -15.018 -0.342  1.00 13.93 ? 98  ALA A CB  1 
ATOM   753  N N   . MET A 1 100 ? 1.342   -17.558 0.560   1.00 12.95 ? 99  MET A N   1 
ATOM   754  C CA  . MET A 1 100 ? 0.066   -18.311 0.441   1.00 13.98 ? 99  MET A CA  1 
ATOM   755  C C   . MET A 1 100 ? -1.102  -17.405 0.125   1.00 13.29 ? 99  MET A C   1 
ATOM   756  O O   . MET A 1 100 ? -1.280  -16.369 0.755   1.00 13.38 ? 99  MET A O   1 
ATOM   757  C CB  . MET A 1 100 ? -0.235  -19.013 1.748   1.00 16.20 ? 99  MET A CB  1 
ATOM   758  C CG  . MET A 1 100 ? -1.254  -20.090 1.593   1.00 19.40 ? 99  MET A CG  1 
ATOM   759  S SD  . MET A 1 100 ? -1.533  -21.176 2.976   1.00 31.83 ? 99  MET A SD  1 
ATOM   760  C CE  . MET A 1 100 ? 0.164   -21.271 3.485   1.00 22.80 ? 99  MET A CE  1 
ATOM   761  N N   . ASN A 1 101 ? -1.913  -17.826 -0.837  1.00 14.02 ? 100 ASN A N   1 
ATOM   762  C CA  . ASN A 1 101 ? -3.123  -17.095 -1.227  1.00 13.33 ? 100 ASN A CA  1 
ATOM   763  C C   . ASN A 1 101 ? -4.202  -17.469 -0.229  1.00 13.58 ? 100 ASN A C   1 
ATOM   764  O O   . ASN A 1 101 ? -5.097  -18.309 -0.503  1.00 14.28 ? 100 ASN A O   1 
ATOM   765  C CB  . ASN A 1 101 ? -3.495  -17.425 -2.658  1.00 13.89 ? 100 ASN A CB  1 
ATOM   766  C CG  . ASN A 1 101 ? -4.615  -16.543 -3.123  1.00 14.61 ? 100 ASN A CG  1 
ATOM   767  O OD1 . ASN A 1 101 ? -5.057  -15.640 -2.431  1.00 15.09 ? 100 ASN A OD1 1 
ATOM   768  N ND2 . ASN A 1 101 ? -5.069  -16.768 -4.350  1.00 16.46 ? 100 ASN A ND2 1 
ATOM   769  N N   . LYS A 1 102 ? -4.140  -16.941 0.980   1.00 13.84 ? 101 LYS A N   1 
ATOM   770  C CA  . LYS A 1 102 ? -5.035  -17.248 2.106   1.00 14.53 ? 101 LYS A CA  1 
ATOM   771  C C   . LYS A 1 102 ? -5.289  -15.949 2.850   1.00 13.40 ? 101 LYS A C   1 
ATOM   772  O O   . LYS A 1 102 ? -4.318  -15.200 3.165   1.00 13.80 ? 101 LYS A O   1 
ATOM   773  C CB  . LYS A 1 102 ? -4.341  -18.249 3.018   1.00 15.97 ? 101 LYS A CB  1 
ATOM   774  C CG  . LYS A 1 102 ? -5.176  -18.689 4.216   1.00 17.96 ? 101 LYS A CG  1 
ATOM   775  C CD  . LYS A 1 102 ? -4.519  -19.787 5.044   1.00 20.51 ? 101 LYS A CD  1 
ATOM   776  C CE  . LYS A 1 102 ? -5.251  -20.145 6.321   1.00 25.21 ? 101 LYS A CE  1 
ATOM   777  N NZ  . LYS A 1 102 ? -6.657  -20.549 6.112   1.00 31.37 ? 101 LYS A NZ  1 
ATOM   778  N N   . PRO A 1 103 ? -6.512  -15.622 3.216   1.00 13.30 ? 102 PRO A N   1 
ATOM   779  C CA  . PRO A 1 103 ? -6.774  -14.389 3.974   1.00 14.09 ? 102 PRO A CA  1 
ATOM   780  C C   . PRO A 1 103 ? -6.044  -14.389 5.306   1.00 12.78 ? 102 PRO A C   1 
ATOM   781  O O   . PRO A 1 103 ? -5.906  -15.439 5.968   1.00 14.43 ? 102 PRO A O   1 
ATOM   782  C CB  . PRO A 1 103 ? -8.279  -14.338 4.183   1.00 15.25 ? 102 PRO A CB  1 
ATOM   783  C CG  . PRO A 1 103 ? -8.864  -15.389 3.240   1.00 17.20 ? 102 PRO A CG  1 
ATOM   784  C CD  . PRO A 1 103 ? -7.749  -16.347 2.885   1.00 14.74 ? 102 PRO A CD  1 
ATOM   785  N N   . ILE A 1 104 ? -5.575  -13.214 5.661   1.00 12.39 ? 103 ILE A N   1 
ATOM   786  C CA  . ILE A 1 104 ? -4.670  -13.020 6.818   1.00 12.79 ? 103 ILE A CA  1 
ATOM   787  C C   . ILE A 1 104 ? -5.443  -12.461 8.001   1.00 12.53 ? 103 ILE A C   1 
ATOM   788  O O   . ILE A 1 104 ? -6.309  -11.627 7.861   1.00 13.62 ? 103 ILE A O   1 
ATOM   789  C CB  . ILE A 1 104 ? -3.485  -12.151 6.363   1.00 12.68 ? 103 ILE A CB  1 
ATOM   790  C CG1 . ILE A 1 104 ? -2.664  -12.994 5.383   1.00 13.82 ? 103 ILE A CG1 1 
ATOM   791  C CG2 . ILE A 1 104 ? -2.634  -11.642 7.493   1.00 12.91 ? 103 ILE A CG2 1 
ATOM   792  C CD1 . ILE A 1 104 ? -1.702  -12.203 4.512   1.00 13.63 ? 103 ILE A CD1 1 
ATOM   793  N N   . THR A 1 105 ? -5.078  -12.955 9.188   1.00 13.85 ? 104 THR A N   1 
ATOM   794  C CA  . THR A 1 105 ? -5.806  -12.663 10.453  1.00 15.31 ? 104 THR A CA  1 
ATOM   795  C C   . THR A 1 105 ? -5.118  -11.576 11.276  1.00 15.36 ? 104 THR A C   1 
ATOM   796  O O   . THR A 1 105 ? -5.550  -11.347 12.419  1.00 17.31 ? 104 THR A O   1 
ATOM   797  C CB  . THR A 1 105 ? -5.978  -13.945 11.283  1.00 17.19 ? 104 THR A CB  1 
ATOM   798  O OG1 . THR A 1 105 ? -4.662  -14.380 11.587  1.00 18.49 ? 104 THR A OG1 1 
ATOM   799  C CG2 . THR A 1 105 ? -6.781  -14.993 10.532  1.00 20.07 ? 104 THR A CG2 1 
ATOM   800  N N   . LEU A 1 106 ? -4.111  -10.921 10.736  1.00 14.74 ? 105 LEU A N   1 
ATOM   801  C CA  . LEU A 1 106 ? -3.318  -9.897  11.461  1.00 15.43 ? 105 LEU A CA  1 
ATOM   802  C C   . LEU A 1 106 ? -4.073  -8.589  11.600  1.00 14.46 ? 105 LEU A C   1 
ATOM   803  O O   . LEU A 1 106 ? -3.615  -7.767  12.430  1.00 15.84 ? 105 LEU A O   1 
ATOM   804  C CB  . LEU A 1 106 ? -2.041  -9.625  10.703  1.00 16.63 ? 105 LEU A CB  1 
ATOM   805  C CG  . LEU A 1 106 ? -1.050  -10.768 10.589  1.00 18.60 ? 105 LEU A CG  1 
ATOM   806  C CD1 . LEU A 1 106 ? 0.057   -10.357 9.640   1.00 21.24 ? 105 LEU A CD1 1 
ATOM   807  C CD2 . LEU A 1 106 ? -0.481  -11.119 11.956  1.00 21.14 ? 105 LEU A CD2 1 
ATOM   808  N N   . GLY A 1 107 ? -5.170  -8.362  10.912  1.00 13.19 ? 106 GLY A N   1 
ATOM   809  C CA  . GLY A 1 107 ? -5.918  -7.112  11.028  1.00 13.66 ? 106 GLY A CA  1 
ATOM   810  C C   . GLY A 1 107 ? -5.142  -5.926  10.517  1.00 12.27 ? 106 GLY A C   1 
ATOM   811  O O   . GLY A 1 107 ? -4.369  -6.025  9.561   1.00 13.02 ? 106 GLY A O   1 
ATOM   812  N N   . THR A 1 108 ? -5.447  -4.790  11.114  1.00 13.16 ? 107 THR A N   1 
ATOM   813  C CA  . THR A 1 108 ? -4.902  -3.473  10.712  1.00 13.38 ? 107 THR A CA  1 
ATOM   814  C C   . THR A 1 108 ? -4.376  -2.756  11.950  1.00 12.70 ? 107 THR A C   1 
ATOM   815  O O   . THR A 1 108 ? -4.546  -3.199  13.117  1.00 13.64 ? 107 THR A O   1 
ATOM   816  C CB  . THR A 1 108 ? -5.966  -2.657  9.964   1.00 13.78 ? 107 THR A CB  1 
ATOM   817  O OG1 . THR A 1 108 ? -7.102  -2.444  10.820  1.00 14.61 ? 107 THR A OG1 1 
ATOM   818  C CG2 . THR A 1 108 ? -6.396  -3.324  8.667   1.00 14.81 ? 107 THR A CG2 1 
ATOM   819  N N   . ARG A 1 109 ? -3.793  -1.592  11.753  1.00 12.89 ? 108 ARG A N   1 
ATOM   820  C CA  . ARG A 1 109 ? -3.135  -0.870  12.849  1.00 12.54 ? 108 ARG A CA  1 
ATOM   821  C C   . ARG A 1 109 ? -4.171  -0.129  13.696  1.00 14.36 ? 108 ARG A C   1 
ATOM   822  O O   . ARG A 1 109 ? -5.070  0.504   13.207  1.00 15.10 ? 108 ARG A O   1 
ATOM   823  C CB  . ARG A 1 109 ? -2.142  0.127   12.253  1.00 13.22 ? 108 ARG A CB  1 
ATOM   824  C CG  . ARG A 1 109 ? -1.417  0.955   13.303  1.00 14.21 ? 108 ARG A CG  1 
ATOM   825  C CD  . ARG A 1 109 ? -0.257  1.756   12.742  1.00 15.23 ? 108 ARG A CD  1 
ATOM   826  N NE  . ARG A 1 109 ? -0.616  2.592   11.638  1.00 16.91 ? 108 ARG A NE  1 
ATOM   827  C CZ  . ARG A 1 109 ? -1.085  3.818   11.721  1.00 18.43 ? 108 ARG A CZ  1 
ATOM   828  N NH1 . ARG A 1 109 ? -1.170  4.438   12.896  1.00 22.34 ? 108 ARG A NH1 1 
ATOM   829  N NH2 . ARG A 1 109 ? -1.369  4.510   10.616  1.00 21.62 ? 108 ARG A NH2 1 
ATOM   830  N N   . GLY A 1 110 ? -3.953  -0.178  14.988  1.00 15.60 ? 109 GLY A N   1 
ATOM   831  C CA  . GLY A 1 110 ? -4.823  0.580   15.901  1.00 16.40 ? 109 GLY A CA  1 
ATOM   832  C C   . GLY A 1 110 ? -4.554  2.076   15.854  1.00 17.73 ? 109 GLY A C   1 
ATOM   833  O O   . GLY A 1 110 ? -3.400  2.488   15.630  1.00 16.39 ? 109 GLY A O   1 
ATOM   834  N N   . THR A 1 111 ? -5.579  2.873   16.194  1.00 20.15 ? 110 THR A N   1 
ATOM   835  C CA  . THR A 1 111 ? -5.535  4.350   16.026  1.00 23.24 ? 110 THR A CA  1 
ATOM   836  C C   . THR A 1 111 ? -4.522  4.954   16.997  1.00 22.73 ? 110 THR A C   1 
ATOM   837  O O   . THR A 1 111 ? -4.095  6.102   16.765  1.00 24.83 ? 110 THR A O   1 
ATOM   838  C CB  . THR A 1 111 ? -6.911  5.018   16.208  1.00 26.50 ? 110 THR A CB  1 
ATOM   839  O OG1 . THR A 1 111 ? -7.451  4.596   17.460  1.00 27.19 ? 110 THR A OG1 1 
ATOM   840  C CG2 . THR A 1 111 ? -7.883  4.715   15.088  1.00 32.64 ? 110 THR A CG2 1 
ATOM   841  N N   . ASN A 1 112 ? -4.116  4.255   18.054  1.00 19.43 ? 111 ASN A N   1 
ATOM   842  C CA  . ASN A 1 112 ? -3.142  4.773   19.023  1.00 19.53 ? 111 ASN A CA  1 
ATOM   843  C C   . ASN A 1 112 ? -1.787  4.124   18.864  1.00 16.36 ? 111 ASN A C   1 
ATOM   844  O O   . ASN A 1 112 ? -0.940  4.288   19.702  1.00 19.95 ? 111 ASN A O   1 
ATOM   845  C CB  . ASN A 1 112 ? -3.671  4.635   20.444  1.00 20.41 ? 111 ASN A CB  1 
ATOM   846  C CG  . ASN A 1 112 ? -4.408  5.867   20.893  1.00 23.74 ? 111 ASN A CG  1 
ATOM   847  O OD1 . ASN A 1 112 ? -4.664  6.777   20.100  1.00 30.23 ? 111 ASN A OD1 1 
ATOM   848  N ND2 . ASN A 1 112 ? -4.880  5.850   22.129  1.00 26.95 ? 111 ASN A ND2 1 
ATOM   849  N N   . ASN A 1 113 ? -1.572  3.386   17.752  1.00 16.11 ? 112 ASN A N   1 
ATOM   850  C CA  . ASN A 1 113 ? -0.280  2.764   17.509  1.00 14.36 ? 112 ASN A CA  1 
ATOM   851  C C   . ASN A 1 113 ? 0.446   3.461   16.353  1.00 16.89 ? 112 ASN A C   1 
ATOM   852  O O   . ASN A 1 113 ? -0.199  3.916   15.416  1.00 17.94 ? 112 ASN A O   1 
ATOM   853  C CB  . ASN A 1 113 ? -0.407  1.278   17.091  1.00 14.76 ? 112 ASN A CB  1 
ATOM   854  C CG  . ASN A 1 113 ? -0.640  0.379   18.301  1.00 14.17 ? 112 ASN A CG  1 
ATOM   855  O OD1 . ASN A 1 113 ? -1.586  0.535   19.024  1.00 15.29 ? 112 ASN A OD1 1 
ATOM   856  N ND2 . ASN A 1 113 ? 0.249   -0.552  18.524  1.00 15.55 ? 112 ASN A ND2 1 
ATOM   857  N N   . GLU A 1 114 ? 1.765   3.459   16.415  1.00 17.83 ? 113 GLU A N   1 
ATOM   858  C CA  . GLU A 1 114 ? 2.618   4.126   15.397  1.00 19.79 ? 113 GLU A CA  1 
ATOM   859  C C   . GLU A 1 114 ? 2.703   3.265   14.134  1.00 19.46 ? 113 GLU A C   1 
ATOM   860  O O   . GLU A 1 114 ? 2.926   2.070   14.205  1.00 19.00 ? 113 GLU A O   1 
ATOM   861  C CB  . GLU A 1 114 ? 4.017   4.368   15.949  1.00 25.87 ? 113 GLU A CB  1 
ATOM   862  C CG  . GLU A 1 114 ? 4.723   5.581   15.377  1.00 34.14 ? 113 GLU A CG  1 
ATOM   863  C CD  . GLU A 1 114 ? 5.743   6.149   16.355  1.00 40.16 ? 113 GLU A CD  1 
ATOM   864  O OE1 . GLU A 1 114 ? 5.334   6.910   17.262  1.00 48.26 ? 113 GLU A OE1 1 
ATOM   865  O OE2 . GLU A 1 114 ? 6.932   5.797   16.239  1.00 43.97 ? 113 GLU A OE2 1 
ATOM   866  N N   . SER A 1 115 ? 2.719   3.953   12.993  1.00 18.94 ? 114 SER A N   1 
ATOM   867  C CA  . SER A 1 115 ? 3.040   3.335   11.682  1.00 19.48 ? 114 SER A CA  1 
ATOM   868  C C   . SER A 1 115 ? 4.511   2.929   11.627  1.00 20.51 ? 114 SER A C   1 
ATOM   869  O O   . SER A 1 115 ? 5.363   3.620   12.233  1.00 23.43 ? 114 SER A O   1 
ATOM   870  C CB  . SER A 1 115 ? 2.700   4.262   10.572  1.00 22.07 ? 114 SER A CB  1 
ATOM   871  O OG  . SER A 1 115 ? 3.499   5.419   10.675  1.00 27.17 ? 114 SER A OG  1 
ATOM   872  N N   . LYS A 1 116 ? 4.825   1.850   10.936  1.00 16.46 ? 115 LYS A N   1 
ATOM   873  C CA  . LYS A 1 116 ? 6.197   1.407   10.715  1.00 17.62 ? 115 LYS A CA  1 
ATOM   874  C C   . LYS A 1 116 ? 6.729   1.982   9.408   1.00 15.52 ? 115 LYS A C   1 
ATOM   875  O O   . LYS A 1 116 ? 6.041   2.003   8.370   1.00 15.41 ? 115 LYS A O   1 
ATOM   876  C CB  . LYS A 1 116 ? 6.278   -0.108  10.580  1.00 18.59 ? 115 LYS A CB  1 
ATOM   877  C CG  . LYS A 1 116 ? 6.078   -0.993  11.801  1.00 23.07 ? 115 LYS A CG  1 
ATOM   878  C CD  . LYS A 1 116 ? 6.273   -2.465  11.449  1.00 25.64 ? 115 LYS A CD  1 
ATOM   879  C CE  . LYS A 1 116 ? 6.025   -3.349  12.639  1.00 30.21 ? 115 LYS A CE  1 
ATOM   880  N NZ  . LYS A 1 116 ? 7.095   -3.166  13.635  1.00 29.77 ? 115 LYS A NZ  1 
ATOM   881  N N   . PRO A 1 117 ? 8.015   2.399   9.376   1.00 15.03 ? 116 PRO A N   1 
ATOM   882  C CA  . PRO A 1 117 ? 8.616   2.822   8.126   1.00 15.56 ? 116 PRO A CA  1 
ATOM   883  C C   . PRO A 1 117 ? 8.673   1.689   7.103   1.00 14.34 ? 116 PRO A C   1 
ATOM   884  O O   . PRO A 1 117 ? 8.782   0.536   7.461   1.00 15.17 ? 116 PRO A O   1 
ATOM   885  C CB  . PRO A 1 117 ? 10.047  3.250   8.517   1.00 17.96 ? 116 PRO A CB  1 
ATOM   886  C CG  . PRO A 1 117 ? 9.966   3.495   10.003  1.00 19.99 ? 116 PRO A CG  1 
ATOM   887  C CD  . PRO A 1 117 ? 8.908   2.544   10.542  1.00 17.17 ? 116 PRO A CD  1 
ATOM   888  N N   . LEU A 1 118 ? 8.669   2.077   5.840   1.00 14.19 ? 117 LEU A N   1 
ATOM   889  C CA  . LEU A 1 118 ? 8.741   1.102   4.730   1.00 14.02 ? 117 LEU A CA  1 
ATOM   890  C C   . LEU A 1 118 ? 10.174  0.670   4.502   1.00 13.72 ? 117 LEU A C   1 
ATOM   891  O O   . LEU A 1 118 ? 11.082  1.521   4.278   1.00 15.77 ? 117 LEU A O   1 
ATOM   892  C CB  . LEU A 1 118 ? 8.210   1.729   3.454   1.00 13.80 ? 117 LEU A CB  1 
ATOM   893  C CG  . LEU A 1 118 ? 6.689   1.905   3.459   1.00 13.35 ? 117 LEU A CG  1 
ATOM   894  C CD1 . LEU A 1 118 ? 6.271   2.720   2.251   1.00 13.20 ? 117 LEU A CD1 1 
ATOM   895  C CD2 . LEU A 1 118 ? 5.959   0.565   3.494   1.00 12.51 ? 117 LEU A CD2 1 
ATOM   896  N N   . ARG A 1 119 ? 10.366  -0.603  4.455   1.00 13.95 ? 118 ARG A N   1 
ATOM   897  C CA  . ARG A 1 119 ? 11.608  -1.317  4.085   1.00 16.44 ? 118 ARG A CA  1 
ATOM   898  C C   . ARG A 1 119 ? 11.224  -2.438  3.129   1.00 15.11 ? 118 ARG A C   1 
ATOM   899  O O   . ARG A 1 119 ? 10.285  -3.179  3.437   1.00 15.35 ? 118 ARG A O   1 
ATOM   900  C CB  . ARG A 1 119 ? 12.283  -1.952  5.311   1.00 19.46 ? 118 ARG A CB  1 
ATOM   901  C CG  . ARG A 1 119 ? 12.887  -0.966  6.290   1.00 25.26 ? 118 ARG A CG  1 
ATOM   902  C CD  . ARG A 1 119 ? 13.569  -1.711  7.430   1.00 30.77 ? 118 ARG A CD  1 
ATOM   903  N NE  . ARG A 1 119 ? 12.853  -2.874  7.976   1.00 36.28 ? 118 ARG A NE  1 
ATOM   904  C CZ  . ARG A 1 119 ? 13.182  -4.173  7.812   1.00 35.28 ? 118 ARG A CZ  1 
ATOM   905  N NH1 . ARG A 1 119 ? 14.219  -4.536  7.077   1.00 42.28 ? 118 ARG A NH1 1 
ATOM   906  N NH2 . ARG A 1 119 ? 12.452  -5.114  8.390   1.00 35.41 ? 118 ARG A NH2 1 
ATOM   907  N N   . PHE A 1 120 ? 11.991  -2.627  2.087   1.00 13.87 ? 119 PHE A N   1 
ATOM   908  C CA  . PHE A 1 120 ? 11.674  -3.600  1.020   1.00 14.08 ? 119 PHE A CA  1 
ATOM   909  C C   . PHE A 1 120 ? 12.843  -4.504  0.719   1.00 13.94 ? 119 PHE A C   1 
ATOM   910  O O   . PHE A 1 120 ? 14.033  -4.052  0.901   1.00 16.92 ? 119 PHE A O   1 
ATOM   911  C CB  . PHE A 1 120 ? 11.289  -2.904  -0.262  1.00 13.89 ? 119 PHE A CB  1 
ATOM   912  C CG  . PHE A 1 120 ? 10.092  -1.987  -0.095  1.00 13.07 ? 119 PHE A CG  1 
ATOM   913  C CD1 . PHE A 1 120 ? 8.849   -2.537  0.207   1.00 13.03 ? 119 PHE A CD1 1 
ATOM   914  C CD2 . PHE A 1 120 ? 10.188  -0.615  -0.183  1.00 14.49 ? 119 PHE A CD2 1 
ATOM   915  C CE1 . PHE A 1 120 ? 7.714   -1.761  0.322   1.00 12.69 ? 119 PHE A CE1 1 
ATOM   916  C CE2 . PHE A 1 120 ? 9.036   0.157   -0.095  1.00 13.83 ? 119 PHE A CE2 1 
ATOM   917  C CZ  . PHE A 1 120 ? 7.807   -0.405  0.207   1.00 13.13 ? 119 PHE A CZ  1 
ATOM   918  N N   . ASP A 1 121 ? 12.599  -5.690  0.246   1.00 14.27 ? 120 ASP A N   1 
ATOM   919  C CA  . ASP A 1 121 ? 13.661  -6.565  -0.260  1.00 14.87 ? 120 ASP A CA  1 
ATOM   920  C C   . ASP A 1 121 ? 14.240  -5.978  -1.524  1.00 14.72 ? 120 ASP A C   1 
ATOM   921  O O   . ASP A 1 121 ? 15.475  -6.170  -1.771  1.00 15.81 ? 120 ASP A O   1 
ATOM   922  C CB  . ASP A 1 121 ? 13.117  -7.950  -0.555  1.00 14.54 ? 120 ASP A CB  1 
ATOM   923  C CG  . ASP A 1 121 ? 12.594  -8.668  0.650   1.00 17.70 ? 120 ASP A CG  1 
ATOM   924  O OD1 . ASP A 1 121 ? 13.450  -9.167  1.445   1.00 20.11 ? 120 ASP A OD1 1 
ATOM   925  O OD2 . ASP A 1 121 ? 11.361  -8.803  0.820   1.00 17.67 ? 120 ASP A OD2 1 
ATOM   926  N N   . GLY A 1 122 ? 13.455  -5.319  -2.384  1.00 14.88 ? 121 GLY A N   1 
ATOM   927  C CA  . GLY A 1 122 ? 13.882  -4.860  -3.690  1.00 14.47 ? 121 GLY A CA  1 
ATOM   928  C C   . GLY A 1 122 ? 14.072  -3.370  -3.764  1.00 14.99 ? 121 GLY A C   1 
ATOM   929  O O   . GLY A 1 122 ? 13.709  -2.607  -2.844  1.00 16.20 ? 121 GLY A O   1 
ATOM   930  N N   . LYS A 1 123 ? 14.591  -2.935  -4.859  1.00 15.41 ? 122 LYS A N   1 
ATOM   931  C CA  . LYS A 1 123 ? 14.699  -1.508  -5.202  1.00 15.91 ? 122 LYS A CA  1 
ATOM   932  C C   . LYS A 1 123 ? 13.331  -0.957  -5.623  1.00 14.48 ? 122 LYS A C   1 
ATOM   933  O O   . LYS A 1 123 ? 12.394  -1.702  -6.008  1.00 15.72 ? 122 LYS A O   1 
ATOM   934  C CB  . LYS A 1 123 ? 15.644  -1.337  -6.383  1.00 17.62 ? 122 LYS A CB  1 
ATOM   935  C CG  . LYS A 1 123 ? 16.979  -2.050  -6.237  1.00 23.04 ? 122 LYS A CG  1 
ATOM   936  C CD  . LYS A 1 123 ? 17.847  -1.442  -5.196  1.00 25.61 ? 122 LYS A CD  1 
ATOM   937  C CE  . LYS A 1 123 ? 19.204  -2.126  -5.125  1.00 21.13 ? 122 LYS A CE  1 
ATOM   938  N NZ  . LYS A 1 123 ? 20.273  -1.396  -5.820  1.00 19.58 ? 122 LYS A NZ  1 
ATOM   939  N N   . ILE A 1 124 ? 13.233  0.355   -5.572  1.00 14.59 ? 123 ILE A N   1 
ATOM   940  C CA  . ILE A 1 124 ? 11.965  1.050   -5.900  1.00 15.39 ? 123 ILE A CA  1 
ATOM   941  C C   . ILE A 1 124 ? 12.297  2.121   -6.894  1.00 15.87 ? 123 ILE A C   1 
ATOM   942  O O   . ILE A 1 124 ? 13.413  2.631   -6.946  1.00 17.12 ? 123 ILE A O   1 
ATOM   943  C CB  . ILE A 1 124 ? 11.239  1.646   -4.685  1.00 14.06 ? 123 ILE A CB  1 
ATOM   944  C CG1 . ILE A 1 124 ? 12.158  2.554   -3.870  1.00 16.27 ? 123 ILE A CG1 1 
ATOM   945  C CG2 . ILE A 1 124 ? 10.622  0.533   -3.856  1.00 17.65 ? 123 ILE A CG2 1 
ATOM   946  C CD1 . ILE A 1 124 ? 11.463  3.363   -2.778  1.00 15.80 ? 123 ILE A CD1 1 
ATOM   947  N N   . PRO A 1 125 ? 11.328  2.536   -7.698  1.00 16.25 ? 124 PRO A N   1 
ATOM   948  C CA  . PRO A 1 125 ? 11.603  3.585   -8.647  1.00 19.31 ? 124 PRO A CA  1 
ATOM   949  C C   . PRO A 1 125 ? 11.640  4.937   -7.968  1.00 15.82 ? 124 PRO A C   1 
ATOM   950  O O   . PRO A 1 125 ? 11.099  5.151   -6.857  1.00 14.93 ? 124 PRO A O   1 
ATOM   951  C CB  . PRO A 1 125 ? 10.454  3.472   -9.629  1.00 21.42 ? 124 PRO A CB  1 
ATOM   952  C CG  . PRO A 1 125 ? 9.353   2.965   -8.786  1.00 20.08 ? 124 PRO A CG  1 
ATOM   953  C CD  . PRO A 1 125 ? 9.972   1.988   -7.801  1.00 17.52 ? 124 PRO A CD  1 
ATOM   954  N N   . PRO A 1 126 ? 12.317  5.908   -8.606  1.00 16.97 ? 125 PRO A N   1 
ATOM   955  C CA  . PRO A 1 126 ? 12.447  7.216   -8.003  1.00 16.84 ? 125 PRO A CA  1 
ATOM   956  C C   . PRO A 1 126 ? 11.100  7.917   -7.835  1.00 16.19 ? 125 PRO A C   1 
ATOM   957  O O   . PRO A 1 126 ? 11.036  8.822   -7.048  1.00 16.35 ? 125 PRO A O   1 
ATOM   958  C CB  . PRO A 1 126 ? 13.352  7.974   -8.980  1.00 19.33 ? 125 PRO A CB  1 
ATOM   959  C CG  . PRO A 1 126 ? 13.218  7.227   -10.271 1.00 21.38 ? 125 PRO A CG  1 
ATOM   960  C CD  . PRO A 1 126 ? 13.030  5.780   -9.899  1.00 18.60 ? 125 PRO A CD  1 
ATOM   961  N N   . GLN A 1 127 ? 10.097  7.513   -8.593  1.00 14.67 ? 126 GLN A N   1 
ATOM   962  C CA  . GLN A 1 127 ? 8.725   8.050   -8.501  1.00 14.32 ? 126 GLN A CA  1 
ATOM   963  C C   . GLN A 1 127 ? 8.040   7.612   -7.204  1.00 13.72 ? 126 GLN A C   1 
ATOM   964  O O   . GLN A 1 127 ? 6.955   8.180   -6.910  1.00 14.45 ? 126 GLN A O   1 
ATOM   965  C CB  . GLN A 1 127 ? 7.886   7.627   -9.702  1.00 14.30 ? 126 GLN A CB  1 
ATOM   966  C CG  . GLN A 1 127 ? 8.410   8.142   -11.029 1.00 15.15 ? 126 GLN A CG  1 
ATOM   967  C CD  . GLN A 1 127 ? 9.547   7.327   -11.589 1.00 15.16 ? 126 GLN A CD  1 
ATOM   968  O OE1 . GLN A 1 127 ? 9.972   6.311   -11.098 1.00 16.57 ? 126 GLN A OE1 1 
ATOM   969  N NE2 . GLN A 1 127 ? 10.045  7.724   -12.755 1.00 20.04 ? 126 GLN A NE2 1 
ATOM   970  N N   . PHE A 1 128 ? 8.574   6.653   -6.492  1.00 12.44 ? 127 PHE A N   1 
ATOM   971  C CA  . PHE A 1 128 ? 7.985   6.145   -5.229  1.00 13.27 ? 127 PHE A CA  1 
ATOM   972  C C   . PHE A 1 128 ? 8.707   6.828   -4.073  1.00 13.77 ? 127 PHE A C   1 
ATOM   973  O O   . PHE A 1 128 ? 9.857   6.475   -3.805  1.00 15.41 ? 127 PHE A O   1 
ATOM   974  C CB  . PHE A 1 128 ? 8.083   4.633   -5.133  1.00 12.95 ? 127 PHE A CB  1 
ATOM   975  C CG  . PHE A 1 128 ? 7.084   3.873   -5.951  1.00 12.50 ? 127 PHE A CG  1 
ATOM   976  C CD1 . PHE A 1 128 ? 6.372   4.436   -7.002  1.00 13.34 ? 127 PHE A CD1 1 
ATOM   977  C CD2 . PHE A 1 128 ? 6.910   2.529   -5.694  1.00 12.98 ? 127 PHE A CD2 1 
ATOM   978  C CE1 . PHE A 1 128 ? 5.481   3.694   -7.753  1.00 12.25 ? 127 PHE A CE1 1 
ATOM   979  C CE2 . PHE A 1 128 ? 6.006   1.795   -6.448  1.00 12.89 ? 127 PHE A CE2 1 
ATOM   980  C CZ  . PHE A 1 128 ? 5.292   2.362   -7.456  1.00 12.91 ? 127 PHE A CZ  1 
ATOM   981  N N   . GLN A 1 129 ? 8.103   7.860   -3.486  1.00 13.54 ? 128 GLN A N   1 
ATOM   982  C CA  . GLN A 1 129 ? 8.720   8.638   -2.399  1.00 15.12 ? 128 GLN A CA  1 
ATOM   983  C C   . GLN A 1 129 ? 8.295   8.055   -1.055  1.00 13.26 ? 128 GLN A C   1 
ATOM   984  O O   . GLN A 1 129 ? 7.093   7.766   -0.845  1.00 14.35 ? 128 GLN A O   1 
ATOM   985  C CB  . GLN A 1 129 ? 8.254   10.085  -2.517  1.00 15.93 ? 128 GLN A CB  1 
ATOM   986  C CG  . GLN A 1 129 ? 8.463   10.689  -3.927  1.00 21.34 ? 128 GLN A CG  1 
ATOM   987  C CD  . GLN A 1 129 ? 7.709   11.968  -4.252  1.00 25.40 ? 128 GLN A CD  1 
ATOM   988  O OE1 . GLN A 1 129 ? 6.845   12.447  -3.519  1.00 30.74 ? 128 GLN A OE1 1 
ATOM   989  N NE2 . GLN A 1 129 ? 8.026   12.555  -5.405  1.00 27.58 ? 128 GLN A NE2 1 
ATOM   990  N N   . LEU A 1 130 ? 9.203   7.903   -0.130  1.00 15.25 ? 129 LEU A N   1 
ATOM   991  C CA  . LEU A 1 130 ? 8.888   7.346   1.192   1.00 15.83 ? 129 LEU A CA  1 
ATOM   992  C C   . LEU A 1 130 ? 8.912   8.442   2.245   1.00 16.59 ? 129 LEU A C   1 
ATOM   993  O O   . LEU A 1 130 ? 9.897   8.553   2.990   1.00 19.06 ? 129 LEU A O   1 
ATOM   994  C CB  . LEU A 1 130 ? 9.892   6.231   1.531   1.00 17.93 ? 129 LEU A CB  1 
ATOM   995  C CG  . LEU A 1 130 ? 10.096  5.149   0.466   1.00 18.97 ? 129 LEU A CG  1 
ATOM   996  C CD1 . LEU A 1 130 ? 10.984  4.045   0.987   1.00 20.68 ? 129 LEU A CD1 1 
ATOM   997  C CD2 . LEU A 1 130 ? 8.792   4.535   0.013   1.00 18.45 ? 129 LEU A CD2 1 
ATOM   998  N N   . GLU A 1 131 ? 7.883   9.239   2.343   1.00 15.64 ? 130 GLU A N   1 
ATOM   999  C CA  . GLU A 1 131 ? 7.864   10.321  3.360   1.00 18.20 ? 130 GLU A CA  1 
ATOM   1000 C C   . GLU A 1 131 ? 7.649   9.745   4.752   1.00 19.01 ? 130 GLU A C   1 
ATOM   1001 O O   . GLU A 1 131 ? 6.864   8.793   4.916   1.00 19.15 ? 130 GLU A O   1 
ATOM   1002 C CB  . GLU A 1 131 ? 6.765   11.336  3.113   1.00 21.80 ? 130 GLU A CB  1 
ATOM   1003 C CG  . GLU A 1 131 ? 7.024   12.176  1.897   1.00 25.21 ? 130 GLU A CG  1 
ATOM   1004 C CD  . GLU A 1 131 ? 8.155   13.210  2.000   1.00 25.47 ? 130 GLU A CD  1 
ATOM   1005 O OE1 . GLU A 1 131 ? 8.590   13.656  0.946   1.00 29.15 ? 130 GLU A OE1 1 
ATOM   1006 O OE2 . GLU A 1 131 ? 8.570   13.615  3.147   1.00 23.85 ? 130 GLU A OE2 1 
ATOM   1007 N N   . LEU A 1 132 ? 8.332   10.311  5.738   1.00 19.84 ? 131 LEU A N   1 
ATOM   1008 C CA  . LEU A 1 132 ? 8.252   9.822   7.133   1.00 23.65 ? 131 LEU A CA  1 
ATOM   1009 C C   . LEU A 1 132 ? 7.679   10.908  8.037   1.00 26.16 ? 131 LEU A C   1 
ATOM   1010 O O   . LEU A 1 132 ? 7.425   12.015  7.565   1.00 26.85 ? 131 LEU A O   1 
ATOM   1011 C CB  . LEU A 1 132 ? 9.696   9.563   7.584   1.00 24.75 ? 131 LEU A CB  1 
ATOM   1012 C CG  . LEU A 1 132 ? 10.546  8.603   6.762   1.00 24.72 ? 131 LEU A CG  1 
ATOM   1013 C CD1 . LEU A 1 132 ? 12.020  8.803   7.083   1.00 25.75 ? 131 LEU A CD1 1 
ATOM   1014 C CD2 . LEU A 1 132 ? 10.139  7.168   7.046   1.00 27.39 ? 131 LEU A CD2 1 
ATOM   1015 N N   . GLU A 1 133 ? 7.337   10.557  9.275   1.00 32.01 ? 132 GLU A N   1 
ATOM   1016 C CA  . GLU A 1 133 ? 7.103   11.688  10.232  1.00 35.25 ? 132 GLU A CA  1 
ATOM   1017 C C   . GLU A 1 133 ? 8.074   11.537  11.412  1.00 35.33 ? 132 GLU A C   1 
ATOM   1018 O O   . GLU A 1 133 ? 9.204   11.141  11.176  1.00 27.19 ? 132 GLU A O   1 
ATOM   1019 C CB  . GLU A 1 133 ? 5.678   11.935  10.692  1.00 37.36 ? 132 GLU A CB  1 
ATOM   1020 C CG  . GLU A 1 133 ? 5.103   13.225  10.151  1.00 39.21 ? 132 GLU A CG  1 
ATOM   1021 C CD  . GLU A 1 133 ? 5.487   14.460  10.938  1.00 36.76 ? 132 GLU A CD  1 
ATOM   1022 O OE1 . GLU A 1 133 ? 5.873   14.315  12.116  1.00 43.81 ? 132 GLU A OE1 1 
ATOM   1023 O OE2 . GLU A 1 133 ? 5.390   15.563  10.369  1.00 46.89 ? 132 GLU A OE2 1 
HETATM 1024 O O   . HOH B 2 .   ? -8.418  -21.837 5.473   1.00 36.49 ? 201 HOH A O   1 
HETATM 1025 O O   . HOH B 2 .   ? -6.821  3.674   -11.317 1.00 49.43 ? 202 HOH A O   1 
HETATM 1026 O O   . HOH B 2 .   ? 7.397   13.828  5.964   1.00 26.20 ? 203 HOH A O   1 
HETATM 1027 O O   . HOH B 2 .   ? 0.457   7.559   -18.080 1.00 34.29 ? 204 HOH A O   1 
HETATM 1028 O O   . HOH B 2 .   ? -13.725 -0.036  2.304   1.00 30.25 ? 205 HOH A O   1 
HETATM 1029 O O   . HOH B 2 .   ? -2.273  14.412  3.779   1.00 36.17 ? 206 HOH A O   1 
HETATM 1030 O O   . HOH B 2 .   ? 5.690   11.822  -12.596 1.00 24.48 ? 207 HOH A O   1 
HETATM 1031 O O   . HOH B 2 .   ? 4.328   26.958  -10.351 1.00 47.37 ? 208 HOH A O   1 
HETATM 1032 O O   . HOH B 2 .   ? 4.820   -20.571 1.948   1.00 25.47 ? 209 HOH A O   1 
HETATM 1033 O O   . HOH B 2 .   ? 8.205   -10.529 9.097   1.00 29.82 ? 210 HOH A O   1 
HETATM 1034 O O   . HOH B 2 .   ? 4.611   8.643   6.177   1.00 33.20 ? 211 HOH A O   1 
HETATM 1035 O O   . HOH B 2 .   ? 5.121   14.106  -4.515  1.00 44.94 ? 212 HOH A O   1 
HETATM 1036 O O   . HOH B 2 .   ? -7.984  13.680  -9.727  1.00 21.41 ? 213 HOH A O   1 
HETATM 1037 O O   . HOH B 2 .   ? -10.481 13.454  -8.639  1.00 19.32 ? 214 HOH A O   1 
HETATM 1038 O O   . HOH B 2 .   ? 12.107  -9.649  -6.776  1.00 17.51 ? 215 HOH A O   1 
HETATM 1039 O O   . HOH B 2 .   ? 5.364   -7.157  6.568   1.00 16.75 ? 216 HOH A O   1 
HETATM 1040 O O   . HOH B 2 .   ? -7.677  -17.869 -0.794  1.00 21.22 ? 217 HOH A O   1 
HETATM 1041 O O   . HOH B 2 .   ? -8.339  5.785   -4.246  1.00 19.50 ? 218 HOH A O   1 
HETATM 1042 O O   . HOH B 2 .   ? 9.918   -10.095 2.610   1.00 21.67 ? 219 HOH A O   1 
HETATM 1043 O O   . HOH B 2 .   ? -9.296  -3.880  10.532  1.00 30.65 ? 220 HOH A O   1 
HETATM 1044 O O   . HOH B 2 .   ? 10.707  -7.401  -8.226  1.00 19.16 ? 221 HOH A O   1 
HETATM 1045 O O   . HOH B 2 .   ? -14.185 -11.369 -5.293  1.00 30.74 ? 222 HOH A O   1 
HETATM 1046 O O   . HOH B 2 .   ? -17.832 -6.281  4.146   1.00 29.21 ? 223 HOH A O   1 
HETATM 1047 O O   . HOH B 2 .   ? -7.114  0.152   11.559  1.00 16.15 ? 224 HOH A O   1 
HETATM 1048 O O   . HOH B 2 .   ? 14.742  4.807   -6.208  1.00 23.34 ? 225 HOH A O   1 
HETATM 1049 O O   . HOH B 2 .   ? 13.893  -9.800  -3.301  1.00 26.54 ? 226 HOH A O   1 
HETATM 1050 O O   . HOH B 2 .   ? -7.457  -14.500 -2.475  1.00 14.99 ? 227 HOH A O   1 
HETATM 1051 O O   . HOH B 2 .   ? 10.664  15.046  -0.045  1.00 19.54 ? 228 HOH A O   1 
HETATM 1052 O O   . HOH B 2 .   ? -5.077  9.224   21.136  1.00 39.36 ? 229 HOH A O   1 
HETATM 1053 O O   . HOH B 2 .   ? -4.450  11.920  -4.197  1.00 18.43 ? 230 HOH A O   1 
HETATM 1054 O O   . HOH B 2 .   ? -14.206 19.854  -3.817  1.00 25.38 ? 231 HOH A O   1 
HETATM 1055 O O   . HOH B 2 .   ? -13.810 -4.459  -1.861  1.00 39.38 ? 232 HOH A O   1 
HETATM 1056 O O   . HOH B 2 .   ? -9.199  -12.671 -8.218  1.00 23.60 ? 233 HOH A O   1 
HETATM 1057 O O   . HOH B 2 .   ? 9.825   11.466  -7.387  1.00 28.76 ? 234 HOH A O   1 
HETATM 1058 O O   . HOH B 2 .   ? -14.821 -11.535 -2.540  1.00 31.83 ? 235 HOH A O   1 
HETATM 1059 O O   . HOH B 2 .   ? 9.826   -6.762  -0.091  1.00 14.61 ? 236 HOH A O   1 
HETATM 1060 O O   . HOH B 2 .   ? -3.358  10.778  -1.821  1.00 26.04 ? 237 HOH A O   1 
HETATM 1061 O O   . HOH B 2 .   ? 10.347  -3.202  9.212   1.00 30.67 ? 238 HOH A O   1 
HETATM 1062 O O   . HOH B 2 .   ? -14.136 -4.636  -8.800  1.00 27.21 ? 239 HOH A O   1 
HETATM 1063 O O   . HOH B 2 .   ? 4.954   8.730   1.727   1.00 16.31 ? 240 HOH A O   1 
HETATM 1064 O O   . HOH B 2 .   ? -11.301 6.408   -10.532 1.00 17.62 ? 241 HOH A O   1 
HETATM 1065 O O   . HOH B 2 .   ? -3.304  -4.962  7.145   1.00 12.42 ? 242 HOH A O   1 
HETATM 1066 O O   . HOH B 2 .   ? 12.235  9.760   3.708   1.00 25.86 ? 243 HOH A O   1 
HETATM 1067 O O   . HOH B 2 .   ? 10.270  12.907  12.974  1.00 29.39 ? 244 HOH A O   1 
HETATM 1068 O O   . HOH B 2 .   ? 10.327  -15.072 -1.336  1.00 25.49 ? 245 HOH A O   1 
HETATM 1069 O O   . HOH B 2 .   ? -6.649  -2.736  14.820  1.00 24.83 ? 246 HOH A O   1 
HETATM 1070 O O   . HOH B 2 .   ? -1.462  5.881   -10.039 1.00 14.78 ? 247 HOH A O   1 
HETATM 1071 O O   . HOH B 2 .   ? 10.366  -5.865  -5.107  1.00 18.12 ? 248 HOH A O   1 
HETATM 1072 O O   . HOH B 2 .   ? -4.546  6.431   -9.926  1.00 17.53 ? 249 HOH A O   1 
HETATM 1073 O O   . HOH B 2 .   ? -4.144  1.538   18.890  1.00 19.00 ? 250 HOH A O   1 
HETATM 1074 O O   . HOH B 2 .   ? 3.969   -22.806 4.288   1.00 35.07 ? 251 HOH A O   1 
HETATM 1075 O O   . HOH B 2 .   ? 0.515   11.104  -7.667  1.00 16.85 ? 252 HOH A O   1 
HETATM 1076 O O   . HOH B 2 .   ? 16.743  -4.109  1.414   1.00 22.20 ? 253 HOH A O   1 
HETATM 1077 O O   . HOH B 2 .   ? -3.835  -16.815 7.176   1.00 21.69 ? 254 HOH A O   1 
HETATM 1078 O O   . HOH B 2 .   ? -12.281 11.120  -4.946  1.00 16.77 ? 255 HOH A O   1 
HETATM 1079 O O   . HOH B 2 .   ? -11.016 3.403   3.647   1.00 40.63 ? 256 HOH A O   1 
HETATM 1080 O O   . HOH B 2 .   ? 3.106   12.764  0.855   1.00 36.88 ? 257 HOH A O   1 
HETATM 1081 O O   . HOH B 2 .   ? -4.046  23.688  -9.530  1.00 30.25 ? 258 HOH A O   1 
HETATM 1082 O O   . HOH B 2 .   ? 3.922   -2.738  -12.277 1.00 18.38 ? 259 HOH A O   1 
HETATM 1083 O O   . HOH B 2 .   ? -13.400 -7.685  -4.988  1.00 24.43 ? 260 HOH A O   1 
HETATM 1084 O O   . HOH B 2 .   ? 7.614   -8.785  2.688   1.00 15.11 ? 261 HOH A O   1 
HETATM 1085 O O   . HOH B 2 .   ? -8.144  1.826   16.392  1.00 31.88 ? 262 HOH A O   1 
HETATM 1086 O O   . HOH B 2 .   ? -6.744  -3.866  -9.314  1.00 17.09 ? 263 HOH A O   1 
HETATM 1087 O O   . HOH B 2 .   ? -10.049 20.961  -10.180 1.00 36.18 ? 264 HOH A O   1 
HETATM 1088 O O   . HOH B 2 .   ? 6.120   6.297   12.163  1.00 38.16 ? 265 HOH A O   1 
HETATM 1089 O O   . HOH B 2 .   ? -11.412 24.794  -7.710  1.00 31.32 ? 266 HOH A O   1 
HETATM 1090 O O   . HOH B 2 .   ? -5.986  21.848  -10.120 1.00 30.76 ? 267 HOH A O   1 
HETATM 1091 O O   . HOH B 2 .   ? 10.892  -12.754 0.025   1.00 23.34 ? 268 HOH A O   1 
HETATM 1092 O O   . HOH B 2 .   ? 4.663   -11.220 -7.109  1.00 35.90 ? 269 HOH A O   1 
HETATM 1093 O O   . HOH B 2 .   ? -7.412  -9.841  9.693   1.00 16.38 ? 270 HOH A O   1 
HETATM 1094 O O   . HOH B 2 .   ? 12.021  -4.374  -6.716  1.00 14.52 ? 271 HOH A O   1 
HETATM 1095 O O   . HOH B 2 .   ? -4.296  -5.770  14.256  1.00 16.06 ? 272 HOH A O   1 
HETATM 1096 O O   . HOH B 2 .   ? 6.908   6.337   3.586   1.00 14.79 ? 273 HOH A O   1 
HETATM 1097 O O   . HOH B 2 .   ? -3.873  -0.745  -9.810  1.00 19.78 ? 274 HOH A O   1 
HETATM 1098 O O   . HOH B 2 .   ? -1.310  -2.927  6.934   1.00 12.92 ? 275 HOH A O   1 
HETATM 1099 O O   . HOH B 2 .   ? 1.426   1.438   3.801   1.00 12.20 ? 276 HOH A O   1 
HETATM 1100 O O   . HOH B 2 .   ? 6.878   -14.939 0.993   1.00 23.92 ? 277 HOH A O   1 
HETATM 1101 O O   . HOH B 2 .   ? 2.518   -0.496  12.823  1.00 23.04 ? 278 HOH A O   1 
HETATM 1102 O O   . HOH B 2 .   ? -9.773  3.006   0.567   1.00 25.49 ? 279 HOH A O   1 
HETATM 1103 O O   . HOH B 2 .   ? 8.391   -1.966  6.011   1.00 15.18 ? 280 HOH A O   1 
HETATM 1104 O O   . HOH B 2 .   ? -8.212  -8.648  0.508   1.00 12.73 ? 281 HOH A O   1 
HETATM 1105 O O   . HOH B 2 .   ? 10.114  -0.678  9.621   1.00 26.92 ? 282 HOH A O   1 
HETATM 1106 O O   . HOH B 2 .   ? -8.084  5.545   -11.913 1.00 40.25 ? 283 HOH A O   1 
HETATM 1107 O O   . HOH B 2 .   ? -0.090  4.531   7.687   1.00 19.45 ? 284 HOH A O   1 
HETATM 1108 O O   . HOH B 2 .   ? -4.719  7.458   14.376  1.00 41.51 ? 285 HOH A O   1 
HETATM 1109 O O   . HOH B 2 .   ? 9.380   -12.351 -4.423  1.00 14.02 ? 286 HOH A O   1 
HETATM 1110 O O   . HOH B 2 .   ? -10.357 10.037  -0.413  1.00 24.97 ? 287 HOH A O   1 
HETATM 1111 O O   . HOH B 2 .   ? 0.123   10.683  -10.364 1.00 21.51 ? 288 HOH A O   1 
HETATM 1112 O O   . HOH B 2 .   ? -5.044  5.021   6.049   1.00 24.36 ? 289 HOH A O   1 
HETATM 1113 O O   . HOH B 2 .   ? -9.499  -12.135 1.055   1.00 25.49 ? 290 HOH A O   1 
HETATM 1114 O O   . HOH B 2 .   ? 15.943  -3.507  5.076   1.00 34.38 ? 291 HOH A O   1 
HETATM 1115 O O   . HOH B 2 .   ? -9.933  1.433   -4.016  1.00 25.10 ? 292 HOH A O   1 
HETATM 1116 O O   . HOH B 2 .   ? 15.623  2.023   -8.623  1.00 37.55 ? 293 HOH A O   1 
HETATM 1117 O O   . HOH B 2 .   ? 5.886   -2.670  -14.381 1.00 29.20 ? 294 HOH A O   1 
HETATM 1118 O O   . HOH B 2 .   ? -9.880  3.117   17.618  1.00 37.86 ? 295 HOH A O   1 
HETATM 1119 O O   . HOH B 2 .   ? 10.005  0.340   -10.969 1.00 19.93 ? 296 HOH A O   1 
HETATM 1120 O O   . HOH B 2 .   ? -2.874  4.147   7.452   1.00 17.23 ? 297 HOH A O   1 
HETATM 1121 O O   . HOH B 2 .   ? 13.379  1.940   2.626   1.00 23.04 ? 298 HOH A O   1 
HETATM 1122 O O   . HOH B 2 .   ? -5.425  8.404   3.598   1.00 27.17 ? 299 HOH A O   1 
HETATM 1123 O O   . HOH B 2 .   ? 10.596  -5.496  -2.350  1.00 14.08 ? 300 HOH A O   1 
HETATM 1124 O O   . HOH B 2 .   ? 1.586   -10.945 -11.870 1.00 35.88 ? 301 HOH A O   1 
HETATM 1125 O O   . HOH B 2 .   ? -12.937 -0.784  -9.933  1.00 23.61 ? 302 HOH A O   1 
HETATM 1126 O O   . HOH B 2 .   ? -1.535  -15.723 3.697   1.00 15.35 ? 303 HOH A O   1 
HETATM 1127 O O   . HOH B 2 .   ? 5.790   15.649  -11.238 1.00 35.65 ? 304 HOH A O   1 
HETATM 1128 O O   . HOH B 2 .   ? 2.118   21.742  -7.359  1.00 52.58 ? 305 HOH A O   1 
HETATM 1129 O O   . HOH B 2 .   ? 20.298  -1.493  -8.707  1.00 38.85 ? 306 HOH A O   1 
HETATM 1130 O O   . HOH B 2 .   ? 5.038   -13.389 -6.314  1.00 20.49 ? 307 HOH A O   1 
HETATM 1131 O O   . HOH B 2 .   ? -9.133  -12.181 6.761   1.00 30.37 ? 308 HOH A O   1 
HETATM 1132 O O   . HOH B 2 .   ? -9.626  18.277  -8.576  1.00 29.13 ? 309 HOH A O   1 
HETATM 1133 O O   . HOH B 2 .   ? -11.662 -8.968  -11.065 1.00 29.10 ? 310 HOH A O   1 
HETATM 1134 O O   . HOH B 2 .   ? 8.371   4.937   5.370   1.00 15.29 ? 311 HOH A O   1 
HETATM 1135 O O   . HOH B 2 .   ? -1.728  -1.856  15.857  1.00 18.33 ? 312 HOH A O   1 
HETATM 1136 O O   . HOH B 2 .   ? 2.216   8.941   -17.068 1.00 37.26 ? 313 HOH A O   1 
HETATM 1137 O O   . HOH B 2 .   ? 12.368  -7.990  -4.540  1.00 20.36 ? 314 HOH A O   1 
HETATM 1138 O O   . HOH B 2 .   ? -2.670  13.027  -7.978  1.00 28.73 ? 315 HOH A O   1 
HETATM 1139 O O   . HOH B 2 .   ? -6.980  8.457   19.486  1.00 42.72 ? 316 HOH A O   1 
HETATM 1140 O O   . HOH B 2 .   ? -3.890  9.729   1.980   1.00 20.35 ? 317 HOH A O   1 
HETATM 1141 O O   . HOH B 2 .   ? 8.172   -9.265  6.596   1.00 22.31 ? 318 HOH A O   1 
HETATM 1142 O O   . HOH B 2 .   ? 3.082   2.760   18.939  1.00 19.95 ? 319 HOH A O   1 
HETATM 1143 O O   . HOH B 2 .   ? -5.996  0.986   -10.161 1.00 21.42 ? 320 HOH A O   1 
HETATM 1144 O O   . HOH B 2 .   ? 11.509  10.829  -11.751 1.00 32.34 ? 321 HOH A O   1 
HETATM 1145 O O   . HOH B 2 .   ? 1.447   15.799  2.347   1.00 38.58 ? 322 HOH A O   1 
HETATM 1146 O O   . HOH B 2 .   ? -3.021  -15.075 9.081   1.00 18.51 ? 323 HOH A O   1 
HETATM 1147 O O   . HOH B 2 .   ? -8.973  15.459  0.806   1.00 20.68 ? 324 HOH A O   1 
HETATM 1148 O O   . HOH B 2 .   ? -9.314  -5.582  8.318   1.00 21.90 ? 325 HOH A O   1 
HETATM 1149 O O   . HOH B 2 .   ? 1.157   16.939  -3.732  1.00 23.77 ? 326 HOH A O   1 
HETATM 1150 O O   . HOH B 2 .   ? -3.241  16.584  -9.620  1.00 32.61 ? 327 HOH A O   1 
HETATM 1151 O O   . HOH B 2 .   ? 2.725   -14.059 12.100  1.00 26.41 ? 328 HOH A O   1 
HETATM 1152 O O   . HOH B 2 .   ? -7.440  -9.286  13.436  1.00 30.40 ? 329 HOH A O   1 
HETATM 1153 O O   . HOH B 2 .   ? 7.543   7.319   10.208  1.00 25.93 ? 330 HOH A O   1 
HETATM 1154 O O   . HOH B 2 .   ? -5.635  17.540  -9.860  1.00 26.08 ? 331 HOH A O   1 
HETATM 1155 O O   . HOH B 2 .   ? -2.652  2.720   -17.494 1.00 34.74 ? 332 HOH A O   1 
HETATM 1156 O O   . HOH B 2 .   ? 13.919  -0.446  1.402   1.00 17.96 ? 333 HOH A O   1 
HETATM 1157 O O   . HOH B 2 .   ? -11.215 -12.247 2.958   1.00 28.81 ? 334 HOH A O   1 
HETATM 1158 O O   . HOH B 2 .   ? -7.642  -5.055  13.157  1.00 21.90 ? 335 HOH A O   1 
HETATM 1159 O O   . HOH B 2 .   ? 4.884   15.007  -6.934  1.00 28.05 ? 336 HOH A O   1 
HETATM 1160 O O   . HOH B 2 .   ? 4.208   -1.564  -16.687 1.00 32.10 ? 337 HOH A O   1 
HETATM 1161 O O   . HOH B 2 .   ? 1.822   6.856   13.138  1.00 27.59 ? 338 HOH A O   1 
HETATM 1162 O O   . HOH B 2 .   ? -0.818  -19.885 5.645   1.00 31.93 ? 339 HOH A O   1 
HETATM 1163 O O   . HOH B 2 .   ? -7.326  -1.744  -11.184 1.00 30.06 ? 340 HOH A O   1 
HETATM 1164 O O   . HOH B 2 .   ? 2.757   12.290  3.454   1.00 35.86 ? 341 HOH A O   1 
HETATM 1165 O O   . HOH B 2 .   ? 11.553  -13.627 -3.249  1.00 23.28 ? 342 HOH A O   1 
HETATM 1166 O O   . HOH B 2 .   ? -1.341  -20.545 -2.125  1.00 22.13 ? 343 HOH A O   1 
HETATM 1167 O O   . HOH B 2 .   ? -7.444  14.915  3.408   1.00 26.96 ? 344 HOH A O   1 
HETATM 1168 O O   . HOH B 2 .   ? -2.627  7.313   10.770  1.00 51.56 ? 345 HOH A O   1 
HETATM 1169 O O   . HOH B 2 .   ? -13.914 -5.988  -0.085  1.00 31.97 ? 346 HOH A O   1 
HETATM 1170 O O   . HOH B 2 .   ? 1.623   6.708   8.283   1.00 24.29 ? 347 HOH A O   1 
HETATM 1171 O O   . HOH B 2 .   ? -13.491 -4.348  3.784   1.00 49.28 ? 348 HOH A O   1 
HETATM 1172 O O   . HOH B 2 .   ? 4.610   -10.585 13.174  1.00 21.70 ? 349 HOH A O   1 
HETATM 1173 O O   . HOH B 2 .   ? -3.627  -1.599  17.916  1.00 23.26 ? 350 HOH A O   1 
HETATM 1174 O O   . HOH B 2 .   ? 4.411   -18.317 12.103  1.00 40.25 ? 351 HOH A O   1 
HETATM 1175 O O   . HOH B 2 .   ? -10.397 13.111  0.473   1.00 36.70 ? 352 HOH A O   1 
HETATM 1176 O O   . HOH B 2 .   ? -4.340  -19.854 -4.861  1.00 31.35 ? 353 HOH A O   1 
HETATM 1177 O O   . HOH B 2 .   ? -0.695  -14.348 12.670  1.00 31.92 ? 354 HOH A O   1 
HETATM 1178 O O   . HOH B 2 .   ? 0.114   -18.037 8.217   1.00 32.09 ? 355 HOH A O   1 
HETATM 1179 O O   . HOH B 2 .   ? 6.560   18.407  11.371  1.00 50.51 ? 356 HOH A O   1 
HETATM 1180 O O   . HOH B 2 .   ? 0.149   -8.112  -14.503 1.00 47.42 ? 357 HOH A O   1 
HETATM 1181 O O   . HOH B 2 .   ? 11.961  -1.006  -9.187  1.00 25.07 ? 358 HOH A O   1 
HETATM 1182 O O   . HOH B 2 .   ? -3.454  -5.470  -9.579  1.00 12.29 ? 359 HOH A O   1 
HETATM 1183 O O   . HOH B 2 .   ? 4.484   5.813   -14.872 1.00 13.45 ? 360 HOH A O   1 
HETATM 1184 O O   . HOH B 2 .   ? 2.365   -17.001 12.636  1.00 36.69 ? 361 HOH A O   1 
HETATM 1185 O O   . HOH B 2 .   ? -9.548  -0.890  -12.396 1.00 46.66 ? 362 HOH A O   1 
HETATM 1186 O O   . HOH B 2 .   ? 3.394   10.054  3.775   1.00 29.89 ? 363 HOH A O   1 
HETATM 1187 O O   . HOH B 2 .   ? -5.817  -6.436  -10.522 1.00 31.18 ? 364 HOH A O   1 
HETATM 1188 O O   . HOH B 2 .   ? 9.599   -0.968  12.337  1.00 46.61 ? 365 HOH A O   1 
HETATM 1189 O O   . HOH B 2 .   ? 0.085   8.479   6.740   1.00 42.30 ? 366 HOH A O   1 
HETATM 1190 O O   . HOH B 2 .   ? 0.290   19.588  -4.924  1.00 32.15 ? 367 HOH A O   1 
HETATM 1191 O O   . HOH B 2 .   ? -7.430  -18.822 9.249   1.00 40.72 ? 368 HOH A O   1 
HETATM 1192 O O   . HOH B 2 .   ? 9.317   15.815  5.995   1.00 22.80 ? 369 HOH A O   1 
HETATM 1193 O O   . HOH B 2 .   ? -9.914  21.348  -2.506  1.00 14.87 ? 370 HOH A O   1 
HETATM 1194 O O   . HOH B 2 .   ? 20.370  -3.976  -8.497  1.00 36.16 ? 371 HOH A O   1 
HETATM 1195 O O   . HOH B 2 .   ? 13.275  -9.709  7.575   1.00 33.92 ? 372 HOH A O   1 
HETATM 1196 O O   . HOH B 2 .   ? -3.867  -7.870  -10.561 1.00 42.67 ? 373 HOH A O   1 
HETATM 1197 O O   . HOH B 2 .   ? -8.111  16.324  -9.878  1.00 37.90 ? 374 HOH A O   1 
HETATM 1198 O O   . HOH B 2 .   ? -1.515  23.191  -10.328 1.00 37.18 ? 375 HOH A O   1 
HETATM 1199 O O   . HOH B 2 .   ? -0.272  7.888   14.863  1.00 46.72 ? 376 HOH A O   1 
HETATM 1200 O O   . HOH B 2 .   ? -6.776  -7.219  14.849  1.00 27.86 ? 377 HOH A O   1 
HETATM 1201 O O   . HOH B 2 .   ? 17.687  -2.465  6.897   1.00 34.48 ? 378 HOH A O   1 
HETATM 1202 O O   . HOH B 2 .   ? -3.457  -2.977  -11.516 1.00 26.67 ? 379 HOH A O   1 
HETATM 1203 O O   . HOH B 2 .   ? -1.424  -17.327 5.800   1.00 23.54 ? 380 HOH A O   1 
HETATM 1204 O O   . HOH B 2 .   ? -14.435 -6.843  -7.469  1.00 42.48 ? 381 HOH A O   1 
HETATM 1205 O O   . HOH B 2 .   ? 13.853  2.142   7.421   1.00 47.48 ? 382 HOH A O   1 
HETATM 1206 O O   . HOH B 2 .   ? -9.390  0.700   12.883  1.00 41.69 ? 383 HOH A O   1 
HETATM 1207 O O   . HOH B 2 .   ? -7.992  -0.918  16.482  1.00 31.24 ? 384 HOH A O   1 
HETATM 1208 O O   . HOH B 2 .   ? -9.126  19.816  -12.488 1.00 34.37 ? 385 HOH A O   1 
HETATM 1209 O O   . HOH B 2 .   ? -6.316  -1.525  18.581  1.00 22.87 ? 386 HOH A O   1 
HETATM 1210 O O   . HOH B 2 .   ? 9.298   -14.238 2.180   1.00 31.39 ? 387 HOH A O   1 
HETATM 1211 O O   . HOH B 2 .   ? -10.131 7.148   -12.842 1.00 27.29 ? 388 HOH A O   1 
HETATM 1212 O O   . HOH B 2 .   ? 13.240  4.661   7.076   1.00 40.74 ? 389 HOH A O   1 
HETATM 1213 O O   . HOH B 2 .   ? 16.890  -1.903  -10.098 1.00 41.22 ? 390 HOH A O   1 
# 
